data_7JLD
# 
_entry.id   7JLD 
# 
_audit_conform.dict_name       mmcif_pdbx.dic 
_audit_conform.dict_version    5.380 
_audit_conform.dict_location   http://mmcif.pdb.org/dictionaries/ascii/mmcif_pdbx.dic 
# 
loop_
_database_2.database_id 
_database_2.database_code 
_database_2.pdbx_database_accession 
_database_2.pdbx_DOI 
PDB   7JLD         pdb_00007jld 10.2210/pdb7jld/pdb 
WWPDB D_1000250908 ?            ?                   
# 
_pdbx_database_status.status_code                     REL 
_pdbx_database_status.status_code_sf                  REL 
_pdbx_database_status.status_code_mr                  ? 
_pdbx_database_status.entry_id                        7JLD 
_pdbx_database_status.recvd_initial_deposition_date   2020-07-29 
_pdbx_database_status.SG_entry                        N 
_pdbx_database_status.deposit_site                    RCSB 
_pdbx_database_status.process_site                    RCSB 
_pdbx_database_status.status_code_cs                  ? 
_pdbx_database_status.status_code_nmr_data            ? 
_pdbx_database_status.methods_development_category    ? 
_pdbx_database_status.pdb_format_compatible           Y 
# 
loop_
_audit_author.name 
_audit_author.pdbx_ordinal 
_audit_author.identifier_ORCID 
'Simmons, C.R.'      1 0000-0002-2290-6132 
'MacCulloch, T.'     2 0000-0001-5875-3361 
'Stephanopoulos, N.' 3 0000-0001-7859-410X 
'Yan, H.'            4 0000-0001-7397-9852 
# 
_citation.abstract                  ? 
_citation.abstract_id_CAS           ? 
_citation.book_id_ISBN              ? 
_citation.book_publisher            ? 
_citation.book_publisher_city       ? 
_citation.book_title                ? 
_citation.coordinate_linkage        ? 
_citation.country                   UK 
_citation.database_id_Medline       ? 
_citation.details                   ? 
_citation.id                        primary 
_citation.journal_abbrev            'Nat Commun' 
_citation.journal_id_ASTM           ? 
_citation.journal_id_CSD            ? 
_citation.journal_id_ISSN           2041-1723 
_citation.journal_full              ? 
_citation.journal_issue             ? 
_citation.journal_volume            13 
_citation.language                  ? 
_citation.page_first                3112 
_citation.page_last                 3112 
_citation.title                     'The influence of Holliday junction sequence and dynamics on DNA crystal self-assembly.' 
_citation.year                      2022 
_citation.database_id_CSD           ? 
_citation.pdbx_database_id_DOI      10.1038/s41467-022-30779-6 
_citation.pdbx_database_id_PubMed   35662248 
_citation.unpublished_flag          ? 
# 
loop_
_citation_author.citation_id 
_citation_author.name 
_citation_author.ordinal 
_citation_author.identifier_ORCID 
primary 'Simmons, C.R.'      1  ?                   
primary 'MacCulloch, T.'     2  ?                   
primary 'Krepl, M.'          3  0000-0002-9833-4281 
primary 'Matthies, M.'       4  ?                   
primary 'Buchberger, A.'     5  ?                   
primary 'Crawford, I.'       6  ?                   
primary 'Sponer, J.'         7  0000-0001-6558-6186 
primary 'Sulc, P.'           8  0000-0003-1565-6769 
primary 'Stephanopoulos, N.' 9  0000-0001-7859-410X 
primary 'Yan, H.'            10 0000-0001-7397-9852 
# 
_cell.angle_alpha                  90.000 
_cell.angle_alpha_esd              ? 
_cell.angle_beta                   90.000 
_cell.angle_beta_esd               ? 
_cell.angle_gamma                  120.000 
_cell.angle_gamma_esd              ? 
_cell.entry_id                     7JLD 
_cell.details                      ? 
_cell.formula_units_Z              ? 
_cell.length_a                     113.022 
_cell.length_a_esd                 ? 
_cell.length_b                     113.022 
_cell.length_b_esd                 ? 
_cell.length_c                     49.338 
_cell.length_c_esd                 ? 
_cell.volume                       ? 
_cell.volume_esd                   ? 
_cell.Z_PDB                        9 
_cell.reciprocal_angle_alpha       ? 
_cell.reciprocal_angle_beta        ? 
_cell.reciprocal_angle_gamma       ? 
_cell.reciprocal_angle_alpha_esd   ? 
_cell.reciprocal_angle_beta_esd    ? 
_cell.reciprocal_angle_gamma_esd   ? 
_cell.reciprocal_length_a          ? 
_cell.reciprocal_length_b          ? 
_cell.reciprocal_length_c          ? 
_cell.reciprocal_length_a_esd      ? 
_cell.reciprocal_length_b_esd      ? 
_cell.reciprocal_length_c_esd      ? 
_cell.pdbx_unique_axis             ? 
# 
_symmetry.entry_id                         7JLD 
_symmetry.cell_setting                     ? 
_symmetry.Int_Tables_number                146 
_symmetry.space_group_name_Hall            ? 
_symmetry.space_group_name_H-M             'H 3' 
_symmetry.pdbx_full_space_group_name_H-M   ? 
# 
loop_
_entity.id 
_entity.type 
_entity.src_method 
_entity.pdbx_description 
_entity.formula_weight 
_entity.pdbx_number_of_molecules 
_entity.pdbx_ec 
_entity.pdbx_mutation 
_entity.pdbx_fragment 
_entity.details 
1 polymer     syn 
;DNA (5'-D(*GP*AP*AP*CP*GP*AP*CP*AP*CP*TP*GP*AP*CP*GP*GP*CP*GP*AP*CP*TP*C)-3')
;
6442.176 1 ? ? ? ? 
2 polymer     syn 
;DNA (5'-D(*TP*CP*GP*AP*GP*TP*CP*G)-3')
;
2442.616 1 ? ? ? ? 
3 polymer     syn 
;DNA (5'-D(P*GP*TP*GP*TP*CP*GP*T)-3')
;
2144.420 1 ? ? ? ? 
4 polymer     syn 
;DNA (5'-D(P*CP*CP*GP*TP*CP*A)-3')
;
1769.193 1 ? ? ? ? 
5 non-polymer syn 'CACODYLATE ION'                                                                136.989  2 ? ? ? ? 
# 
loop_
_entity_poly.entity_id 
_entity_poly.type 
_entity_poly.nstd_linkage 
_entity_poly.nstd_monomer 
_entity_poly.pdbx_seq_one_letter_code 
_entity_poly.pdbx_seq_one_letter_code_can 
_entity_poly.pdbx_strand_id 
_entity_poly.pdbx_target_identifier 
1 polydeoxyribonucleotide no no 
;(DG)(DA)(DA)(DC)(DG)(DA)(DC)(DA)(DC)(DT)(DG)(DA)(DC)(DG)(DG)(DC)(DG)(DA)(DC)(DT)
(DC)
;
GAACGACACTGACGGCGACTC B ? 
2 polydeoxyribonucleotide no no '(DT)(DC)(DG)(DA)(DG)(DT)(DC)(DG)'                                                      TCGAGTCG C 
? 
3 polydeoxyribonucleotide no no '(DG)(DT)(DG)(DT)(DC)(DG)(DT)'                                                          GTGTCGT D 
? 
4 polydeoxyribonucleotide no no '(DC)(DC)(DG)(DT)(DC)(DA)'                                                              CCGTCA A ? 
# 
loop_
_entity_poly_seq.entity_id 
_entity_poly_seq.num 
_entity_poly_seq.mon_id 
_entity_poly_seq.hetero 
1 1  DG n 
1 2  DA n 
1 3  DA n 
1 4  DC n 
1 5  DG n 
1 6  DA n 
1 7  DC n 
1 8  DA n 
1 9  DC n 
1 10 DT n 
1 11 DG n 
1 12 DA n 
1 13 DC n 
1 14 DG n 
1 15 DG n 
1 16 DC n 
1 17 DG n 
1 18 DA n 
1 19 DC n 
1 20 DT n 
1 21 DC n 
2 1  DT n 
2 2  DC n 
2 3  DG n 
2 4  DA n 
2 5  DG n 
2 6  DT n 
2 7  DC n 
2 8  DG n 
3 1  DG n 
3 2  DT n 
3 3  DG n 
3 4  DT n 
3 5  DC n 
3 6  DG n 
3 7  DT n 
4 1  DC n 
4 2  DC n 
4 3  DG n 
4 4  DT n 
4 5  DC n 
4 6  DA n 
# 
loop_
_pdbx_entity_src_syn.entity_id 
_pdbx_entity_src_syn.pdbx_src_id 
_pdbx_entity_src_syn.pdbx_alt_source_flag 
_pdbx_entity_src_syn.pdbx_beg_seq_num 
_pdbx_entity_src_syn.pdbx_end_seq_num 
_pdbx_entity_src_syn.organism_scientific 
_pdbx_entity_src_syn.organism_common_name 
_pdbx_entity_src_syn.ncbi_taxonomy_id 
_pdbx_entity_src_syn.details 
1 1 sample 1 21 'synthetic construct' ? 32630 ? 
2 1 sample 1 8  'synthetic construct' ? 32630 ? 
3 1 sample 1 7  'synthetic construct' ? 32630 ? 
4 1 sample 1 6  'synthetic construct' ? 32630 ? 
# 
loop_
_struct_ref.id 
_struct_ref.db_name 
_struct_ref.db_code 
_struct_ref.pdbx_db_accession 
_struct_ref.pdbx_db_isoform 
_struct_ref.entity_id 
_struct_ref.pdbx_seq_one_letter_code 
_struct_ref.pdbx_align_begin 
1 PDB 7JLD 7JLD ? 1 ? 1 
2 PDB 7JLD 7JLD ? 2 ? 1 
3 PDB 7JLD 7JLD ? 3 ? 1 
4 PDB 7JLD 7JLD ? 4 ? 1 
# 
loop_
_struct_ref_seq.align_id 
_struct_ref_seq.ref_id 
_struct_ref_seq.pdbx_PDB_id_code 
_struct_ref_seq.pdbx_strand_id 
_struct_ref_seq.seq_align_beg 
_struct_ref_seq.pdbx_seq_align_beg_ins_code 
_struct_ref_seq.seq_align_end 
_struct_ref_seq.pdbx_seq_align_end_ins_code 
_struct_ref_seq.pdbx_db_accession 
_struct_ref_seq.db_align_beg 
_struct_ref_seq.pdbx_db_align_beg_ins_code 
_struct_ref_seq.db_align_end 
_struct_ref_seq.pdbx_db_align_end_ins_code 
_struct_ref_seq.pdbx_auth_seq_align_beg 
_struct_ref_seq.pdbx_auth_seq_align_end 
1 1 7JLD B 1 ? 21 ? 7JLD 7  ? 27 ? 7  27 
2 2 7JLD C 1 ? 8  ? 7JLD 28 ? 35 ? 28 35 
3 3 7JLD D 1 ? 7  ? 7JLD 36 ? 42 ? 36 42 
4 4 7JLD A 1 ? 6  ? 7JLD 1  ? 6  ? 1  6  
# 
loop_
_chem_comp.id 
_chem_comp.type 
_chem_comp.mon_nstd_flag 
_chem_comp.name 
_chem_comp.pdbx_synonyms 
_chem_comp.formula 
_chem_comp.formula_weight 
CAC non-polymer   . 'CACODYLATE ION'                     dimethylarsinate 'C2 H6 As O2 -1'  136.989 
DA  'DNA linking' y "2'-DEOXYADENOSINE-5'-MONOPHOSPHATE" ?                'C10 H14 N5 O6 P' 331.222 
DC  'DNA linking' y "2'-DEOXYCYTIDINE-5'-MONOPHOSPHATE"  ?                'C9 H14 N3 O7 P'  307.197 
DG  'DNA linking' y "2'-DEOXYGUANOSINE-5'-MONOPHOSPHATE" ?                'C10 H14 N5 O7 P' 347.221 
DT  'DNA linking' y "THYMIDINE-5'-MONOPHOSPHATE"         ?                'C10 H15 N2 O8 P' 322.208 
# 
_exptl.absorpt_coefficient_mu     ? 
_exptl.absorpt_correction_T_max   ? 
_exptl.absorpt_correction_T_min   ? 
_exptl.absorpt_correction_type    ? 
_exptl.absorpt_process_details    ? 
_exptl.entry_id                   7JLD 
_exptl.crystals_number            1 
_exptl.details                    ? 
_exptl.method                     'X-RAY DIFFRACTION' 
_exptl.method_details             ? 
# 
_exptl_crystal.colour                      ? 
_exptl_crystal.density_diffrn              ? 
_exptl_crystal.density_Matthews            4.74 
_exptl_crystal.density_method              ? 
_exptl_crystal.density_percent_sol         74.04 
_exptl_crystal.description                 ? 
_exptl_crystal.F_000                       ? 
_exptl_crystal.id                          1 
_exptl_crystal.preparation                 ? 
_exptl_crystal.size_max                    ? 
_exptl_crystal.size_mid                    ? 
_exptl_crystal.size_min                    ? 
_exptl_crystal.size_rad                    ? 
_exptl_crystal.colour_lustre               ? 
_exptl_crystal.colour_modifier             ? 
_exptl_crystal.colour_primary              ? 
_exptl_crystal.density_meas                ? 
_exptl_crystal.density_meas_esd            ? 
_exptl_crystal.density_meas_gt             ? 
_exptl_crystal.density_meas_lt             ? 
_exptl_crystal.density_meas_temp           ? 
_exptl_crystal.density_meas_temp_esd       ? 
_exptl_crystal.density_meas_temp_gt        ? 
_exptl_crystal.density_meas_temp_lt        ? 
_exptl_crystal.pdbx_crystal_image_url      ? 
_exptl_crystal.pdbx_crystal_image_format   ? 
_exptl_crystal.pdbx_mosaicity              ? 
_exptl_crystal.pdbx_mosaicity_esd          ? 
# 
_exptl_crystal_grow.apparatus       ? 
_exptl_crystal_grow.atmosphere      ? 
_exptl_crystal_grow.crystal_id      1 
_exptl_crystal_grow.details         ? 
_exptl_crystal_grow.method          'VAPOR DIFFUSION, SITTING DROP' 
_exptl_crystal_grow.method_ref      ? 
_exptl_crystal_grow.pH              ? 
_exptl_crystal_grow.pressure        ? 
_exptl_crystal_grow.pressure_esd    ? 
_exptl_crystal_grow.seeding         ? 
_exptl_crystal_grow.seeding_ref     ? 
_exptl_crystal_grow.temp            298 
_exptl_crystal_grow.temp_details    'temperature gradient generated from 60 to 25 C at 0.3 degrees per hour' 
_exptl_crystal_grow.temp_esd        ? 
_exptl_crystal_grow.time            ? 
_exptl_crystal_grow.pdbx_details    
;0.5 mL of 0.05 M Cacodylate pH 6.5 with 36 mM MgCl2, 2.25 mM spermine, and 5% PEG 400 was added to the reservoir with 2 uL added to the drop containing 4 uL of DNA stock
;
_exptl_crystal_grow.pdbx_pH_range   ? 
# 
_diffrn.ambient_environment              ? 
_diffrn.ambient_temp                     100 
_diffrn.ambient_temp_details             ? 
_diffrn.ambient_temp_esd                 ? 
_diffrn.crystal_id                       1 
_diffrn.crystal_support                  ? 
_diffrn.crystal_treatment                ? 
_diffrn.details                          ? 
_diffrn.id                               1 
_diffrn.ambient_pressure                 ? 
_diffrn.ambient_pressure_esd             ? 
_diffrn.ambient_pressure_gt              ? 
_diffrn.ambient_pressure_lt              ? 
_diffrn.ambient_temp_gt                  ? 
_diffrn.ambient_temp_lt                  ? 
_diffrn.pdbx_serial_crystal_experiment   N 
# 
_diffrn_detector.details                      ? 
_diffrn_detector.detector                     PIXEL 
_diffrn_detector.diffrn_id                    1 
_diffrn_detector.type                         'DECTRIS PILATUS3 6M' 
_diffrn_detector.area_resol_mean              ? 
_diffrn_detector.dtime                        ? 
_diffrn_detector.pdbx_frames_total            ? 
_diffrn_detector.pdbx_collection_time_total   ? 
_diffrn_detector.pdbx_collection_date         2018-09-15 
_diffrn_detector.pdbx_frequency               ? 
# 
_diffrn_radiation.collimation                      ? 
_diffrn_radiation.diffrn_id                        1 
_diffrn_radiation.filter_edge                      ? 
_diffrn_radiation.inhomogeneity                    ? 
_diffrn_radiation.monochromator                    ? 
_diffrn_radiation.polarisn_norm                    ? 
_diffrn_radiation.polarisn_ratio                   ? 
_diffrn_radiation.probe                            ? 
_diffrn_radiation.type                             ? 
_diffrn_radiation.xray_symbol                      ? 
_diffrn_radiation.wavelength_id                    1 
_diffrn_radiation.pdbx_monochromatic_or_laue_m_l   M 
_diffrn_radiation.pdbx_wavelength_list             ? 
_diffrn_radiation.pdbx_wavelength                  ? 
_diffrn_radiation.pdbx_diffrn_protocol             'SINGLE WAVELENGTH' 
_diffrn_radiation.pdbx_analyzer                    ? 
_diffrn_radiation.pdbx_scattering_type             x-ray 
# 
_diffrn_radiation_wavelength.id           1 
_diffrn_radiation_wavelength.wavelength   1 
_diffrn_radiation_wavelength.wt           1.0 
# 
_diffrn_source.current                     ? 
_diffrn_source.details                     ? 
_diffrn_source.diffrn_id                   1 
_diffrn_source.power                       ? 
_diffrn_source.size                        ? 
_diffrn_source.source                      SYNCHROTRON 
_diffrn_source.target                      ? 
_diffrn_source.type                        'ALS BEAMLINE 5.0.2' 
_diffrn_source.voltage                     ? 
_diffrn_source.take-off_angle              ? 
_diffrn_source.pdbx_wavelength_list        1 
_diffrn_source.pdbx_wavelength             ? 
_diffrn_source.pdbx_synchrotron_beamline   5.0.2 
_diffrn_source.pdbx_synchrotron_site       ALS 
# 
_reflns.B_iso_Wilson_estimate            93.990 
_reflns.entry_id                         7JLD 
_reflns.data_reduction_details           ? 
_reflns.data_reduction_method            ? 
_reflns.d_resolution_high                3.150 
_reflns.d_resolution_low                 50.000 
_reflns.details                          ? 
_reflns.limit_h_max                      ? 
_reflns.limit_h_min                      ? 
_reflns.limit_k_max                      ? 
_reflns.limit_k_min                      ? 
_reflns.limit_l_max                      ? 
_reflns.limit_l_min                      ? 
_reflns.number_all                       ? 
_reflns.number_obs                       3586 
_reflns.observed_criterion               ? 
_reflns.observed_criterion_F_max         ? 
_reflns.observed_criterion_F_min         ? 
_reflns.observed_criterion_I_max         ? 
_reflns.observed_criterion_I_min         ? 
_reflns.observed_criterion_sigma_F       ? 
_reflns.observed_criterion_sigma_I       ? 
_reflns.percent_possible_obs             89.000 
_reflns.R_free_details                   ? 
_reflns.Rmerge_F_all                     ? 
_reflns.Rmerge_F_obs                     ? 
_reflns.Friedel_coverage                 ? 
_reflns.number_gt                        ? 
_reflns.threshold_expression             ? 
_reflns.pdbx_redundancy                  9.300 
_reflns.pdbx_Rmerge_I_obs                0.076 
_reflns.pdbx_Rmerge_I_all                ? 
_reflns.pdbx_Rsym_value                  ? 
_reflns.pdbx_netI_over_av_sigmaI         ? 
_reflns.pdbx_netI_over_sigmaI            5.500 
_reflns.pdbx_res_netI_over_av_sigmaI_2   ? 
_reflns.pdbx_res_netI_over_sigmaI_2      ? 
_reflns.pdbx_chi_squared                 0.864 
_reflns.pdbx_scaling_rejects             ? 
_reflns.pdbx_d_res_high_opt              ? 
_reflns.pdbx_d_res_low_opt               ? 
_reflns.pdbx_d_res_opt_method            ? 
_reflns.phase_calculation_details        ? 
_reflns.pdbx_Rrim_I_all                  0.080 
_reflns.pdbx_Rpim_I_all                  0.025 
_reflns.pdbx_d_opt                       ? 
_reflns.pdbx_number_measured_all         33416 
_reflns.pdbx_diffrn_id                   1 
_reflns.pdbx_ordinal                     1 
_reflns.pdbx_CC_half                     ? 
_reflns.pdbx_CC_star                     ? 
_reflns.pdbx_R_split                     ? 
# 
loop_
_reflns_shell.d_res_high 
_reflns_shell.d_res_low 
_reflns_shell.meanI_over_sigI_all 
_reflns_shell.meanI_over_sigI_obs 
_reflns_shell.number_measured_all 
_reflns_shell.number_measured_obs 
_reflns_shell.number_possible 
_reflns_shell.number_unique_all 
_reflns_shell.number_unique_obs 
_reflns_shell.percent_possible_all 
_reflns_shell.percent_possible_obs 
_reflns_shell.Rmerge_F_all 
_reflns_shell.Rmerge_F_obs 
_reflns_shell.Rmerge_I_all 
_reflns_shell.Rmerge_I_obs 
_reflns_shell.meanI_over_sigI_gt 
_reflns_shell.meanI_over_uI_all 
_reflns_shell.meanI_over_uI_gt 
_reflns_shell.number_measured_gt 
_reflns_shell.number_unique_gt 
_reflns_shell.percent_possible_gt 
_reflns_shell.Rmerge_F_gt 
_reflns_shell.Rmerge_I_gt 
_reflns_shell.pdbx_redundancy 
_reflns_shell.pdbx_Rsym_value 
_reflns_shell.pdbx_chi_squared 
_reflns_shell.pdbx_netI_over_sigmaI_all 
_reflns_shell.pdbx_netI_over_sigmaI_obs 
_reflns_shell.pdbx_Rrim_I_all 
_reflns_shell.pdbx_Rpim_I_all 
_reflns_shell.pdbx_rejects 
_reflns_shell.pdbx_ordinal 
_reflns_shell.pdbx_diffrn_id 
_reflns_shell.pdbx_CC_half 
_reflns_shell.pdbx_CC_star 
_reflns_shell.pdbx_R_split 
3.150 3.200  ? ? ? ? ? ? 102 52.000  ? ? ? ? 0.290 ? ? ? ? ? ? ? ? 6.300  ? 0.497 ? ? 0.311 0.110 ? 1  1 0.974 ? ? 
3.200 3.260  ? ? ? ? ? ? 109 55.300  ? ? ? ? 0.452 ? ? ? ? ? ? ? ? 6.300  ? 0.468 ? ? 0.485 0.168 ? 2  1 0.921 ? ? 
3.260 3.330  ? ? ? ? ? ? 147 68.400  ? ? ? ? 0.342 ? ? ? ? ? ? ? ? 7.100  ? 0.562 ? ? 0.365 0.123 ? 3  1 0.976 ? ? 
3.330 3.390  ? ? ? ? ? ? 136 71.200  ? ? ? ? 0.317 ? ? ? ? ? ? ? ? 7.800  ? 0.531 ? ? 0.337 0.112 ? 4  1 0.983 ? ? 
3.390 3.470  ? ? ? ? ? ? 151 73.700  ? ? ? ? 0.340 ? ? ? ? ? ? ? ? 8.400  ? 0.501 ? ? 0.361 0.116 ? 5  1 0.977 ? ? 
3.470 3.550  ? ? ? ? ? ? 169 82.800  ? ? ? ? 0.331 ? ? ? ? ? ? ? ? 8.400  ? 0.461 ? ? 0.350 0.113 ? 6  1 0.977 ? ? 
3.550 3.640  ? ? ? ? ? ? 183 91.500  ? ? ? ? 0.547 ? ? ? ? ? ? ? ? 7.900  ? 0.457 ? ? 0.582 0.194 ? 7  1 0.935 ? ? 
3.640 3.730  ? ? ? ? ? ? 195 92.900  ? ? ? ? 0.671 ? ? ? ? ? ? ? ? 8.200  ? 0.458 ? ? 0.713 0.236 ? 8  1 0.871 ? ? 
3.730 3.840  ? ? ? ? ? ? 187 93.500  ? ? ? ? 0.827 ? ? ? ? ? ? ? ? 8.000  ? 0.476 ? ? 0.880 0.299 ? 9  1 0.788 ? ? 
3.840 3.970  ? ? ? ? ? ? 192 99.500  ? ? ? ? 0.509 ? ? ? ? ? ? ? ? 9.200  ? 0.492 ? ? 0.537 0.171 ? 10 1 0.917 ? ? 
3.970 4.110  ? ? ? ? ? ? 196 98.500  ? ? ? ? 0.393 ? ? ? ? ? ? ? ? 9.500  ? 0.508 ? ? 0.414 0.130 ? 11 1 0.963 ? ? 
4.110 4.270  ? ? ? ? ? ? 206 100.000 ? ? ? ? 0.304 ? ? ? ? ? ? ? ? 10.500 ? 0.523 ? ? 0.319 0.096 ? 12 1 0.971 ? ? 
4.270 4.470  ? ? ? ? ? ? 197 100.000 ? ? ? ? 0.270 ? ? ? ? ? ? ? ? 10.500 ? 0.512 ? ? 0.283 0.086 ? 13 1 0.982 ? ? 
4.470 4.700  ? ? ? ? ? ? 203 100.000 ? ? ? ? 0.244 ? ? ? ? ? ? ? ? 10.600 ? 0.532 ? ? 0.256 0.078 ? 14 1 0.980 ? ? 
4.700 5.000  ? ? ? ? ? ? 198 100.000 ? ? ? ? 0.173 ? ? ? ? ? ? ? ? 10.100 ? 0.592 ? ? 0.182 0.058 ? 15 1 0.993 ? ? 
5.000 5.380  ? ? ? ? ? ? 204 100.000 ? ? ? ? 0.105 ? ? ? ? ? ? ? ? 10.200 ? 0.935 ? ? 0.111 0.035 ? 16 1 0.997 ? ? 
5.380 5.930  ? ? ? ? ? ? 205 100.000 ? ? ? ? 0.089 ? ? ? ? ? ? ? ? 11.100 ? 1.313 ? ? 0.093 0.028 ? 17 1 0.996 ? ? 
5.930 6.780  ? ? ? ? ? ? 201 100.000 ? ? ? ? 0.079 ? ? ? ? ? ? ? ? 10.900 ? 1.307 ? ? 0.083 0.025 ? 18 1 0.996 ? ? 
6.780 8.540  ? ? ? ? ? ? 199 100.000 ? ? ? ? 0.071 ? ? ? ? ? ? ? ? 10.000 ? 1.839 ? ? 0.075 0.024 ? 19 1 0.998 ? ? 
8.540 50.000 ? ? ? ? ? ? 206 100.000 ? ? ? ? 0.056 ? ? ? ? ? ? ? ? 10.600 ? 2.614 ? ? 0.059 0.018 ? 20 1 0.999 ? ? 
# 
_refine.aniso_B[1][1]                            ? 
_refine.aniso_B[1][2]                            ? 
_refine.aniso_B[1][3]                            ? 
_refine.aniso_B[2][2]                            ? 
_refine.aniso_B[2][3]                            ? 
_refine.aniso_B[3][3]                            ? 
_refine.B_iso_max                                251.380 
_refine.B_iso_mean                               134.1941 
_refine.B_iso_min                                66.150 
_refine.correlation_coeff_Fo_to_Fc               ? 
_refine.correlation_coeff_Fo_to_Fc_free          ? 
_refine.details                                  ? 
_refine.diff_density_max                         ? 
_refine.diff_density_max_esd                     ? 
_refine.diff_density_min                         ? 
_refine.diff_density_min_esd                     ? 
_refine.diff_density_rms                         ? 
_refine.diff_density_rms_esd                     ? 
_refine.entry_id                                 7JLD 
_refine.pdbx_refine_id                           'X-RAY DIFFRACTION' 
_refine.ls_abs_structure_details                 ? 
_refine.ls_abs_structure_Flack                   ? 
_refine.ls_abs_structure_Flack_esd               ? 
_refine.ls_abs_structure_Rogers                  ? 
_refine.ls_abs_structure_Rogers_esd              ? 
_refine.ls_d_res_high                            3.1630 
_refine.ls_d_res_low                             44.0570 
_refine.ls_extinction_coef                       ? 
_refine.ls_extinction_coef_esd                   ? 
_refine.ls_extinction_expression                 ? 
_refine.ls_extinction_method                     ? 
_refine.ls_goodness_of_fit_all                   ? 
_refine.ls_goodness_of_fit_all_esd               ? 
_refine.ls_goodness_of_fit_obs                   ? 
_refine.ls_goodness_of_fit_obs_esd               ? 
_refine.ls_hydrogen_treatment                    ? 
_refine.ls_matrix_type                           ? 
_refine.ls_number_constraints                    ? 
_refine.ls_number_parameters                     ? 
_refine.ls_number_reflns_all                     ? 
_refine.ls_number_reflns_obs                     3575 
_refine.ls_number_reflns_R_free                  184 
_refine.ls_number_reflns_R_work                  3391 
_refine.ls_number_restraints                     ? 
_refine.ls_percent_reflns_obs                    88.8000 
_refine.ls_percent_reflns_R_free                 5.1500 
_refine.ls_R_factor_all                          ? 
_refine.ls_R_factor_obs                          0.2013 
_refine.ls_R_factor_R_free                       0.2267 
_refine.ls_R_factor_R_free_error                 ? 
_refine.ls_R_factor_R_free_error_details         ? 
_refine.ls_R_factor_R_work                       0.1999 
_refine.ls_R_Fsqd_factor_obs                     ? 
_refine.ls_R_I_factor_obs                        ? 
_refine.ls_redundancy_reflns_all                 ? 
_refine.ls_redundancy_reflns_obs                 ? 
_refine.ls_restrained_S_all                      ? 
_refine.ls_restrained_S_obs                      ? 
_refine.ls_shift_over_esd_max                    ? 
_refine.ls_shift_over_esd_mean                   ? 
_refine.ls_structure_factor_coef                 ? 
_refine.ls_weighting_details                     ? 
_refine.ls_weighting_scheme                      ? 
_refine.ls_wR_factor_all                         ? 
_refine.ls_wR_factor_obs                         ? 
_refine.ls_wR_factor_R_free                      ? 
_refine.ls_wR_factor_R_work                      ? 
_refine.occupancy_max                            ? 
_refine.occupancy_min                            ? 
_refine.solvent_model_details                    'FLAT BULK SOLVENT MODEL' 
_refine.solvent_model_param_bsol                 ? 
_refine.solvent_model_param_ksol                 ? 
_refine.pdbx_R_complete                          ? 
_refine.ls_R_factor_gt                           ? 
_refine.ls_goodness_of_fit_gt                    ? 
_refine.ls_goodness_of_fit_ref                   ? 
_refine.ls_shift_over_su_max                     ? 
_refine.ls_shift_over_su_max_lt                  ? 
_refine.ls_shift_over_su_mean                    ? 
_refine.ls_shift_over_su_mean_lt                 ? 
_refine.pdbx_ls_sigma_I                          ? 
_refine.pdbx_ls_sigma_F                          2.010 
_refine.pdbx_ls_sigma_Fsqd                       ? 
_refine.pdbx_data_cutoff_high_absF               ? 
_refine.pdbx_data_cutoff_high_rms_absF           ? 
_refine.pdbx_data_cutoff_low_absF                ? 
_refine.pdbx_isotropic_thermal_model             ? 
_refine.pdbx_ls_cross_valid_method               THROUGHOUT 
_refine.pdbx_method_to_determine_struct          'MOLECULAR REPLACEMENT' 
_refine.pdbx_starting_model                      5VY6 
_refine.pdbx_stereochemistry_target_values       ML 
_refine.pdbx_R_Free_selection_details            ? 
_refine.pdbx_stereochem_target_val_spec_case     ? 
_refine.pdbx_overall_ESU_R                       ? 
_refine.pdbx_overall_ESU_R_Free                  ? 
_refine.pdbx_solvent_vdw_probe_radii             1.1100 
_refine.pdbx_solvent_ion_probe_radii             ? 
_refine.pdbx_solvent_shrinkage_radii             0.9000 
_refine.pdbx_real_space_R                        ? 
_refine.pdbx_density_correlation                 ? 
_refine.pdbx_pd_number_of_powder_patterns        ? 
_refine.pdbx_pd_number_of_points                 ? 
_refine.pdbx_pd_meas_number_of_points            ? 
_refine.pdbx_pd_proc_ls_prof_R_factor            ? 
_refine.pdbx_pd_proc_ls_prof_wR_factor           ? 
_refine.pdbx_pd_Marquardt_correlation_coeff      ? 
_refine.pdbx_pd_Fsqrd_R_factor                   ? 
_refine.pdbx_pd_ls_matrix_band_width             ? 
_refine.pdbx_overall_phase_error                 28.7600 
_refine.pdbx_overall_SU_R_free_Cruickshank_DPI   ? 
_refine.pdbx_overall_SU_R_free_Blow_DPI          ? 
_refine.pdbx_overall_SU_R_Blow_DPI               ? 
_refine.pdbx_TLS_residual_ADP_flag               ? 
_refine.pdbx_diffrn_id                           1 
_refine.overall_SU_B                             ? 
_refine.overall_SU_ML                            0.1800 
_refine.overall_SU_R_Cruickshank_DPI             ? 
_refine.overall_SU_R_free                        ? 
_refine.overall_FOM_free_R_set                   ? 
_refine.overall_FOM_work_R_set                   ? 
_refine.pdbx_average_fsc_overall                 ? 
_refine.pdbx_average_fsc_work                    ? 
_refine.pdbx_average_fsc_free                    ? 
# 
_refine_hist.pdbx_refine_id                   'X-RAY DIFFRACTION' 
_refine_hist.cycle_id                         final 
_refine_hist.details                          ? 
_refine_hist.d_res_high                       3.1630 
_refine_hist.d_res_low                        44.0570 
_refine_hist.number_atoms_solvent             0 
_refine_hist.number_atoms_total               857 
_refine_hist.number_reflns_all                ? 
_refine_hist.number_reflns_obs                ? 
_refine_hist.number_reflns_R_free             ? 
_refine_hist.number_reflns_R_work             ? 
_refine_hist.R_factor_all                     ? 
_refine_hist.R_factor_obs                     ? 
_refine_hist.R_factor_R_free                  ? 
_refine_hist.R_factor_R_work                  ? 
_refine_hist.pdbx_number_residues_total       42 
_refine_hist.pdbx_B_iso_mean_ligand           223.37 
_refine_hist.pdbx_B_iso_mean_solvent          ? 
_refine_hist.pdbx_number_atoms_protein        0 
_refine_hist.pdbx_number_atoms_nucleic_acid   855 
_refine_hist.pdbx_number_atoms_ligand         2 
_refine_hist.pdbx_number_atoms_lipid          ? 
_refine_hist.pdbx_number_atoms_carb           ? 
_refine_hist.pdbx_pseudo_atom_details         ? 
# 
loop_
_refine_ls_restr.pdbx_refine_id 
_refine_ls_restr.criterion 
_refine_ls_restr.dev_ideal 
_refine_ls_restr.dev_ideal_target 
_refine_ls_restr.number 
_refine_ls_restr.rejects 
_refine_ls_restr.type 
_refine_ls_restr.weight 
_refine_ls_restr.pdbx_restraint_function 
'X-RAY DIFFRACTION' ? 0.006  ? 956  ? f_bond_d           ? ? 
'X-RAY DIFFRACTION' ? 0.806  ? 1467 ? f_angle_d          ? ? 
'X-RAY DIFFRACTION' ? 0.053  ? 166  ? f_chiral_restr     ? ? 
'X-RAY DIFFRACTION' ? 0.005  ? 42   ? f_plane_restr      ? ? 
'X-RAY DIFFRACTION' ? 32.598 ? 406  ? f_dihedral_angle_d ? ? 
# 
_refine_ls_shell.pdbx_refine_id                   'X-RAY DIFFRACTION' 
_refine_ls_shell.d_res_high                       3.1634 
_refine_ls_shell.d_res_low                        ? 
_refine_ls_shell.number_reflns_all                ? 
_refine_ls_shell.number_reflns_obs                ? 
_refine_ls_shell.number_reflns_R_free             184 
_refine_ls_shell.number_reflns_R_work             3391 
_refine_ls_shell.percent_reflns_obs               89.0000 
_refine_ls_shell.percent_reflns_R_free            ? 
_refine_ls_shell.R_factor_all                     ? 
_refine_ls_shell.R_factor_obs                     ? 
_refine_ls_shell.R_factor_R_free                  0.2267 
_refine_ls_shell.R_factor_R_free_error            0.0000 
_refine_ls_shell.R_factor_R_work                  0.1999 
_refine_ls_shell.redundancy_reflns_all            ? 
_refine_ls_shell.redundancy_reflns_obs            ? 
_refine_ls_shell.wR_factor_all                    ? 
_refine_ls_shell.wR_factor_obs                    ? 
_refine_ls_shell.wR_factor_R_free                 ? 
_refine_ls_shell.wR_factor_R_work                 ? 
_refine_ls_shell.pdbx_R_complete                  ? 
_refine_ls_shell.pdbx_total_number_of_bins_used   ? 
_refine_ls_shell.pdbx_phase_error                 ? 
_refine_ls_shell.pdbx_fsc_work                    ? 
_refine_ls_shell.pdbx_fsc_free                    ? 
# 
_struct.entry_id                     7JLD 
_struct.title                        
;Self-assembly of a 3D DNA crystal lattice (4x6 scramble duplex version) containing the J22 immobile Holliday junction with R3 symmetry
;
_struct.pdbx_model_details           ? 
_struct.pdbx_formula_weight          ? 
_struct.pdbx_formula_weight_method   ? 
_struct.pdbx_model_type_details      ? 
_struct.pdbx_CASP_flag               N 
# 
_struct_keywords.entry_id        7JLD 
_struct_keywords.text            
'Structural DNA nanotechnology, immobile Holliday junctions, 3D DNA self-assembly, designer DNA crystals, DNA' 
_struct_keywords.pdbx_keywords   DNA 
# 
loop_
_struct_asym.id 
_struct_asym.pdbx_blank_PDB_chainid_flag 
_struct_asym.pdbx_modified 
_struct_asym.entity_id 
_struct_asym.details 
A N N 1 ? 
B N N 2 ? 
C N N 3 ? 
D N N 4 ? 
E N N 5 ? 
F N N 5 ? 
# 
loop_
_struct_conn.id 
_struct_conn.conn_type_id 
_struct_conn.pdbx_leaving_atom_flag 
_struct_conn.pdbx_PDB_id 
_struct_conn.ptnr1_label_asym_id 
_struct_conn.ptnr1_label_comp_id 
_struct_conn.ptnr1_label_seq_id 
_struct_conn.ptnr1_label_atom_id 
_struct_conn.pdbx_ptnr1_label_alt_id 
_struct_conn.pdbx_ptnr1_PDB_ins_code 
_struct_conn.pdbx_ptnr1_standard_comp_id 
_struct_conn.ptnr1_symmetry 
_struct_conn.ptnr2_label_asym_id 
_struct_conn.ptnr2_label_comp_id 
_struct_conn.ptnr2_label_seq_id 
_struct_conn.ptnr2_label_atom_id 
_struct_conn.pdbx_ptnr2_label_alt_id 
_struct_conn.pdbx_ptnr2_PDB_ins_code 
_struct_conn.ptnr1_auth_asym_id 
_struct_conn.ptnr1_auth_comp_id 
_struct_conn.ptnr1_auth_seq_id 
_struct_conn.ptnr2_auth_asym_id 
_struct_conn.ptnr2_auth_comp_id 
_struct_conn.ptnr2_auth_seq_id 
_struct_conn.ptnr2_symmetry 
_struct_conn.pdbx_ptnr3_label_atom_id 
_struct_conn.pdbx_ptnr3_label_seq_id 
_struct_conn.pdbx_ptnr3_label_comp_id 
_struct_conn.pdbx_ptnr3_label_asym_id 
_struct_conn.pdbx_ptnr3_label_alt_id 
_struct_conn.pdbx_ptnr3_PDB_ins_code 
_struct_conn.details 
_struct_conn.pdbx_dist_value 
_struct_conn.pdbx_value_order 
_struct_conn.pdbx_role 
hydrog1  hydrog ? ? A DA 2  N6 ? ? ? 1_555 C DT 7 O4 ? ? B DA 8  D DT 42 1_555 ? ? ? ? ? ? 'DA-DT PAIR' ? ? ? 
hydrog2  hydrog ? ? A DA 3  N1 ? ? ? 1_555 C DT 7 N3 ? ? B DA 9  D DT 42 1_555 ? ? ? ? ? ? WATSON-CRICK ? ? ? 
hydrog3  hydrog ? ? A DA 3  N6 ? ? ? 1_555 C DT 7 O4 ? ? B DA 9  D DT 42 1_555 ? ? ? ? ? ? WATSON-CRICK ? ? ? 
hydrog4  hydrog ? ? A DC 4  N3 ? ? ? 1_555 C DG 6 N1 ? ? B DC 10 D DG 41 1_555 ? ? ? ? ? ? WATSON-CRICK ? ? ? 
hydrog5  hydrog ? ? A DC 4  N4 ? ? ? 1_555 C DG 6 O6 ? ? B DC 10 D DG 41 1_555 ? ? ? ? ? ? WATSON-CRICK ? ? ? 
hydrog6  hydrog ? ? A DC 4  O2 ? ? ? 1_555 C DG 6 N2 ? ? B DC 10 D DG 41 1_555 ? ? ? ? ? ? WATSON-CRICK ? ? ? 
hydrog7  hydrog ? ? A DG 5  N2 ? ? ? 1_555 C DC 5 N3 ? ? B DG 11 D DC 40 1_555 ? ? ? ? ? ? 'DG-DC PAIR' ? ? ? 
hydrog8  hydrog ? ? A DA 6  N1 ? ? ? 1_555 C DT 4 N3 ? ? B DA 12 D DT 39 1_555 ? ? ? ? ? ? WATSON-CRICK ? ? ? 
hydrog9  hydrog ? ? A DA 6  N6 ? ? ? 1_555 C DT 4 O4 ? ? B DA 12 D DT 39 1_555 ? ? ? ? ? ? WATSON-CRICK ? ? ? 
hydrog10 hydrog ? ? A DC 7  N3 ? ? ? 1_555 C DG 3 N1 ? ? B DC 13 D DG 38 1_555 ? ? ? ? ? ? WATSON-CRICK ? ? ? 
hydrog11 hydrog ? ? A DC 7  N4 ? ? ? 1_555 C DG 3 O6 ? ? B DC 13 D DG 38 1_555 ? ? ? ? ? ? WATSON-CRICK ? ? ? 
hydrog12 hydrog ? ? A DC 7  O2 ? ? ? 1_555 C DG 3 N2 ? ? B DC 13 D DG 38 1_555 ? ? ? ? ? ? WATSON-CRICK ? ? ? 
hydrog13 hydrog ? ? A DA 8  N1 ? ? ? 1_555 C DT 2 N3 ? ? B DA 14 D DT 37 1_555 ? ? ? ? ? ? WATSON-CRICK ? ? ? 
hydrog14 hydrog ? ? A DA 8  N6 ? ? ? 1_555 C DT 2 O4 ? ? B DA 14 D DT 37 1_555 ? ? ? ? ? ? WATSON-CRICK ? ? ? 
hydrog15 hydrog ? ? A DC 9  N3 ? ? ? 1_555 C DG 1 N1 ? ? B DC 15 D DG 36 1_555 ? ? ? ? ? ? WATSON-CRICK ? ? ? 
hydrog16 hydrog ? ? A DC 9  N4 ? ? ? 1_555 C DG 1 O6 ? ? B DC 15 D DG 36 1_555 ? ? ? ? ? ? WATSON-CRICK ? ? ? 
hydrog17 hydrog ? ? A DC 9  O2 ? ? ? 1_555 C DG 1 N2 ? ? B DC 15 D DG 36 1_555 ? ? ? ? ? ? WATSON-CRICK ? ? ? 
hydrog18 hydrog ? ? A DT 10 N3 ? ? ? 1_555 D DA 6 N1 ? ? B DT 16 A DA 6  1_555 ? ? ? ? ? ? 'DT-DA PAIR' ? ? ? 
hydrog19 hydrog ? ? A DG 11 N1 ? ? ? 1_555 D DC 5 N3 ? ? B DG 17 A DC 5  1_555 ? ? ? ? ? ? WATSON-CRICK ? ? ? 
hydrog20 hydrog ? ? A DG 11 N2 ? ? ? 1_555 D DC 5 O2 ? ? B DG 17 A DC 5  1_555 ? ? ? ? ? ? WATSON-CRICK ? ? ? 
hydrog21 hydrog ? ? A DG 11 O6 ? ? ? 1_555 D DC 5 N4 ? ? B DG 17 A DC 5  1_555 ? ? ? ? ? ? WATSON-CRICK ? ? ? 
hydrog22 hydrog ? ? A DA 12 N1 ? ? ? 1_555 D DT 4 N3 ? ? B DA 18 A DT 4  1_555 ? ? ? ? ? ? WATSON-CRICK ? ? ? 
hydrog23 hydrog ? ? A DA 12 N6 ? ? ? 1_555 D DT 4 O4 ? ? B DA 18 A DT 4  1_555 ? ? ? ? ? ? WATSON-CRICK ? ? ? 
hydrog24 hydrog ? ? A DC 13 N3 ? ? ? 1_555 D DG 3 N1 ? ? B DC 19 A DG 3  1_555 ? ? ? ? ? ? WATSON-CRICK ? ? ? 
hydrog25 hydrog ? ? A DC 13 N4 ? ? ? 1_555 D DG 3 O6 ? ? B DC 19 A DG 3  1_555 ? ? ? ? ? ? WATSON-CRICK ? ? ? 
hydrog26 hydrog ? ? A DC 13 O2 ? ? ? 1_555 D DG 3 N2 ? ? B DC 19 A DG 3  1_555 ? ? ? ? ? ? WATSON-CRICK ? ? ? 
hydrog27 hydrog ? ? A DG 14 N1 ? ? ? 1_555 D DC 2 N3 ? ? B DG 20 A DC 2  1_555 ? ? ? ? ? ? WATSON-CRICK ? ? ? 
hydrog28 hydrog ? ? A DG 14 N2 ? ? ? 1_555 D DC 2 O2 ? ? B DG 20 A DC 2  1_555 ? ? ? ? ? ? WATSON-CRICK ? ? ? 
hydrog29 hydrog ? ? A DG 14 O6 ? ? ? 1_555 D DC 2 N4 ? ? B DG 20 A DC 2  1_555 ? ? ? ? ? ? WATSON-CRICK ? ? ? 
hydrog30 hydrog ? ? A DG 15 N1 ? ? ? 1_555 D DC 1 N3 ? ? B DG 21 A DC 1  1_555 ? ? ? ? ? ? WATSON-CRICK ? ? ? 
hydrog31 hydrog ? ? A DG 15 N2 ? ? ? 1_555 D DC 1 O2 ? ? B DG 21 A DC 1  1_555 ? ? ? ? ? ? WATSON-CRICK ? ? ? 
hydrog32 hydrog ? ? A DG 15 O6 ? ? ? 1_555 D DC 1 N4 ? ? B DG 21 A DC 1  1_555 ? ? ? ? ? ? WATSON-CRICK ? ? ? 
hydrog33 hydrog ? ? A DC 16 N3 ? ? ? 1_555 B DG 8 N1 ? ? B DC 22 C DG 35 1_555 ? ? ? ? ? ? WATSON-CRICK ? ? ? 
hydrog34 hydrog ? ? A DC 16 N4 ? ? ? 1_555 B DG 8 O6 ? ? B DC 22 C DG 35 1_555 ? ? ? ? ? ? WATSON-CRICK ? ? ? 
hydrog35 hydrog ? ? A DC 16 O2 ? ? ? 1_555 B DG 8 N2 ? ? B DC 22 C DG 35 1_555 ? ? ? ? ? ? WATSON-CRICK ? ? ? 
hydrog36 hydrog ? ? A DG 17 N1 ? ? ? 1_555 B DC 7 N3 ? ? B DG 23 C DC 34 1_555 ? ? ? ? ? ? WATSON-CRICK ? ? ? 
hydrog37 hydrog ? ? A DG 17 N2 ? ? ? 1_555 B DC 7 O2 ? ? B DG 23 C DC 34 1_555 ? ? ? ? ? ? WATSON-CRICK ? ? ? 
hydrog38 hydrog ? ? A DG 17 O6 ? ? ? 1_555 B DC 7 N4 ? ? B DG 23 C DC 34 1_555 ? ? ? ? ? ? WATSON-CRICK ? ? ? 
hydrog39 hydrog ? ? A DA 18 N1 ? ? ? 1_555 B DT 6 N3 ? ? B DA 24 C DT 33 1_555 ? ? ? ? ? ? WATSON-CRICK ? ? ? 
hydrog40 hydrog ? ? A DA 18 N6 ? ? ? 1_555 B DT 6 O4 ? ? B DA 24 C DT 33 1_555 ? ? ? ? ? ? WATSON-CRICK ? ? ? 
hydrog41 hydrog ? ? A DC 19 N3 ? ? ? 1_555 B DG 5 N1 ? ? B DC 25 C DG 32 1_555 ? ? ? ? ? ? WATSON-CRICK ? ? ? 
hydrog42 hydrog ? ? A DC 19 N4 ? ? ? 1_555 B DG 5 O6 ? ? B DC 25 C DG 32 1_555 ? ? ? ? ? ? WATSON-CRICK ? ? ? 
hydrog43 hydrog ? ? A DC 19 O2 ? ? ? 1_555 B DG 5 N2 ? ? B DC 25 C DG 32 1_555 ? ? ? ? ? ? WATSON-CRICK ? ? ? 
hydrog44 hydrog ? ? A DT 20 N3 ? ? ? 1_555 B DA 4 N1 ? ? B DT 26 C DA 31 1_555 ? ? ? ? ? ? WATSON-CRICK ? ? ? 
hydrog45 hydrog ? ? A DT 20 O4 ? ? ? 1_555 B DA 4 N6 ? ? B DT 26 C DA 31 1_555 ? ? ? ? ? ? WATSON-CRICK ? ? ? 
hydrog46 hydrog ? ? A DC 21 O2 ? ? ? 1_555 B DG 3 N2 ? ? B DC 27 C DG 30 1_555 ? ? ? ? ? ? 'DC-DG PAIR' ? ? ? 
# 
_struct_conn_type.id          hydrog 
_struct_conn_type.criteria    ? 
_struct_conn_type.reference   ? 
# 
_atom_sites.entry_id                    7JLD 
_atom_sites.Cartn_transf_matrix[1][1]   ? 
_atom_sites.Cartn_transf_matrix[1][2]   ? 
_atom_sites.Cartn_transf_matrix[1][3]   ? 
_atom_sites.Cartn_transf_matrix[2][1]   ? 
_atom_sites.Cartn_transf_matrix[2][2]   ? 
_atom_sites.Cartn_transf_matrix[2][3]   ? 
_atom_sites.Cartn_transf_matrix[3][1]   ? 
_atom_sites.Cartn_transf_matrix[3][2]   ? 
_atom_sites.Cartn_transf_matrix[3][3]   ? 
_atom_sites.Cartn_transf_vector[1]      ? 
_atom_sites.Cartn_transf_vector[2]      ? 
_atom_sites.Cartn_transf_vector[3]      ? 
_atom_sites.fract_transf_matrix[1][1]   -0.00226851 
_atom_sites.fract_transf_matrix[1][2]   0.00775768 
_atom_sites.fract_transf_matrix[1][3]   -0.00624908 
_atom_sites.fract_transf_matrix[2][1]   0.00748834 
_atom_sites.fract_transf_matrix[2][2]   0.00559497 
_atom_sites.fract_transf_matrix[2][3]   -0.00412410 
_atom_sites.fract_transf_matrix[3][1]   0.00066588 
_atom_sites.fract_transf_matrix[3][2]   -0.01258920 
_atom_sites.fract_transf_matrix[3][3]   -0.01587011 
_atom_sites.fract_transf_vector[1]      0.338451 
_atom_sites.fract_transf_vector[2]      -0.071251 
_atom_sites.fract_transf_vector[3]      0.214830 
_atom_sites.solution_primary            ? 
_atom_sites.solution_secondary          ? 
_atom_sites.solution_hydrogens          ? 
_atom_sites.special_details             ? 
# 
loop_
_atom_type.symbol 
AS 
C  
H  
N  
O  
P  
# 
loop_
_atom_site.group_PDB 
_atom_site.id 
_atom_site.type_symbol 
_atom_site.label_atom_id 
_atom_site.label_alt_id 
_atom_site.label_comp_id 
_atom_site.label_asym_id 
_atom_site.label_entity_id 
_atom_site.label_seq_id 
_atom_site.pdbx_PDB_ins_code 
_atom_site.Cartn_x 
_atom_site.Cartn_y 
_atom_site.Cartn_z 
_atom_site.occupancy 
_atom_site.B_iso_or_equiv 
_atom_site.pdbx_formal_charge 
_atom_site.auth_seq_id 
_atom_site.auth_comp_id 
_atom_site.auth_asym_id 
_atom_site.auth_atom_id 
_atom_site.pdbx_PDB_model_num 
ATOM   1    O  "O5'"  . DG  A 1 1  ? 0.774   16.259  -30.701 1.00 164.19 ? 7   DG  B "O5'"  1 
ATOM   2    C  "C5'"  . DG  A 1 1  ? 1.346   17.421  -31.300 1.00 154.99 ? 7   DG  B "C5'"  1 
ATOM   3    C  "C4'"  . DG  A 1 1  ? 0.753   18.688  -30.708 1.00 153.42 ? 7   DG  B "C4'"  1 
ATOM   4    O  "O4'"  . DG  A 1 1  ? -0.637  18.781  -31.068 1.00 134.67 ? 7   DG  B "O4'"  1 
ATOM   5    C  "C3'"  . DG  A 1 1  ? 0.779   18.747  -29.185 1.00 165.87 ? 7   DG  B "C3'"  1 
ATOM   6    O  "O3'"  . DG  A 1 1  ? 1.878   19.512  -28.729 1.00 175.58 ? 7   DG  B "O3'"  1 
ATOM   7    C  "C2'"  . DG  A 1 1  ? -0.556  19.383  -28.792 1.00 150.28 ? 7   DG  B "C2'"  1 
ATOM   8    C  "C1'"  . DG  A 1 1  ? -1.314  19.542  -30.099 1.00 128.88 ? 7   DG  B "C1'"  1 
ATOM   9    N  N9     . DG  A 1 1  ? -2.689  19.071  -30.030 1.00 122.73 ? 7   DG  B N9     1 
ATOM   10   C  C8     . DG  A 1 1  ? -3.177  17.878  -30.504 1.00 117.52 ? 7   DG  B C8     1 
ATOM   11   N  N7     . DG  A 1 1  ? -4.456  17.725  -30.306 1.00 116.71 ? 7   DG  B N7     1 
ATOM   12   C  C5     . DG  A 1 1  ? -4.840  18.892  -29.657 1.00 115.66 ? 7   DG  B C5     1 
ATOM   13   C  C6     . DG  A 1 1  ? -6.113  19.294  -29.189 1.00 113.46 ? 7   DG  B C6     1 
ATOM   14   O  O6     . DG  A 1 1  ? -7.186  18.678  -29.258 1.00 114.59 ? 7   DG  B O6     1 
ATOM   15   N  N1     . DG  A 1 1  ? -6.067  20.550  -28.587 1.00 112.42 ? 7   DG  B N1     1 
ATOM   16   C  C2     . DG  A 1 1  ? -4.932  21.320  -28.454 1.00 122.65 ? 7   DG  B C2     1 
ATOM   17   N  N2     . DG  A 1 1  ? -5.085  22.505  -27.845 1.00 121.60 ? 7   DG  B N2     1 
ATOM   18   N  N3     . DG  A 1 1  ? -3.730  20.953  -28.890 1.00 118.37 ? 7   DG  B N3     1 
ATOM   19   C  C4     . DG  A 1 1  ? -3.762  19.730  -29.479 1.00 119.96 ? 7   DG  B C4     1 
ATOM   20   H  "H5'"  . DG  A 1 1  ? 1.174   17.405  -32.254 1.00 186.01 ? 7   DG  B "H5'"  1 
ATOM   21   H  "H5''" . DG  A 1 1  ? 2.304   17.418  -31.150 1.00 186.01 ? 7   DG  B "H5''" 1 
ATOM   22   H  "H4'"  . DG  A 1 1  ? 1.226   19.456  -31.064 1.00 184.12 ? 7   DG  B "H4'"  1 
ATOM   23   H  "H3'"  . DG  A 1 1  ? 0.832   17.848  -28.824 1.00 199.06 ? 7   DG  B "H3'"  1 
ATOM   24   H  "H2'"  . DG  A 1 1  ? -1.043  18.799  -28.189 1.00 180.35 ? 7   DG  B "H2'"  1 
ATOM   25   H  "H2''" . DG  A 1 1  ? -0.409  20.248  -28.380 1.00 180.35 ? 7   DG  B "H2''" 1 
ATOM   26   H  "H1'"  . DG  A 1 1  ? -1.306  20.476  -30.362 1.00 154.68 ? 7   DG  B "H1'"  1 
ATOM   27   H  H8     . DG  A 1 1  ? -2.647  17.242  -30.928 1.00 141.04 ? 7   DG  B H8     1 
ATOM   28   H  H1     . DG  A 1 1  ? -6.803  20.869  -28.276 1.00 134.92 ? 7   DG  B H1     1 
ATOM   29   H  H21    . DG  A 1 1  ? -4.410  23.028  -27.745 1.00 145.94 ? 7   DG  B H21    1 
ATOM   30   H  H22    . DG  A 1 1  ? -5.859  22.743  -27.554 1.00 145.94 ? 7   DG  B H22    1 
ATOM   31   H  "HO5'" . DG  A 1 1  ? 1.266   15.704  -30.305 1.00 197.04 ? 7   DG  B "HO5'" 1 
ATOM   32   P  P      . DA  A 1 2  ? 2.237   19.524  -27.164 1.00 169.27 ? 8   DA  B P      1 
ATOM   33   O  OP1    . DA  A 1 2  ? 3.610   20.057  -27.017 1.00 149.78 ? 8   DA  B OP1    1 
ATOM   34   O  OP2    . DA  A 1 2  ? 1.885   18.185  -26.633 1.00 154.17 ? 8   DA  B OP2    1 
ATOM   35   O  "O5'"  . DA  A 1 2  ? 1.204   20.574  -26.542 1.00 158.10 ? 8   DA  B "O5'"  1 
ATOM   36   C  "C5'"  . DA  A 1 2  ? 1.184   20.794  -25.142 1.00 156.52 ? 8   DA  B "C5'"  1 
ATOM   37   C  "C4'"  . DA  A 1 2  ? 0.365   22.017  -24.790 1.00 142.12 ? 8   DA  B "C4'"  1 
ATOM   38   O  "O4'"  . DA  A 1 2  ? -0.882  21.996  -25.522 1.00 143.78 ? 8   DA  B "O4'"  1 
ATOM   39   C  "C3'"  . DA  A 1 2  ? -0.027  22.113  -23.330 1.00 148.44 ? 8   DA  B "C3'"  1 
ATOM   40   O  "O3'"  . DA  A 1 2  ? -0.105  23.466  -22.923 1.00 150.52 ? 8   DA  B "O3'"  1 
ATOM   41   C  "C2'"  . DA  A 1 2  ? -1.380  21.411  -23.271 1.00 140.38 ? 8   DA  B "C2'"  1 
ATOM   42   C  "C1'"  . DA  A 1 2  ? -1.934  21.538  -24.688 1.00 132.86 ? 8   DA  B "C1'"  1 
ATOM   43   N  N9     . DA  A 1 2  ? -2.433  20.287  -25.239 1.00 128.45 ? 8   DA  B N9     1 
ATOM   44   C  C8     . DA  A 1 2  ? -1.694  19.279  -25.787 1.00 130.11 ? 8   DA  B C8     1 
ATOM   45   N  N7     . DA  A 1 2  ? -2.413  18.271  -26.222 1.00 129.41 ? 8   DA  B N7     1 
ATOM   46   C  C5     . DA  A 1 2  ? -3.715  18.645  -25.940 1.00 125.74 ? 8   DA  B C5     1 
ATOM   47   C  C6     . DA  A 1 2  ? -4.953  18.006  -26.153 1.00 125.97 ? 8   DA  B C6     1 
ATOM   48   N  N6     . DA  A 1 2  ? -5.071  16.802  -26.727 1.00 127.04 ? 8   DA  B N6     1 
ATOM   49   N  N1     . DA  A 1 2  ? -6.069  18.653  -25.752 1.00 120.13 ? 8   DA  B N1     1 
ATOM   50   C  C2     . DA  A 1 2  ? -5.943  19.856  -25.176 1.00 123.32 ? 8   DA  B C2     1 
ATOM   51   N  N3     . DA  A 1 2  ? -4.835  20.554  -24.923 1.00 123.95 ? 8   DA  B N3     1 
ATOM   52   C  C4     . DA  A 1 2  ? -3.747  19.886  -25.335 1.00 125.82 ? 8   DA  B C4     1 
ATOM   53   H  "H5'"  . DA  A 1 2  ? 2.094   20.920  -24.828 1.00 187.85 ? 8   DA  B "H5'"  1 
ATOM   54   H  "H5''" . DA  A 1 2  ? 0.802   20.018  -24.705 1.00 187.85 ? 8   DA  B "H5''" 1 
ATOM   55   H  "H4'"  . DA  A 1 2  ? 0.863   22.812  -25.037 1.00 170.56 ? 8   DA  B "H4'"  1 
ATOM   56   H  "H3'"  . DA  A 1 2  ? 0.616   21.637  -22.782 1.00 178.15 ? 8   DA  B "H3'"  1 
ATOM   57   H  "H2'"  . DA  A 1 2  ? -1.267  20.477  -23.035 1.00 168.48 ? 8   DA  B "H2'"  1 
ATOM   58   H  "H2''" . DA  A 1 2  ? -1.965  21.855  -22.638 1.00 168.48 ? 8   DA  B "H2''" 1 
ATOM   59   H  "H1'"  . DA  A 1 2  ? -2.648  22.194  -24.692 1.00 159.46 ? 8   DA  B "H1'"  1 
ATOM   60   H  H8     . DA  A 1 2  ? -0.768  19.307  -25.851 1.00 156.15 ? 8   DA  B H8     1 
ATOM   61   H  H61    . DA  A 1 2  ? -5.849  16.456  -26.845 1.00 152.46 ? 8   DA  B H61    1 
ATOM   62   H  H62    . DA  A 1 2  ? -4.367  16.375  -26.977 1.00 152.46 ? 8   DA  B H62    1 
ATOM   63   H  H2     . DA  A 1 2  ? -6.739  20.262  -24.917 1.00 148.00 ? 8   DA  B H2     1 
ATOM   64   P  P      . DA  A 1 3  ? 0.085   23.850  -21.376 1.00 164.26 ? 9   DA  B P      1 
ATOM   65   O  OP1    . DA  A 1 3  ? 0.232   25.319  -21.292 1.00 160.96 ? 9   DA  B OP1    1 
ATOM   66   O  OP2    . DA  A 1 3  ? 1.137   22.970  -20.820 1.00 155.14 ? 9   DA  B OP2    1 
ATOM   67   O  "O5'"  . DA  A 1 3  ? -1.306  23.449  -20.709 1.00 142.40 ? 9   DA  B "O5'"  1 
ATOM   68   C  "C5'"  . DA  A 1 3  ? -1.954  24.372  -19.860 1.00 143.29 ? 9   DA  B "C5'"  1 
ATOM   69   C  "C4'"  . DA  A 1 3  ? -3.326  23.874  -19.469 1.00 141.09 ? 9   DA  B "C4'"  1 
ATOM   70   O  "O4'"  . DA  A 1 3  ? -3.851  23.047  -20.525 1.00 142.60 ? 9   DA  B "O4'"  1 
ATOM   71   C  "C3'"  . DA  A 1 3  ? -3.349  23.006  -18.223 1.00 147.17 ? 9   DA  B "C3'"  1 
ATOM   72   O  "O3'"  . DA  A 1 3  ? -3.590  23.801  -17.048 1.00 148.42 ? 9   DA  B "O3'"  1 
ATOM   73   C  "C2'"  . DA  A 1 3  ? -4.457  21.978  -18.490 1.00 146.03 ? 9   DA  B "C2'"  1 
ATOM   74   C  "C1'"  . DA  A 1 3  ? -4.731  22.080  -19.991 1.00 145.55 ? 9   DA  B "C1'"  1 
ATOM   75   N  N9     . DA  A 1 3  ? -4.513  20.836  -20.725 1.00 141.67 ? 9   DA  B N9     1 
ATOM   76   C  C8     . DA  A 1 3  ? -3.309  20.312  -21.102 1.00 133.14 ? 9   DA  B C8     1 
ATOM   77   N  N7     . DA  A 1 3  ? -3.404  19.191  -21.773 1.00 130.55 ? 9   DA  B N7     1 
ATOM   78   C  C5     . DA  A 1 3  ? -4.766  18.957  -21.838 1.00 137.01 ? 9   DA  B C5     1 
ATOM   79   C  C6     . DA  A 1 3  ? -5.521  17.917  -22.417 1.00 141.21 ? 9   DA  B C6     1 
ATOM   80   N  N6     . DA  A 1 3  ? -4.971  16.881  -23.064 1.00 129.37 ? 9   DA  B N6     1 
ATOM   81   N  N1     . DA  A 1 3  ? -6.865  17.985  -22.305 1.00 140.32 ? 9   DA  B N1     1 
ATOM   82   C  C2     . DA  A 1 3  ? -7.407  19.026  -21.657 1.00 140.51 ? 9   DA  B C2     1 
ATOM   83   N  N3     . DA  A 1 3  ? -6.800  20.060  -21.071 1.00 140.67 ? 9   DA  B N3     1 
ATOM   84   C  C4     . DA  A 1 3  ? -5.467  19.964  -21.200 1.00 140.36 ? 9   DA  B C4     1 
ATOM   85   H  "H5'"  . DA  A 1 3  ? -2.042  25.221  -20.319 1.00 171.97 ? 9   DA  B "H5'"  1 
ATOM   86   H  "H5''" . DA  A 1 3  ? -1.421  24.497  -19.059 1.00 171.97 ? 9   DA  B "H5''" 1 
ATOM   87   H  "H4'"  . DA  A 1 3  ? -3.915  24.634  -19.338 1.00 169.33 ? 9   DA  B "H4'"  1 
ATOM   88   H  "H3'"  . DA  A 1 3  ? -2.499  22.547  -18.134 1.00 176.63 ? 9   DA  B "H3'"  1 
ATOM   89   H  "H2'"  . DA  A 1 3  ? -4.150  21.085  -18.264 1.00 175.26 ? 9   DA  B "H2'"  1 
ATOM   90   H  "H2''" . DA  A 1 3  ? -5.253  22.202  -17.986 1.00 175.26 ? 9   DA  B "H2''" 1 
ATOM   91   H  "H1'"  . DA  A 1 3  ? -5.646  22.372  -20.128 1.00 174.69 ? 9   DA  B "H1'"  1 
ATOM   92   H  H8     . DA  A 1 3  ? -2.496  20.719  -20.908 1.00 159.79 ? 9   DA  B H8     1 
ATOM   93   H  H61    . DA  A 1 3  ? -5.474  16.269  -23.400 1.00 155.27 ? 9   DA  B H61    1 
ATOM   94   H  H62    . DA  A 1 3  ? -4.117  16.829  -23.145 1.00 155.27 ? 9   DA  B H62    1 
ATOM   95   H  H2     . DA  A 1 3  ? -8.336  19.026  -21.607 1.00 168.64 ? 9   DA  B H2     1 
ATOM   96   P  P      . DC  A 1 4  ? -4.990  24.563  -16.819 1.00 160.03 ? 10  DC  B P      1 
ATOM   97   O  OP1    . DC  A 1 4  ? -5.623  24.908  -18.109 1.00 162.27 ? 10  DC  B OP1    1 
ATOM   98   O  OP2    . DC  A 1 4  ? -4.733  25.617  -15.814 1.00 170.64 ? 10  DC  B OP2    1 
ATOM   99   O  "O5'"  . DC  A 1 4  ? -5.924  23.455  -16.159 1.00 162.42 ? 10  DC  B "O5'"  1 
ATOM   100  C  "C5'"  . DC  A 1 4  ? -7.333  23.639  -16.141 1.00 163.89 ? 10  DC  B "C5'"  1 
ATOM   101  C  "C4'"  . DC  A 1 4  ? -8.041  22.325  -15.889 1.00 160.02 ? 10  DC  B "C4'"  1 
ATOM   102  O  "O4'"  . DC  A 1 4  ? -7.849  21.452  -17.021 1.00 153.13 ? 10  DC  B "O4'"  1 
ATOM   103  C  "C3'"  . DC  A 1 4  ? -7.504  21.524  -14.711 1.00 154.39 ? 10  DC  B "C3'"  1 
ATOM   104  O  "O3'"  . DC  A 1 4  ? -8.090  21.933  -13.424 1.00 160.31 ? 10  DC  B "O3'"  1 
ATOM   105  C  "C2'"  . DC  A 1 4  ? -7.831  20.079  -15.094 1.00 145.29 ? 10  DC  B "C2'"  1 
ATOM   106  C  "C1'"  . DC  A 1 4  ? -8.088  20.126  -16.604 1.00 142.33 ? 10  DC  B "C1'"  1 
ATOM   107  N  N1     . DC  A 1 4  ? -7.205  19.193  -17.384 1.00 135.41 ? 10  DC  B N1     1 
ATOM   108  C  C2     . DC  A 1 4  ? -7.772  18.138  -18.104 1.00 133.74 ? 10  DC  B C2     1 
ATOM   109  O  O2     . DC  A 1 4  ? -9.002  18.004  -18.111 1.00 135.53 ? 10  DC  B O2     1 
ATOM   110  N  N3     . DC  A 1 4  ? -6.956  17.292  -18.788 1.00 126.33 ? 10  DC  B N3     1 
ATOM   111  C  C4     . DC  A 1 4  ? -5.634  17.470  -18.755 1.00 128.46 ? 10  DC  B C4     1 
ATOM   112  N  N4     . DC  A 1 4  ? -4.869  16.613  -19.441 1.00 123.21 ? 10  DC  B N4     1 
ATOM   113  C  C5     . DC  A 1 4  ? -5.039  18.530  -18.017 1.00 132.18 ? 10  DC  B C5     1 
ATOM   114  C  C6     . DC  A 1 4  ? -5.852  19.356  -17.347 1.00 133.21 ? 10  DC  B C6     1 
ATOM   115  H  "H5'"  . DC  A 1 4  ? -7.619  23.999  -16.995 1.00 196.69 ? 10  DC  B "H5'"  1 
ATOM   116  H  "H5''" . DC  A 1 4  ? -7.564  24.266  -15.438 1.00 196.69 ? 10  DC  B "H5''" 1 
ATOM   117  H  "H4'"  . DC  A 1 4  ? -8.989  22.487  -15.764 1.00 192.04 ? 10  DC  B "H4'"  1 
ATOM   118  H  "H3'"  . DC  A 1 4  ? -6.541  21.630  -14.669 1.00 185.29 ? 10  DC  B "H3'"  1 
ATOM   119  H  "H2'"  . DC  A 1 4  ? -7.079  19.500  -14.897 1.00 174.37 ? 10  DC  B "H2'"  1 
ATOM   120  H  "H2''" . DC  A 1 4  ? -8.625  19.776  -14.625 1.00 174.37 ? 10  DC  B "H2''" 1 
ATOM   121  H  "H1'"  . DC  A 1 4  ? -9.016  19.901  -16.775 1.00 170.82 ? 10  DC  B "H1'"  1 
ATOM   122  H  H41    . DC  A 1 4  ? -4.014  16.709  -19.445 1.00 147.87 ? 10  DC  B H41    1 
ATOM   123  H  H42    . DC  A 1 4  ? -5.232  15.966  -19.876 1.00 147.87 ? 10  DC  B H42    1 
ATOM   124  H  H5     . DC  A 1 4  ? -4.117  18.646  -18.000 1.00 158.64 ? 10  DC  B H5     1 
ATOM   125  H  H6     . DC  A 1 4  ? -5.488  20.057  -16.857 1.00 159.88 ? 10  DC  B H6     1 
ATOM   126  P  P      . DG  A 1 5  ? -9.677  21.898  -13.116 1.00 177.27 ? 11  DG  B P      1 
ATOM   127  O  OP1    . DG  A 1 5  ? -10.413 22.681  -14.128 1.00 179.39 ? 11  DG  B OP1    1 
ATOM   128  O  OP2    . DG  A 1 5  ? -9.817  22.262  -11.689 1.00 179.89 ? 11  DG  B OP2    1 
ATOM   129  O  "O5'"  . DG  A 1 5  ? -10.095 20.363  -13.241 1.00 151.35 ? 11  DG  B "O5'"  1 
ATOM   130  C  "C5'"  . DG  A 1 5  ? -11.442 20.029  -13.541 1.00 147.73 ? 11  DG  B "C5'"  1 
ATOM   131  C  "C4'"  . DG  A 1 5  ? -11.596 18.541  -13.780 1.00 158.61 ? 11  DG  B "C4'"  1 
ATOM   132  O  "O4'"  . DG  A 1 5  ? -10.488 18.062  -14.566 1.00 157.67 ? 11  DG  B "O4'"  1 
ATOM   133  C  "C3'"  . DG  A 1 5  ? -11.607 17.697  -12.512 1.00 158.14 ? 11  DG  B "C3'"  1 
ATOM   134  O  "O3'"  . DG  A 1 5  ? -12.943 17.332  -12.196 1.00 150.28 ? 11  DG  B "O3'"  1 
ATOM   135  C  "C2'"  . DG  A 1 5  ? -10.723 16.482  -12.830 1.00 154.11 ? 11  DG  B "C2'"  1 
ATOM   136  C  "C1'"  . DG  A 1 5  ? -10.242 16.708  -14.263 1.00 143.59 ? 11  DG  B "C1'"  1 
ATOM   137  N  N9     . DG  A 1 5  ? -8.819  16.469  -14.482 1.00 125.96 ? 11  DG  B N9     1 
ATOM   138  C  C8     . DG  A 1 5  ? -7.785  17.228  -14.007 1.00 131.42 ? 11  DG  B C8     1 
ATOM   139  N  N7     . DG  A 1 5  ? -6.610  16.819  -14.397 1.00 130.87 ? 11  DG  B N7     1 
ATOM   140  C  C5     . DG  A 1 5  ? -6.881  15.710  -15.186 1.00 128.46 ? 11  DG  B C5     1 
ATOM   141  C  C6     . DG  A 1 5  ? -5.996  14.844  -15.876 1.00 130.65 ? 11  DG  B C6     1 
ATOM   142  O  O6     . DG  A 1 5  ? -4.755  14.890  -15.924 1.00 130.67 ? 11  DG  B O6     1 
ATOM   143  N  N1     . DG  A 1 5  ? -6.684  13.842  -16.557 1.00 126.68 ? 11  DG  B N1     1 
ATOM   144  C  C2     . DG  A 1 5  ? -8.054  13.698  -16.569 1.00 134.92 ? 11  DG  B C2     1 
ATOM   145  N  N2     . DG  A 1 5  ? -8.539  12.674  -17.282 1.00 143.82 ? 11  DG  B N2     1 
ATOM   146  N  N3     . DG  A 1 5  ? -8.894  14.505  -15.925 1.00 129.34 ? 11  DG  B N3     1 
ATOM   147  C  C4     . DG  A 1 5  ? -8.239  15.484  -15.258 1.00 126.79 ? 11  DG  B C4     1 
ATOM   148  H  "H5'"  . DG  A 1 5  ? -11.719 20.509  -14.339 1.00 177.30 ? 11  DG  B "H5'"  1 
ATOM   149  H  "H5''" . DG  A 1 5  ? -12.009 20.293  -12.800 1.00 177.30 ? 11  DG  B "H5''" 1 
ATOM   150  H  "H4'"  . DG  A 1 5  ? -12.418 18.384  -14.269 1.00 190.35 ? 11  DG  B "H4'"  1 
ATOM   151  H  "H3'"  . DG  A 1 5  ? -11.222 18.202  -11.779 1.00 189.79 ? 11  DG  B "H3'"  1 
ATOM   152  H  "H2'"  . DG  A 1 5  ? -9.966  16.449  -12.223 1.00 184.95 ? 11  DG  B "H2'"  1 
ATOM   153  H  "H2''" . DG  A 1 5  ? -11.239 15.664  -12.773 1.00 184.95 ? 11  DG  B "H2''" 1 
ATOM   154  H  "H1'"  . DG  A 1 5  ? -10.758 16.148  -14.864 1.00 172.33 ? 11  DG  B "H1'"  1 
ATOM   155  H  H8     . DG  A 1 5  ? -7.909  17.976  -13.467 1.00 157.73 ? 11  DG  B H8     1 
ATOM   156  H  H1     . DG  A 1 5  ? -6.219  13.272  -17.003 1.00 152.04 ? 11  DG  B H1     1 
ATOM   157  H  H21    . DG  A 1 5  ? -9.388  12.541  -17.321 1.00 172.60 ? 11  DG  B H21    1 
ATOM   158  H  H22    . DG  A 1 5  ? -8.002  12.148  -17.701 1.00 172.60 ? 11  DG  B H22    1 
ATOM   159  P  P      . DA  A 1 6  ? -13.285 16.588  -10.815 1.00 162.48 ? 12  DA  B P      1 
ATOM   160  O  OP1    . DA  A 1 6  ? -14.610 17.054  -10.353 1.00 173.73 ? 12  DA  B OP1    1 
ATOM   161  O  OP2    . DA  A 1 6  ? -12.116 16.727  -9.920  1.00 172.16 ? 12  DA  B OP2    1 
ATOM   162  O  "O5'"  . DA  A 1 6  ? -13.398 15.055  -11.240 1.00 157.92 ? 12  DA  B "O5'"  1 
ATOM   163  C  "C5'"  . DA  A 1 6  ? -14.139 14.688  -12.396 1.00 147.27 ? 12  DA  B "C5'"  1 
ATOM   164  C  "C4'"  . DA  A 1 6  ? -13.950 13.220  -12.699 1.00 158.03 ? 12  DA  B "C4'"  1 
ATOM   165  O  "O4'"  . DA  A 1 6  ? -12.642 13.013  -13.316 1.00 154.64 ? 12  DA  B "O4'"  1 
ATOM   166  C  "C3'"  . DA  A 1 6  ? -13.970 12.322  -11.466 1.00 162.29 ? 12  DA  B "C3'"  1 
ATOM   167  O  "O3'"  . DA  A 1 6  ? -14.556 11.054  -11.768 1.00 180.47 ? 12  DA  B "O3'"  1 
ATOM   168  C  "C2'"  . DA  A 1 6  ? -12.492 12.231  -11.120 1.00 154.31 ? 12  DA  B "C2'"  1 
ATOM   169  C  "C1'"  . DA  A 1 6  ? -11.865 12.150  -12.502 1.00 141.79 ? 12  DA  B "C1'"  1 
ATOM   170  N  N9     . DA  A 1 6  ? -10.464 12.565  -12.559 1.00 136.89 ? 12  DA  B N9     1 
ATOM   171  C  C8     . DA  A 1 6  ? -9.892  13.647  -11.949 1.00 132.01 ? 12  DA  B C8     1 
ATOM   172  N  N7     . DA  A 1 6  ? -8.608  13.776  -12.189 1.00 122.76 ? 12  DA  B N7     1 
ATOM   173  C  C5     . DA  A 1 6  ? -8.314  12.695  -13.001 1.00 121.74 ? 12  DA  B C5     1 
ATOM   174  C  C6     . DA  A 1 6  ? -7.118  12.259  -13.600 1.00 120.20 ? 12  DA  B C6     1 
ATOM   175  N  N6     . DA  A 1 6  ? -5.953  12.894  -13.453 1.00 120.00 ? 12  DA  B N6     1 
ATOM   176  N  N1     . DA  A 1 6  ? -7.167  11.139  -14.353 1.00 126.59 ? 12  DA  B N1     1 
ATOM   177  C  C2     . DA  A 1 6  ? -8.341  10.507  -14.495 1.00 129.49 ? 12  DA  B C2     1 
ATOM   178  N  N3     . DA  A 1 6  ? -9.529  10.823  -13.982 1.00 131.45 ? 12  DA  B N3     1 
ATOM   179  C  C4     . DA  A 1 6  ? -9.446  11.938  -13.238 1.00 133.24 ? 12  DA  B C4     1 
ATOM   180  H  "H5'"  . DA  A 1 6  ? -13.834 15.213  -13.152 1.00 176.74 ? 12  DA  B "H5'"  1 
ATOM   181  H  "H5''" . DA  A 1 6  ? -15.080 14.866  -12.243 1.00 176.74 ? 12  DA  B "H5''" 1 
ATOM   182  H  "H4'"  . DA  A 1 6  ? -14.641 12.930  -13.314 1.00 189.66 ? 12  DA  B "H4'"  1 
ATOM   183  H  "H3'"  . DA  A 1 6  ? -14.456 12.754  -10.746 1.00 194.77 ? 12  DA  B "H3'"  1 
ATOM   184  H  "H2'"  . DA  A 1 6  ? -12.196 13.026  -10.650 1.00 185.20 ? 12  DA  B "H2'"  1 
ATOM   185  H  "H2''" . DA  A 1 6  ? -12.305 11.429  -10.606 1.00 185.20 ? 12  DA  B "H2''" 1 
ATOM   186  H  "H1'"  . DA  A 1 6  ? -11.943 11.242  -12.834 1.00 170.17 ? 12  DA  B "H1'"  1 
ATOM   187  H  H8     . DA  A 1 6  ? -10.374 14.247  -11.425 1.00 158.43 ? 12  DA  B H8     1 
ATOM   188  H  H61    . DA  A 1 6  ? -5.249  12.601  -13.853 1.00 144.02 ? 12  DA  B H61    1 
ATOM   189  H  H62    . DA  A 1 6  ? -5.905  13.596  -12.958 1.00 144.02 ? 12  DA  B H62    1 
ATOM   190  H  H2     . DA  A 1 6  ? -8.323  9.743   -15.025 1.00 155.40 ? 12  DA  B H2     1 
ATOM   191  P  P      . DC  A 1 7  ? -14.987 10.045  -10.591 1.00 181.64 ? 13  DC  B P      1 
ATOM   192  O  OP1    . DC  A 1 7  ? -16.411 9.690   -10.800 1.00 169.07 ? 13  DC  B OP1    1 
ATOM   193  O  OP2    . DC  A 1 7  ? -14.571 10.658  -9.309  1.00 171.44 ? 13  DC  B OP2    1 
ATOM   194  O  "O5'"  . DC  A 1 7  ? -14.061 8.763   -10.845 1.00 153.45 ? 13  DC  B "O5'"  1 
ATOM   195  C  "C5'"  . DC  A 1 7  ? -12.690 8.951   -11.141 1.00 146.24 ? 13  DC  B "C5'"  1 
ATOM   196  C  "C4'"  . DC  A 1 7  ? -12.104 7.761   -11.855 1.00 154.50 ? 13  DC  B "C4'"  1 
ATOM   197  O  "O4'"  . DC  A 1 7  ? -10.838 8.150   -12.459 1.00 144.38 ? 13  DC  B "O4'"  1 
ATOM   198  C  "C3'"  . DC  A 1 7  ? -11.788 6.577   -10.958 1.00 158.63 ? 13  DC  B "C3'"  1 
ATOM   199  O  "O3'"  . DC  A 1 7  ? -11.958 5.352   -11.667 1.00 169.03 ? 13  DC  B "O3'"  1 
ATOM   200  C  "C2'"  . DC  A 1 7  ? -10.344 6.849   -10.552 1.00 158.21 ? 13  DC  B "C2'"  1 
ATOM   201  C  "C1'"  . DC  A 1 7  ? -9.759  7.519   -11.792 1.00 138.41 ? 13  DC  B "C1'"  1 
ATOM   202  N  N1     . DC  A 1 7  ? -8.704  8.552   -11.481 1.00 130.30 ? 13  DC  B N1     1 
ATOM   203  C  C2     . DC  A 1 7  ? -7.409  8.422   -12.017 1.00 126.72 ? 13  DC  B C2     1 
ATOM   204  O  O2     . DC  A 1 7  ? -7.151  7.463   -12.756 1.00 125.81 ? 13  DC  B O2     1 
ATOM   205  N  N3     . DC  A 1 7  ? -6.475  9.362   -11.717 1.00 110.56 ? 13  DC  B N3     1 
ATOM   206  C  C4     . DC  A 1 7  ? -6.789  10.384  -10.916 1.00 110.54 ? 13  DC  B C4     1 
ATOM   207  N  N4     . DC  A 1 7  ? -5.837  11.281  -10.648 1.00 97.70  ? 13  DC  B N4     1 
ATOM   208  C  C5     . DC  A 1 7  ? -8.093  10.529  -10.354 1.00 114.75 ? 13  DC  B C5     1 
ATOM   209  C  C6     . DC  A 1 7  ? -9.009  9.601   -10.658 1.00 118.99 ? 13  DC  B C6     1 
ATOM   210  H  "H5'"  . DC  A 1 7  ? -12.204 9.093   -10.312 1.00 175.51 ? 13  DC  B "H5'"  1 
ATOM   211  H  "H5''" . DC  A 1 7  ? -12.592 9.736   -11.701 1.00 175.51 ? 13  DC  B "H5''" 1 
ATOM   212  H  "H4'"  . DC  A 1 7  ? -12.716 7.478   -12.553 1.00 185.42 ? 13  DC  B "H4'"  1 
ATOM   213  H  "H3'"  . DC  A 1 7  ? -12.362 6.592   -10.175 1.00 190.38 ? 13  DC  B "H3'"  1 
ATOM   214  H  "H2'"  . DC  A 1 7  ? -10.309 7.448   -9.790  1.00 189.87 ? 13  DC  B "H2'"  1 
ATOM   215  H  "H2''" . DC  A 1 7  ? -9.880  6.018   -10.360 1.00 189.87 ? 13  DC  B "H2''" 1 
ATOM   216  H  "H1'"  . DC  A 1 7  ? -9.379  6.840   -12.372 1.00 166.11 ? 13  DC  B "H1'"  1 
ATOM   217  H  H41    . DC  A 1 7  ? -6.009  11.950  -10.136 1.00 117.26 ? 13  DC  B H41    1 
ATOM   218  H  H42    . DC  A 1 7  ? -5.052  11.192  -10.990 1.00 117.26 ? 13  DC  B H42    1 
ATOM   219  H  H5     . DC  A 1 7  ? -8.301  11.246  -9.800  1.00 137.72 ? 13  DC  B H5     1 
ATOM   220  H  H6     . DC  A 1 7  ? -9.866  9.673   -10.306 1.00 142.81 ? 13  DC  B H6     1 
ATOM   221  P  P      . DA  A 1 8  ? -11.316 3.989   -11.111 1.00 172.41 ? 14  DA  B P      1 
ATOM   222  O  OP1    . DA  A 1 8  ? -11.958 2.856   -11.815 1.00 160.05 ? 14  DA  B OP1    1 
ATOM   223  O  OP2    . DA  A 1 8  ? -11.313 4.057   -9.633  1.00 156.66 ? 14  DA  B OP2    1 
ATOM   224  O  "O5'"  . DA  A 1 8  ? -9.800  4.089   -11.588 1.00 144.91 ? 14  DA  B "O5'"  1 
ATOM   225  C  "C5'"  . DA  A 1 8  ? -8.800  3.358   -10.924 1.00 133.41 ? 14  DA  B "C5'"  1 
ATOM   226  C  "C4'"  . DA  A 1 8  ? -7.552  3.295   -11.771 1.00 144.95 ? 14  DA  B "C4'"  1 
ATOM   227  O  "O4'"  . DA  A 1 8  ? -6.921  4.602   -11.787 1.00 140.29 ? 14  DA  B "O4'"  1 
ATOM   228  C  "C3'"  . DA  A 1 8  ? -6.508  2.300   -11.282 1.00 147.59 ? 14  DA  B "C3'"  1 
ATOM   229  O  "O3'"  . DA  A 1 8  ? -6.090  1.463   -12.344 1.00 151.70 ? 14  DA  B "O3'"  1 
ATOM   230  C  "C2'"  . DA  A 1 8  ? -5.374  3.166   -10.732 1.00 134.38 ? 14  DA  B "C2'"  1 
ATOM   231  C  "C1'"  . DA  A 1 8  ? -5.560  4.512   -11.421 1.00 135.39 ? 14  DA  B "C1'"  1 
ATOM   232  N  N9     . DA  A 1 8  ? -5.239  5.661   -10.567 1.00 129.69 ? 14  DA  B N9     1 
ATOM   233  C  C8     . DA  A 1 8  ? -6.107  6.354   -9.762  1.00 121.78 ? 14  DA  B C8     1 
ATOM   234  N  N7     . DA  A 1 8  ? -5.547  7.346   -9.107  1.00 114.74 ? 14  DA  B N7     1 
ATOM   235  C  C5     . DA  A 1 8  ? -4.218  7.307   -9.508  1.00 114.91 ? 14  DA  B C5     1 
ATOM   236  C  C6     . DA  A 1 8  ? -3.097  8.100   -9.168  1.00 107.96 ? 14  DA  B C6     1 
ATOM   237  N  N6     . DA  A 1 8  ? -3.153  9.128   -8.310  1.00 101.51 ? 14  DA  B N6     1 
ATOM   238  N  N1     . DA  A 1 8  ? -1.914  7.795   -9.746  1.00 107.97 ? 14  DA  B N1     1 
ATOM   239  C  C2     . DA  A 1 8  ? -1.860  6.763   -10.602 1.00 113.99 ? 14  DA  B C2     1 
ATOM   240  N  N3     . DA  A 1 8  ? -2.843  5.947   -10.999 1.00 114.69 ? 14  DA  B N3     1 
ATOM   241  C  C4     . DA  A 1 8  ? -4.008  6.273   -10.407 1.00 119.60 ? 14  DA  B C4     1 
ATOM   242  H  "H5'"  . DA  A 1 8  ? -9.120  2.458   -10.754 1.00 160.11 ? 14  DA  B "H5'"  1 
ATOM   243  H  "H5''" . DA  A 1 8  ? -8.594  3.789   -10.080 1.00 160.11 ? 14  DA  B "H5''" 1 
ATOM   244  H  "H4'"  . DA  A 1 8  ? -7.803  3.059   -12.678 1.00 173.96 ? 14  DA  B "H4'"  1 
ATOM   245  H  "H3'"  . DA  A 1 8  ? -6.881  1.760   -10.568 1.00 177.13 ? 14  DA  B "H3'"  1 
ATOM   246  H  "H2'"  . DA  A 1 8  ? -5.457  3.263   -9.771  1.00 161.27 ? 14  DA  B "H2'"  1 
ATOM   247  H  "H2''" . DA  A 1 8  ? -4.513  2.783   -10.963 1.00 161.27 ? 14  DA  B "H2''" 1 
ATOM   248  H  "H1'"  . DA  A 1 8  ? -5.011  4.541   -12.219 1.00 162.49 ? 14  DA  B "H1'"  1 
ATOM   249  H  H8     . DA  A 1 8  ? -7.008  6.140   -9.686  1.00 146.16 ? 14  DA  B H8     1 
ATOM   250  H  H61    . DA  A 1 8  ? -2.444  9.583   -8.136  1.00 121.83 ? 14  DA  B H61    1 
ATOM   251  H  H62    . DA  A 1 8  ? -3.898  9.332   -7.932  1.00 121.83 ? 14  DA  B H62    1 
ATOM   252  H  H2     . DA  A 1 8  ? -1.025  6.595   -10.974 1.00 136.81 ? 14  DA  B H2     1 
ATOM   253  P  P      . DC  A 1 9  ? -5.094  0.240   -12.057 1.00 162.15 ? 15  DC  B P      1 
ATOM   254  O  OP1    . DC  A 1 9  ? -5.366  -0.812  -13.062 1.00 171.22 ? 15  DC  B OP1    1 
ATOM   255  O  OP2    . DC  A 1 9  ? -5.165  -0.076  -10.614 1.00 158.45 ? 15  DC  B OP2    1 
ATOM   256  O  "O5'"  . DC  A 1 9  ? -3.657  0.863   -12.335 1.00 144.75 ? 15  DC  B "O5'"  1 
ATOM   257  C  "C5'"  . DC  A 1 9  ? -2.510  0.201   -11.865 1.00 154.04 ? 15  DC  B "C5'"  1 
ATOM   258  C  "C4'"  . DC  A 1 9  ? -1.408  1.191   -11.565 1.00 157.57 ? 15  DC  B "C4'"  1 
ATOM   259  O  "O4'"  . DC  A 1 9  ? -1.960  2.353   -10.905 1.00 154.79 ? 15  DC  B "O4'"  1 
ATOM   260  C  "C3'"  . DC  A 1 9  ? -0.311  0.663   -10.639 1.00 161.40 ? 15  DC  B "C3'"  1 
ATOM   261  O  "O3'"  . DC  A 1 9  ? 0.908   0.541   -11.353 1.00 175.82 ? 15  DC  B "O3'"  1 
ATOM   262  C  "C2'"  . DC  A 1 9  ? -0.228  1.693   -9.499  1.00 147.44 ? 15  DC  B "C2'"  1 
ATOM   263  C  "C1'"  . DC  A 1 9  ? -0.975  2.889   -10.056 1.00 146.93 ? 15  DC  B "C1'"  1 
ATOM   264  N  N1     . DC  A 1 9  ? -1.642  3.743   -9.028  1.00 129.60 ? 15  DC  B N1     1 
ATOM   265  C  C2     . DC  A 1 9  ? -0.902  4.719   -8.344  1.00 111.23 ? 15  DC  B C2     1 
ATOM   266  O  O2     . DC  A 1 9  ? 0.305   4.842   -8.583  1.00 114.25 ? 15  DC  B O2     1 
ATOM   267  N  N3     . DC  A 1 9  ? -1.534  5.490   -7.423  1.00 94.25  ? 15  DC  B N3     1 
ATOM   268  C  C4     . DC  A 1 9  ? -2.838  5.322   -7.192  1.00 105.57 ? 15  DC  B C4     1 
ATOM   269  N  N4     . DC  A 1 9  ? -3.423  6.108   -6.282  1.00 102.46 ? 15  DC  B N4     1 
ATOM   270  C  C5     . DC  A 1 9  ? -3.606  4.339   -7.887  1.00 105.07 ? 15  DC  B C5     1 
ATOM   271  C  C6     . DC  A 1 9  ? -2.970  3.583   -8.786  1.00 117.98 ? 15  DC  B C6     1 
ATOM   272  H  "H5'"  . DC  A 1 9  ? -2.202  -0.424  -12.541 1.00 184.86 ? 15  DC  B "H5'"  1 
ATOM   273  H  "H5''" . DC  A 1 9  ? -2.731  -0.286  -11.057 1.00 184.86 ? 15  DC  B "H5''" 1 
ATOM   274  H  "H4'"  . DC  A 1 9  ? -1.002  1.471   -12.401 1.00 189.11 ? 15  DC  B "H4'"  1 
ATOM   275  H  "H3'"  . DC  A 1 9  ? -0.571  -0.201  -10.282 1.00 193.71 ? 15  DC  B "H3'"  1 
ATOM   276  H  "H2'"  . DC  A 1 9  ? -0.668  1.357   -8.701  1.00 176.94 ? 15  DC  B "H2'"  1 
ATOM   277  H  "H2''" . DC  A 1 9  ? 0.695   1.923   -9.311  1.00 176.94 ? 15  DC  B "H2''" 1 
ATOM   278  H  "H1'"  . DC  A 1 9  ? -0.365  3.434   -10.579 1.00 176.33 ? 15  DC  B "H1'"  1 
ATOM   279  H  H41    . DC  A 1 9  ? -4.269  6.043   -6.138  1.00 122.97 ? 15  DC  B H41    1 
ATOM   280  H  H42    . DC  A 1 9  ? -2.954  6.678   -5.841  1.00 122.97 ? 15  DC  B H42    1 
ATOM   281  H  H5     . DC  A 1 9  ? -4.514  4.228   -7.720  1.00 126.11 ? 15  DC  B H5     1 
ATOM   282  H  H6     . DC  A 1 9  ? -3.445  2.938   -9.258  1.00 141.59 ? 15  DC  B H6     1 
ATOM   283  P  P      . DT  A 1 10 ? 2.180   -0.159  -10.672 1.00 178.79 ? 16  DT  B P      1 
ATOM   284  O  OP1    . DT  A 1 10 ? 3.156   -0.473  -11.742 1.00 166.79 ? 16  DT  B OP1    1 
ATOM   285  O  OP2    . DT  A 1 10 ? 1.678   -1.232  -9.784  1.00 177.90 ? 16  DT  B OP2    1 
ATOM   286  O  "O5'"  . DT  A 1 10 ? 2.782   0.993   -9.752  1.00 143.60 ? 16  DT  B "O5'"  1 
ATOM   287  C  "C5'"  . DT  A 1 10 ? 3.218   2.204   -10.338 1.00 151.06 ? 16  DT  B "C5'"  1 
ATOM   288  C  "C4'"  . DT  A 1 10 ? 4.258   2.861   -9.463  1.00 155.16 ? 16  DT  B "C4'"  1 
ATOM   289  O  "O4'"  . DT  A 1 10 ? 3.611   3.775   -8.525  1.00 149.18 ? 16  DT  B "O4'"  1 
ATOM   290  C  "C3'"  . DT  A 1 10 ? 5.056   1.892   -8.598  1.00 147.32 ? 16  DT  B "C3'"  1 
ATOM   291  O  "O3'"  . DT  A 1 10 ? 6.401   2.337   -8.491  1.00 152.81 ? 16  DT  B "O3'"  1 
ATOM   292  C  "C2'"  . DT  A 1 10 ? 4.297   1.945   -7.274  1.00 145.33 ? 16  DT  B "C2'"  1 
ATOM   293  C  "C1'"  . DT  A 1 10 ? 3.978   3.424   -7.200  1.00 142.61 ? 16  DT  B "C1'"  1 
ATOM   294  N  N1     . DT  A 1 10 ? 2.855   3.826   -6.266  1.00 129.81 ? 16  DT  B N1     1 
ATOM   295  C  C2     . DT  A 1 10 ? 3.080   4.844   -5.362  1.00 119.11 ? 16  DT  B C2     1 
ATOM   296  O  O2     . DT  A 1 10 ? 4.153   5.417   -5.254  1.00 122.90 ? 16  DT  B O2     1 
ATOM   297  N  N3     . DT  A 1 10 ? 2.007   5.168   -4.578  1.00 103.59 ? 16  DT  B N3     1 
ATOM   298  C  C4     . DT  A 1 10 ? 0.748   4.600   -4.607  1.00 109.96 ? 16  DT  B C4     1 
ATOM   299  O  O4     . DT  A 1 10 ? -0.155  4.963   -3.855  1.00 107.14 ? 16  DT  B O4     1 
ATOM   300  C  C5     . DT  A 1 10 ? 0.566   3.547   -5.580  1.00 116.85 ? 16  DT  B C5     1 
ATOM   301  C  C7     . DT  A 1 10 ? -0.762  2.852   -5.686  1.00 106.83 ? 16  DT  B C7     1 
ATOM   302  C  C6     . DT  A 1 10 ? 1.616   3.214   -6.360  1.00 119.63 ? 16  DT  B C6     1 
ATOM   303  H  "H5'"  . DT  A 1 10 ? 2.462   2.801   -10.443 1.00 181.29 ? 16  DT  B "H5'"  1 
ATOM   304  H  "H5''" . DT  A 1 10 ? 3.603   2.018   -11.209 1.00 181.29 ? 16  DT  B "H5''" 1 
ATOM   305  H  "H4'"  . DT  A 1 10 ? 4.871   3.364   -10.023 1.00 186.21 ? 16  DT  B "H4'"  1 
ATOM   306  H  "H3'"  . DT  A 1 10 ? 5.022   0.998   -8.972  1.00 176.81 ? 16  DT  B "H3'"  1 
ATOM   307  H  "H2'"  . DT  A 1 10 ? 3.485   1.414   -7.315  1.00 174.41 ? 16  DT  B "H2'"  1 
ATOM   308  H  "H2''" . DT  A 1 10 ? 4.862   1.672   -6.534  1.00 174.41 ? 16  DT  B "H2''" 1 
ATOM   309  H  "H1'"  . DT  A 1 10 ? 4.781   3.909   -6.956  1.00 171.16 ? 16  DT  B "H1'"  1 
ATOM   310  H  H3     . DT  A 1 10 ? 2.129   5.798   -4.005  1.00 124.33 ? 16  DT  B H3     1 
ATOM   311  H  H71    . DT  A 1 10 ? -1.047  2.839   -6.612  1.00 128.22 ? 16  DT  B H71    1 
ATOM   312  H  H72    . DT  A 1 10 ? -0.676  1.942   -5.361  1.00 128.22 ? 16  DT  B H72    1 
ATOM   313  H  H73    . DT  A 1 10 ? -1.417  3.325   -5.151  1.00 128.22 ? 16  DT  B H73    1 
ATOM   314  H  H6     . DT  A 1 10 ? 1.504   2.537   -6.987  1.00 143.58 ? 16  DT  B H6     1 
ATOM   315  P  P      . DG  A 1 11 ? 7.596   1.301   -8.222  1.00 180.05 ? 17  DG  B P      1 
ATOM   316  O  OP1    . DG  A 1 11 ? 8.639   1.510   -9.253  1.00 171.44 ? 17  DG  B OP1    1 
ATOM   317  O  OP2    . DG  A 1 11 ? 6.995   -0.036  -8.015  1.00 167.01 ? 17  DG  B OP2    1 
ATOM   318  O  "O5'"  . DG  A 1 11 ? 8.170   1.787   -6.820  1.00 166.86 ? 17  DG  B "O5'"  1 
ATOM   319  C  "C5'"  . DG  A 1 11 ? 7.263   2.208   -5.830  1.00 149.93 ? 17  DG  B "C5'"  1 
ATOM   320  C  "C4'"  . DG  A 1 11 ? 7.983   2.749   -4.627  1.00 146.07 ? 17  DG  B "C4'"  1 
ATOM   321  O  "O4'"  . DG  A 1 11 ? 7.035   3.446   -3.790  1.00 143.54 ? 17  DG  B "O4'"  1 
ATOM   322  C  "C3'"  . DG  A 1 11 ? 8.609   1.694   -3.739  1.00 139.91 ? 17  DG  B "C3'"  1 
ATOM   323  O  "O3'"  . DG  A 1 11 ? 9.749   2.209   -3.076  1.00 146.71 ? 17  DG  B "O3'"  1 
ATOM   324  C  "C2'"  . DG  A 1 11 ? 7.475   1.334   -2.783  1.00 126.08 ? 17  DG  B "C2'"  1 
ATOM   325  C  "C1'"  . DG  A 1 11 ? 6.631   2.613   -2.722  1.00 127.55 ? 17  DG  B "C1'"  1 
ATOM   326  N  N9     . DG  A 1 11 ? 5.191   2.374   -2.823  1.00 119.06 ? 17  DG  B N9     1 
ATOM   327  C  C8     . DG  A 1 11 ? 4.553   1.400   -3.560  1.00 118.48 ? 17  DG  B C8     1 
ATOM   328  N  N7     . DG  A 1 11 ? 3.255   1.421   -3.434  1.00 109.11 ? 17  DG  B N7     1 
ATOM   329  C  C5     . DG  A 1 11 ? 3.018   2.472   -2.557  1.00 108.91 ? 17  DG  B C5     1 
ATOM   330  C  C6     . DG  A 1 11 ? 1.800   2.976   -2.047  1.00 104.83 ? 17  DG  B C6     1 
ATOM   331  O  O6     . DG  A 1 11 ? 0.651   2.580   -2.278  1.00 109.71 ? 17  DG  B O6     1 
ATOM   332  N  N1     . DG  A 1 11 ? 2.007   4.052   -1.188  1.00 99.07  ? 17  DG  B N1     1 
ATOM   333  C  C2     . DG  A 1 11 ? 3.239   4.571   -0.861  1.00 107.34 ? 17  DG  B C2     1 
ATOM   334  N  N2     . DG  A 1 11 ? 3.245   5.610   -0.016  1.00 105.68 ? 17  DG  B N2     1 
ATOM   335  N  N3     . DG  A 1 11 ? 4.386   4.107   -1.332  1.00 102.67 ? 17  DG  B N3     1 
ATOM   336  C  C4     . DG  A 1 11 ? 4.200   3.062   -2.169  1.00 109.67 ? 17  DG  B C4     1 
ATOM   337  H  "H5'"  . DG  A 1 11 ? 6.716   1.455   -5.560  1.00 179.93 ? 17  DG  B "H5'"  1 
ATOM   338  H  "H5''" . DG  A 1 11 ? 6.692   2.900   -6.197  1.00 179.93 ? 17  DG  B "H5''" 1 
ATOM   339  H  "H4'"  . DG  A 1 11 ? 8.670   3.370   -4.917  1.00 175.30 ? 17  DG  B "H4'"  1 
ATOM   340  H  "H3'"  . DG  A 1 11 ? 8.855   0.920   -4.269  1.00 167.92 ? 17  DG  B "H3'"  1 
ATOM   341  H  "H2'"  . DG  A 1 11 ? 6.952   0.598   -3.138  1.00 151.31 ? 17  DG  B "H2'"  1 
ATOM   342  H  "H2''" . DG  A 1 11 ? 7.826   1.115   -1.906  1.00 151.31 ? 17  DG  B "H2''" 1 
ATOM   343  H  "H1'"  . DG  A 1 11 ? 6.814   3.068   -1.884  1.00 153.08 ? 17  DG  B "H1'"  1 
ATOM   344  H  H8     . DG  A 1 11 ? 5.004   0.787   -4.094  1.00 142.19 ? 17  DG  B H8     1 
ATOM   345  H  H1     . DG  A 1 11 ? 1.313   4.417   -0.833  1.00 118.91 ? 17  DG  B H1     1 
ATOM   346  H  H21    . DG  A 1 11 ? 3.989   5.985   0.198   1.00 126.84 ? 17  DG  B H21    1 
ATOM   347  H  H22    . DG  A 1 11 ? 2.505   5.900   0.313   1.00 126.84 ? 17  DG  B H22    1 
ATOM   348  P  P      . DA  A 1 12 ? 10.453  1.368   -1.906  1.00 144.95 ? 18  DA  B P      1 
ATOM   349  O  OP1    . DA  A 1 12 ? 11.915  1.576   -2.006  1.00 127.28 ? 18  DA  B OP1    1 
ATOM   350  O  OP2    . DA  A 1 12 ? 9.886   -0.001  -1.941  1.00 125.97 ? 18  DA  B OP2    1 
ATOM   351  O  "O5'"  . DA  A 1 12 ? 9.915   2.079   -0.584  1.00 135.33 ? 18  DA  B "O5'"  1 
ATOM   352  C  "C5'"  . DA  A 1 12 ? 10.475  1.757   0.663   1.00 130.53 ? 18  DA  B "C5'"  1 
ATOM   353  C  "C4'"  . DA  A 1 12 ? 10.387  2.933   1.609   1.00 119.29 ? 18  DA  B "C4'"  1 
ATOM   354  O  "O4'"  . DA  A 1 12 ? 9.140   3.631   1.398   1.00 115.32 ? 18  DA  B "O4'"  1 
ATOM   355  C  "C3'"  . DA  A 1 12 ? 10.385  2.563   3.074   1.00 128.91 ? 18  DA  B "C3'"  1 
ATOM   356  O  "O3'"  . DA  A 1 12 ? 10.925  3.608   3.861   1.00 126.81 ? 18  DA  B "O3'"  1 
ATOM   357  C  "C2'"  . DA  A 1 12 ? 8.910   2.313   3.362   1.00 117.81 ? 18  DA  B "C2'"  1 
ATOM   358  C  "C1'"  . DA  A 1 12 ? 8.187   3.214   2.358   1.00 106.79 ? 18  DA  B "C1'"  1 
ATOM   359  N  N9     . DA  A 1 12 ? 7.097   2.542   1.663   1.00 104.44 ? 18  DA  B N9     1 
ATOM   360  C  C8     . DA  A 1 12 ? 7.206   1.627   0.652   1.00 109.04 ? 18  DA  B C8     1 
ATOM   361  N  N7     . DA  A 1 12 ? 6.052   1.176   0.219   1.00 115.81 ? 18  DA  B N7     1 
ATOM   362  C  C5     . DA  A 1 12 ? 5.120   1.835   1.005   1.00 109.21 ? 18  DA  B C5     1 
ATOM   363  C  C6     . DA  A 1 12 ? 3.709   1.797   1.041   1.00 108.03 ? 18  DA  B C6     1 
ATOM   364  N  N6     . DA  A 1 12 ? 2.970   1.025   0.233   1.00 103.03 ? 18  DA  B N6     1 
ATOM   365  N  N1     . DA  A 1 12 ? 3.085   2.584   1.946   1.00 108.04 ? 18  DA  B N1     1 
ATOM   366  C  C2     . DA  A 1 12 ? 3.830   3.354   2.753   1.00 114.84 ? 18  DA  B C2     1 
ATOM   367  N  N3     . DA  A 1 12 ? 5.160   3.474   2.813   1.00 97.45  ? 18  DA  B N3     1 
ATOM   368  C  C4     . DA  A 1 12 ? 5.749   2.682   1.902   1.00 104.97 ? 18  DA  B C4     1 
ATOM   369  H  "H5'"  . DA  A 1 12 ? 11.407  1.514   0.542   1.00 156.66 ? 18  DA  B "H5'"  1 
ATOM   370  H  "H5''" . DA  A 1 12 ? 9.996   1.004   1.045   1.00 156.66 ? 18  DA  B "H5''" 1 
ATOM   371  H  "H4'"  . DA  A 1 12 ? 11.124  3.540   1.434   1.00 143.17 ? 18  DA  B "H4'"  1 
ATOM   372  H  "H3'"  . DA  A 1 12 ? 10.892  1.747   3.209   1.00 154.71 ? 18  DA  B "H3'"  1 
ATOM   373  H  "H2'"  . DA  A 1 12 ? 8.684   1.383   3.207   1.00 141.39 ? 18  DA  B "H2'"  1 
ATOM   374  H  "H2''" . DA  A 1 12 ? 8.691   2.572   4.270   1.00 141.39 ? 18  DA  B "H2''" 1 
ATOM   375  H  "H1'"  . DA  A 1 12 ? 7.839   3.993   2.820   1.00 128.17 ? 18  DA  B "H1'"  1 
ATOM   376  H  H8     . DA  A 1 12 ? 8.022   1.351   0.302   1.00 130.87 ? 18  DA  B H8     1 
ATOM   377  H  H61    . DA  A 1 12 ? 2.112   1.041   0.289   1.00 123.66 ? 18  DA  B H61    1 
ATOM   378  H  H62    . DA  A 1 12 ? 3.354   0.514   -0.342  1.00 123.66 ? 18  DA  B H62    1 
ATOM   379  H  H2     . DA  A 1 12 ? 3.355   3.876   3.358   1.00 137.83 ? 18  DA  B H2     1 
ATOM   380  P  P      . DC  A 1 13 ? 11.389  3.308   5.368   1.00 152.70 ? 19  DC  B P      1 
ATOM   381  O  OP1    . DC  A 1 13 ? 12.150  4.486   5.838   1.00 148.16 ? 19  DC  B OP1    1 
ATOM   382  O  OP2    . DC  A 1 13 ? 12.013  1.965   5.393   1.00 147.85 ? 19  DC  B OP2    1 
ATOM   383  O  "O5'"  . DC  A 1 13 ? 10.011  3.205   6.173   1.00 135.33 ? 19  DC  B "O5'"  1 
ATOM   384  C  "C5'"  . DC  A 1 13 ? 9.123   4.312   6.200   1.00 131.44 ? 19  DC  B "C5'"  1 
ATOM   385  C  "C4'"  . DC  A 1 13 ? 7.778   3.928   6.795   1.00 122.66 ? 19  DC  B "C4'"  1 
ATOM   386  O  "O4'"  . DC  A 1 13 ? 6.947   3.316   5.791   1.00 112.93 ? 19  DC  B "O4'"  1 
ATOM   387  C  "C3'"  . DC  A 1 13 ? 7.834   2.911   7.936   1.00 122.64 ? 19  DC  B "C3'"  1 
ATOM   388  O  "O3'"  . DC  A 1 13 ? 7.623   3.553   9.168   1.00 119.60 ? 19  DC  B "O3'"  1 
ATOM   389  C  "C2'"  . DC  A 1 13 ? 6.722   1.899   7.609   1.00 113.96 ? 19  DC  B "C2'"  1 
ATOM   390  C  "C1'"  . DC  A 1 13 ? 5.978   2.562   6.461   1.00 100.97 ? 19  DC  B "C1'"  1 
ATOM   391  N  N1     . DC  A 1 13 ? 5.351   1.615   5.498   1.00 96.70  ? 19  DC  B N1     1 
ATOM   392  C  C2     . DC  A 1 13 ? 3.954   1.503   5.444   1.00 108.92 ? 19  DC  B C2     1 
ATOM   393  O  O2     . DC  A 1 13 ? 3.258   2.191   6.205   1.00 114.54 ? 19  DC  B O2     1 
ATOM   394  N  N3     . DC  A 1 13 ? 3.401   0.642   4.559   1.00 106.64 ? 19  DC  B N3     1 
ATOM   395  C  C4     . DC  A 1 13 ? 4.180   -0.081  3.755   1.00 101.06 ? 19  DC  B C4     1 
ATOM   396  N  N4     . DC  A 1 13 ? 3.585   -0.917  2.900   1.00 111.88 ? 19  DC  B N4     1 
ATOM   397  C  C5     . DC  A 1 13 ? 5.601   0.021   3.794   1.00 98.72  ? 19  DC  B C5     1 
ATOM   398  C  C6     . DC  A 1 13 ? 6.138   0.874   4.669   1.00 96.68  ? 19  DC  B C6     1 
ATOM   399  H  "H5'"  . DC  A 1 13 ? 8.990   4.634   5.294   1.00 157.75 ? 19  DC  B "H5'"  1 
ATOM   400  H  "H5''" . DC  A 1 13 ? 9.516   5.021   6.734   1.00 157.75 ? 19  DC  B "H5''" 1 
ATOM   401  H  "H4'"  . DC  A 1 13 ? 7.339   4.731   7.115   1.00 147.22 ? 19  DC  B "H4'"  1 
ATOM   402  H  "H3'"  . DC  A 1 13 ? 8.696   2.465   7.937   1.00 147.19 ? 19  DC  B "H3'"  1 
ATOM   403  H  "H2'"  . DC  A 1 13 ? 7.101   1.053   7.327   1.00 136.78 ? 19  DC  B "H2'"  1 
ATOM   404  H  "H2''" . DC  A 1 13 ? 6.135   1.778   8.371   1.00 136.78 ? 19  DC  B "H2''" 1 
ATOM   405  H  "H1'"  . DC  A 1 13 ? 5.299   3.155   6.817   1.00 121.18 ? 19  DC  B "H1'"  1 
ATOM   406  H  H41    . DC  A 1 13 ? 4.059   -1.380  2.352   1.00 134.28 ? 19  DC  B H41    1 
ATOM   407  H  H42    . DC  A 1 13 ? 2.729   -0.993  2.899   1.00 134.28 ? 19  DC  B H42    1 
ATOM   408  H  H5     . DC  A 1 13 ? 6.135   -0.490  3.229   1.00 118.49 ? 19  DC  B H5     1 
ATOM   409  H  H6     . DC  A 1 13 ? 7.063   0.959   4.718   1.00 116.04 ? 19  DC  B H6     1 
ATOM   410  P  P      . DG  A 1 14 ? 7.802   2.728   10.527  1.00 130.54 ? 20  DG  B P      1 
ATOM   411  O  OP1    . DG  A 1 14 ? 8.173   3.702   11.579  1.00 140.83 ? 20  DG  B OP1    1 
ATOM   412  O  OP2    . DG  A 1 14 ? 8.682   1.574   10.225  1.00 127.58 ? 20  DG  B OP2    1 
ATOM   413  O  "O5'"  . DG  A 1 14 ? 6.334   2.163   10.822  1.00 118.02 ? 20  DG  B "O5'"  1 
ATOM   414  C  "C5'"  . DG  A 1 14 ? 5.275   3.061   11.123  1.00 117.89 ? 20  DG  B "C5'"  1 
ATOM   415  C  "C4'"  . DG  A 1 14 ? 3.930   2.373   10.994  1.00 126.22 ? 20  DG  B "C4'"  1 
ATOM   416  O  "O4'"  . DG  A 1 14 ? 3.878   1.669   9.732   1.00 121.38 ? 20  DG  B "O4'"  1 
ATOM   417  C  "C3'"  . DG  A 1 14 ? 3.620   1.319   12.072  1.00 122.96 ? 20  DG  B "C3'"  1 
ATOM   418  O  "O3'"  . DG  A 1 14 ? 2.555   1.758   12.932  1.00 118.83 ? 20  DG  B "O3'"  1 
ATOM   419  C  "C2'"  . DG  A 1 14 ? 3.239   0.062   11.280  1.00 117.84 ? 20  DG  B "C2'"  1 
ATOM   420  C  "C1'"  . DG  A 1 14 ? 3.009   0.580   9.877   1.00 114.01 ? 20  DG  B "C1'"  1 
ATOM   421  N  N9     . DG  A 1 14 ? 3.287   -0.400  8.839   1.00 107.80 ? 20  DG  B N9     1 
ATOM   422  C  C8     . DG  A 1 14 ? 4.518   -0.818  8.400   1.00 94.92  ? 20  DG  B C8     1 
ATOM   423  N  N7     . DG  A 1 14 ? 4.452   -1.713  7.455   1.00 94.05  ? 20  DG  B N7     1 
ATOM   424  C  C5     . DG  A 1 14 ? 3.087   -1.901  7.259   1.00 107.33 ? 20  DG  B C5     1 
ATOM   425  C  C6     . DG  A 1 14 ? 2.400   -2.752  6.357   1.00 113.93 ? 20  DG  B C6     1 
ATOM   426  O  O6     . DG  A 1 14 ? 2.876   -3.539  5.529   1.00 117.43 ? 20  DG  B O6     1 
ATOM   427  N  N1     . DG  A 1 14 ? 1.015   -2.631  6.487   1.00 110.17 ? 20  DG  B N1     1 
ATOM   428  C  C2     . DG  A 1 14 ? 0.380   -1.792  7.372   1.00 104.90 ? 20  DG  B C2     1 
ATOM   429  N  N2     . DG  A 1 14 ? -0.960  -1.811  7.356   1.00 104.12 ? 20  DG  B N2     1 
ATOM   430  N  N3     . DG  A 1 14 ? 1.013   -0.992  8.221   1.00 101.17 ? 20  DG  B N3     1 
ATOM   431  C  C4     . DG  A 1 14 ? 2.360   -1.099  8.106   1.00 107.89 ? 20  DG  B C4     1 
ATOM   432  H  "H5'"  . DG  A 1 14 ? 5.310   3.811   10.510  1.00 141.49 ? 20  DG  B "H5'"  1 
ATOM   433  H  "H5''" . DG  A 1 14 ? 5.382   3.386   12.031  1.00 141.49 ? 20  DG  B "H5''" 1 
ATOM   434  H  "H4'"  . DG  A 1 14 ? 3.231   3.047   11.006  1.00 151.49 ? 20  DG  B "H4'"  1 
ATOM   435  H  "H3'"  . DG  A 1 14 ? 4.416   1.145   12.598  1.00 147.57 ? 20  DG  B "H3'"  1 
ATOM   436  H  "H2'"  . DG  A 1 14 ? 3.964   -0.581  11.291  1.00 141.42 ? 20  DG  B "H2'"  1 
ATOM   437  H  "H2''" . DG  A 1 14 ? 2.426   -0.330  11.635  1.00 141.42 ? 20  DG  B "H2''" 1 
ATOM   438  H  "H1'"  . DG  A 1 14 ? 2.093   0.888   9.792   1.00 136.83 ? 20  DG  B "H1'"  1 
ATOM   439  H  H8     . DG  A 1 14 ? 5.320   -0.493  8.740   1.00 113.92 ? 20  DG  B H8     1 
ATOM   440  H  H1     . DG  A 1 14 ? 0.523   -3.117  5.975   1.00 132.22 ? 20  DG  B H1     1 
ATOM   441  H  H21    . DG  A 1 14 ? -1.404  -1.314  7.899   1.00 124.97 ? 20  DG  B H21    1 
ATOM   442  H  H22    . DG  A 1 14 ? -1.375  -2.321  6.802   1.00 124.97 ? 20  DG  B H22    1 
ATOM   443  P  P      . DG  A 1 15 ? 2.204   0.951   14.283  1.00 133.87 ? 21  DG  B P      1 
ATOM   444  O  OP1    . DG  A 1 15 ? 0.796   1.232   14.643  1.00 117.12 ? 21  DG  B OP1    1 
ATOM   445  O  OP2    . DG  A 1 15 ? 3.278   1.200   15.269  1.00 124.61 ? 21  DG  B OP2    1 
ATOM   446  O  "O5'"  . DG  A 1 15 ? 2.309   -0.584  13.856  1.00 117.22 ? 21  DG  B "O5'"  1 
ATOM   447  C  "C5'"  . DG  A 1 15 ? 1.385   -1.518  14.375  1.00 116.61 ? 21  DG  B "C5'"  1 
ATOM   448  C  "C4'"  . DG  A 1 15 ? 0.113   -1.549  13.548  1.00 100.95 ? 21  DG  B "C4'"  1 
ATOM   449  O  "O4'"  . DG  A 1 15 ? 0.445   -1.456  12.149  1.00 105.29 ? 21  DG  B "O4'"  1 
ATOM   450  C  "C3'"  . DG  A 1 15 ? -0.709  -2.812  13.735  1.00 109.58 ? 21  DG  B "C3'"  1 
ATOM   451  O  "O3'"  . DG  A 1 15 ? -1.923  -2.496  14.360  1.00 117.40 ? 21  DG  B "O3'"  1 
ATOM   452  C  "C2'"  . DG  A 1 15 ? -0.919  -3.399  12.339  1.00 110.21 ? 21  DG  B "C2'"  1 
ATOM   453  C  "C1'"  . DG  A 1 15 ? -0.136  -2.502  11.397  1.00 107.49 ? 21  DG  B "C1'"  1 
ATOM   454  N  N9     . DG  A 1 15 ? 0.942   -3.174  10.673  1.00 105.73 ? 21  DG  B N9     1 
ATOM   455  C  C8     . DG  A 1 15 ? 2.286   -2.955  10.828  1.00 107.00 ? 21  DG  B C8     1 
ATOM   456  N  N7     . DG  A 1 15 ? 3.025   -3.666  10.026  1.00 110.13 ? 21  DG  B N7     1 
ATOM   457  C  C5     . DG  A 1 15 ? 2.116   -4.401  9.284   1.00 102.79 ? 21  DG  B C5     1 
ATOM   458  C  C6     . DG  A 1 15 ? 2.339   -5.348  8.258   1.00 104.76 ? 21  DG  B C6     1 
ATOM   459  O  O6     . DG  A 1 15 ? 3.424   -5.735  7.789   1.00 96.03  ? 21  DG  B O6     1 
ATOM   460  N  N1     . DG  A 1 15 ? 1.143   -5.863  7.764   1.00 94.97  ? 21  DG  B N1     1 
ATOM   461  C  C2     . DG  A 1 15 ? -0.107  -5.504  8.210   1.00 97.98  ? 21  DG  B C2     1 
ATOM   462  N  N2     . DG  A 1 15 ? -1.144  -6.103  7.612   1.00 97.94  ? 21  DG  B N2     1 
ATOM   463  N  N3     . DG  A 1 15 ? -0.329  -4.615  9.174   1.00 107.66 ? 21  DG  B N3     1 
ATOM   464  C  C4     . DG  A 1 15 ? 0.826   -4.107  9.663   1.00 101.45 ? 21  DG  B C4     1 
ATOM   465  H  "H5'"  . DG  A 1 15 ? 1.165   -1.274  15.287  1.00 139.96 ? 21  DG  B "H5'"  1 
ATOM   466  H  "H5''" . DG  A 1 15 ? 1.789   -2.399  14.371  1.00 139.96 ? 21  DG  B "H5''" 1 
ATOM   467  H  "H4'"  . DG  A 1 15 ? -0.434  -0.785  13.790  1.00 121.16 ? 21  DG  B "H4'"  1 
ATOM   468  H  "H3'"  . DG  A 1 15 ? -0.215  -3.443  14.282  1.00 131.52 ? 21  DG  B "H3'"  1 
ATOM   469  H  "H2'"  . DG  A 1 15 ? -0.575  -4.306  12.301  1.00 132.27 ? 21  DG  B "H2'"  1 
ATOM   470  H  "H2''" . DG  A 1 15 ? -1.860  -3.387  12.108  1.00 132.27 ? 21  DG  B "H2''" 1 
ATOM   471  H  "H1'"  . DG  A 1 15 ? -0.750  -2.117  10.752  1.00 129.01 ? 21  DG  B "H1'"  1 
ATOM   472  H  H8     . DG  A 1 15 ? 2.637   -2.356  11.446  1.00 128.42 ? 21  DG  B H8     1 
ATOM   473  H  H1     . DG  A 1 15 ? 1.189   -6.449  7.136   1.00 113.99 ? 21  DG  B H1     1 
ATOM   474  H  H21    . DG  A 1 15 ? -1.948  -5.904  7.844   1.00 117.55 ? 21  DG  B H21    1 
ATOM   475  H  H22    . DG  A 1 15 ? -1.006  -6.687  6.996   1.00 117.55 ? 21  DG  B H22    1 
ATOM   476  P  P      . DC  A 1 16 ? -2.541  -3.501  15.441  1.00 136.52 ? 22  DC  B P      1 
ATOM   477  O  OP1    . DC  A 1 16 ? -3.783  -2.877  15.957  1.00 121.54 ? 22  DC  B OP1    1 
ATOM   478  O  OP2    . DC  A 1 16 ? -1.456  -3.895  16.371  1.00 140.75 ? 22  DC  B OP2    1 
ATOM   479  O  "O5'"  . DC  A 1 16 ? -2.924  -4.778  14.567  1.00 114.21 ? 22  DC  B "O5'"  1 
ATOM   480  C  "C5'"  . DC  A 1 16 ? -3.920  -4.663  13.567  1.00 110.49 ? 22  DC  B "C5'"  1 
ATOM   481  C  "C4'"  . DC  A 1 16 ? -3.964  -5.908  12.708  1.00 109.04 ? 22  DC  B "C4'"  1 
ATOM   482  O  "O4'"  . DC  A 1 16 ? -2.822  -5.951  11.831  1.00 104.11 ? 22  DC  B "O4'"  1 
ATOM   483  C  "C3'"  . DC  A 1 16 ? -3.899  -7.210  13.493  1.00 119.71 ? 22  DC  B "C3'"  1 
ATOM   484  O  "O3'"  . DC  A 1 16 ? -5.185  -7.749  13.696  1.00 135.06 ? 22  DC  B "O3'"  1 
ATOM   485  C  "C2'"  . DC  A 1 16 ? -3.027  -8.131  12.635  1.00 115.22 ? 22  DC  B "C2'"  1 
ATOM   486  C  "C1'"  . DC  A 1 16 ? -2.654  -7.288  11.430  1.00 103.52 ? 22  DC  B "C1'"  1 
ATOM   487  N  N1     . DC  A 1 16 ? -1.247  -7.506  10.957  1.00 102.22 ? 22  DC  B N1     1 
ATOM   488  C  C2     . DC  A 1 16 ? -0.995  -8.435  9.936   1.00 102.13 ? 22  DC  B C2     1 
ATOM   489  O  O2     . DC  A 1 16 ? -1.944  -9.061  9.440   1.00 99.53  ? 22  DC  B O2     1 
ATOM   490  N  N3     . DC  A 1 16 ? 0.283   -8.621  9.515   1.00 99.19  ? 22  DC  B N3     1 
ATOM   491  C  C4     . DC  A 1 16 ? 1.277   -7.930  10.072  1.00 100.01 ? 22  DC  B C4     1 
ATOM   492  N  N4     . DC  A 1 16 ? 2.519   -8.150  9.626   1.00 92.29  ? 22  DC  B N4     1 
ATOM   493  C  C5     . DC  A 1 16 ? 1.041   -6.983  11.114  1.00 107.86 ? 22  DC  B C5     1 
ATOM   494  C  C6     . DC  A 1 16 ? -0.223  -6.807  11.523  1.00 105.55 ? 22  DC  B C6     1 
ATOM   495  H  "H5'"  . DC  A 1 16 ? -3.721  -3.897  13.006  1.00 132.61 ? 22  DC  B "H5'"  1 
ATOM   496  H  "H5''" . DC  A 1 16 ? -4.783  -4.535  13.988  1.00 132.61 ? 22  DC  B "H5''" 1 
ATOM   497  H  "H4'"  . DC  A 1 16 ? -4.774  -5.898  12.176  1.00 130.87 ? 22  DC  B "H4'"  1 
ATOM   498  H  "H3'"  . DC  A 1 16 ? -3.468  -7.056  14.348  1.00 143.68 ? 22  DC  B "H3'"  1 
ATOM   499  H  "H2'"  . DC  A 1 16 ? -2.231  -8.395  13.123  1.00 138.28 ? 22  DC  B "H2'"  1 
ATOM   500  H  "H2''" . DC  A 1 16 ? -3.530  -8.913  12.358  1.00 138.28 ? 22  DC  B "H2''" 1 
ATOM   501  H  "H1'"  . DC  A 1 16 ? -3.268  -7.482  10.704  1.00 124.24 ? 22  DC  B "H1'"  1 
ATOM   502  H  H41    . DC  A 1 16 ? 3.182   -7.725  9.972   1.00 110.77 ? 22  DC  B H41    1 
ATOM   503  H  H42    . DC  A 1 16 ? 2.654   -8.717  8.994   1.00 110.77 ? 22  DC  B H42    1 
ATOM   504  H  H5     . DC  A 1 16 ? 1.740   -6.502  11.495  1.00 129.46 ? 22  DC  B H5     1 
ATOM   505  H  H6     . DC  A 1 16 ? -0.406  -6.195  12.198  1.00 126.68 ? 22  DC  B H6     1 
ATOM   506  P  P      . DG  A 1 17 ? -5.365  -8.997  14.690  1.00 131.33 ? 23  DG  B P      1 
ATOM   507  O  OP1    . DG  A 1 17 ? -6.743  -8.940  15.229  1.00 124.99 ? 23  DG  B OP1    1 
ATOM   508  O  OP2    . DG  A 1 17 ? -4.198  -8.999  15.601  1.00 126.27 ? 23  DG  B OP2    1 
ATOM   509  O  "O5'"  . DG  A 1 17 ? -5.228  -10.282 13.745  1.00 112.34 ? 23  DG  B "O5'"  1 
ATOM   510  C  "C5'"  . DG  A 1 17 ? -6.297  -10.634 12.886  1.00 117.01 ? 23  DG  B "C5'"  1 
ATOM   511  C  "C4'"  . DG  A 1 17 ? -5.956  -11.860 12.059  1.00 113.53 ? 23  DG  B "C4'"  1 
ATOM   512  O  "O4'"  . DG  A 1 17 ? -4.646  -11.700 11.445  1.00 111.84 ? 23  DG  B "O4'"  1 
ATOM   513  C  "C3'"  . DG  A 1 17 ? -5.881  -13.160 12.839  1.00 109.07 ? 23  DG  B "C3'"  1 
ATOM   514  O  "O3'"  . DG  A 1 17 ? -6.343  -14.229 12.026  1.00 121.79 ? 23  DG  B "O3'"  1 
ATOM   515  C  "C2'"  . DG  A 1 17 ? -4.398  -13.256 13.182  1.00 106.70 ? 23  DG  B "C2'"  1 
ATOM   516  C  "C1'"  . DG  A 1 17 ? -3.744  -12.673 11.941  1.00 95.12  ? 23  DG  B "C1'"  1 
ATOM   517  N  N9     . DG  A 1 17 ? -2.473  -12.012 12.196  1.00 95.00  ? 23  DG  B N9     1 
ATOM   518  C  C8     . DG  A 1 17 ? -2.239  -11.047 13.136  1.00 103.41 ? 23  DG  B C8     1 
ATOM   519  N  N7     . DG  A 1 17 ? -1.013  -10.607 13.138  1.00 108.95 ? 23  DG  B N7     1 
ATOM   520  C  C5     . DG  A 1 17 ? -0.391  -11.327 12.134  1.00 94.62  ? 23  DG  B C5     1 
ATOM   521  C  C6     . DG  A 1 17 ? 0.944   -11.271 11.681  1.00 97.93  ? 23  DG  B C6     1 
ATOM   522  O  O6     . DG  A 1 17 ? 1.865   -10.559 12.100  1.00 105.68 ? 23  DG  B O6     1 
ATOM   523  N  N1     . DG  A 1 17 ? 1.174   -12.167 10.645  1.00 94.12  ? 23  DG  B N1     1 
ATOM   524  C  C2     . DG  A 1 17 ? 0.228   -13.005 10.108  1.00 99.95  ? 23  DG  B C2     1 
ATOM   525  N  N2     . DG  A 1 17 ? 0.646   -13.795 9.106   1.00 99.48  ? 23  DG  B N2     1 
ATOM   526  N  N3     . DG  A 1 17 ? -1.039  -13.064 10.521  1.00 86.75  ? 23  DG  B N3     1 
ATOM   527  C  C4     . DG  A 1 17 ? -1.273  -12.198 11.535  1.00 87.83  ? 23  DG  B C4     1 
ATOM   528  H  "H5'"  . DG  A 1 17 ? -6.484  -9.892  12.290  1.00 140.43 ? 23  DG  B "H5'"  1 
ATOM   529  H  "H5''" . DG  A 1 17 ? -7.086  -10.819 13.420  1.00 140.43 ? 23  DG  B "H5''" 1 
ATOM   530  H  "H4'"  . DG  A 1 17 ? -6.620  -11.956 11.358  1.00 136.26 ? 23  DG  B "H4'"  1 
ATOM   531  H  "H3'"  . DG  A 1 17 ? -6.411  -13.097 13.649  1.00 130.90 ? 23  DG  B "H3'"  1 
ATOM   532  H  "H2'"  . DG  A 1 17 ? -4.189  -12.724 13.965  1.00 128.06 ? 23  DG  B "H2'"  1 
ATOM   533  H  "H2''" . DG  A 1 17 ? -4.134  -14.181 13.310  1.00 128.06 ? 23  DG  B "H2''" 1 
ATOM   534  H  "H1'"  . DG  A 1 17 ? -3.621  -13.371 11.278  1.00 114.17 ? 23  DG  B "H1'"  1 
ATOM   535  H  H8     . DG  A 1 17 ? -2.896  -10.728 13.712  1.00 124.11 ? 23  DG  B H8     1 
ATOM   536  H  H1     . DG  A 1 17 ? 1.967   -12.198 10.313  1.00 112.96 ? 23  DG  B H1     1 
ATOM   537  H  H21    . DG  A 1 17 ? 0.093   -14.325 8.717   1.00 119.39 ? 23  DG  B H21    1 
ATOM   538  H  H22    . DG  A 1 17 ? 1.468   -13.770 8.853   1.00 119.39 ? 23  DG  B H22    1 
ATOM   539  P  P      . DA  A 1 18 ? -6.295  -15.743 12.542  1.00 118.61 ? 24  DA  B P      1 
ATOM   540  O  OP1    . DA  A 1 18 ? -7.077  -16.549 11.571  1.00 99.37  ? 24  DA  B OP1    1 
ATOM   541  O  OP2    . DA  A 1 18 ? -6.645  -15.730 13.980  1.00 112.50 ? 24  DA  B OP2    1 
ATOM   542  O  "O5'"  . DA  A 1 18 ? -4.754  -16.127 12.409  1.00 95.48  ? 24  DA  B "O5'"  1 
ATOM   543  C  "C5'"  . DA  A 1 18 ? -4.321  -17.390 12.792  1.00 99.61  ? 24  DA  B "C5'"  1 
ATOM   544  C  "C4'"  . DA  A 1 18 ? -3.588  -18.069 11.662  1.00 112.04 ? 24  DA  B "C4'"  1 
ATOM   545  O  "O4'"  . DA  A 1 18 ? -2.589  -17.174 11.124  1.00 100.68 ? 24  DA  B "O4'"  1 
ATOM   546  C  "C3'"  . DA  A 1 18 ? -2.825  -19.305 12.069  1.00 123.96 ? 24  DA  B "C3'"  1 
ATOM   547  O  "O3'"  . DA  A 1 18 ? -2.711  -20.196 10.982  1.00 122.82 ? 24  DA  B "O3'"  1 
ATOM   548  C  "C2'"  . DA  A 1 18 ? -1.481  -18.740 12.522  1.00 116.38 ? 24  DA  B "C2'"  1 
ATOM   549  C  "C1'"  . DA  A 1 18 ? -1.312  -17.495 11.651  1.00 99.79  ? 24  DA  B "C1'"  1 
ATOM   550  N  N9     . DA  A 1 18 ? -0.813  -16.328 12.375  1.00 101.46 ? 24  DA  B N9     1 
ATOM   551  C  C8     . DA  A 1 18 ? -1.515  -15.522 13.231  1.00 107.73 ? 24  DA  B C8     1 
ATOM   552  N  N7     . DA  A 1 18 ? -0.807  -14.530 13.727  1.00 103.79 ? 24  DA  B N7     1 
ATOM   553  C  C5     . DA  A 1 18 ? 0.444   -14.695 13.150  1.00 107.67 ? 24  DA  B C5     1 
ATOM   554  C  C6     . DA  A 1 18 ? 1.652   -13.970 13.267  1.00 110.75 ? 24  DA  B C6     1 
ATOM   555  N  N6     . DA  A 1 18 ? 1.793   -12.885 14.037  1.00 111.59 ? 24  DA  B N6     1 
ATOM   556  N  N1     . DA  A 1 18 ? 2.712   -14.406 12.553  1.00 102.28 ? 24  DA  B N1     1 
ATOM   557  C  C2     . DA  A 1 18 ? 2.570   -15.491 11.782  1.00 105.41 ? 24  DA  B C2     1 
ATOM   558  N  N3     . DA  A 1 18 ? 1.492   -16.254 11.594  1.00 105.98 ? 24  DA  B N3     1 
ATOM   559  C  C4     . DA  A 1 18 ? 0.454   -15.798 12.313  1.00 102.22 ? 24  DA  B C4     1 
ATOM   560  H  "H5'"  . DA  A 1 18 ? -5.088  -17.927 13.043  1.00 119.55 ? 24  DA  B "H5'"  1 
ATOM   561  H  "H5''" . DA  A 1 18 ? -3.726  -17.307 13.553  1.00 119.55 ? 24  DA  B "H5''" 1 
ATOM   562  H  "H4'"  . DA  A 1 18 ? -4.220  -18.300 10.962  1.00 134.47 ? 24  DA  B "H4'"  1 
ATOM   563  H  "H3'"  . DA  A 1 18 ? -3.271  -19.741 12.812  1.00 148.77 ? 24  DA  B "H3'"  1 
ATOM   564  H  "H2'"  . DA  A 1 18 ? -1.511  -18.499 13.461  1.00 139.68 ? 24  DA  B "H2'"  1 
ATOM   565  H  "H2''" . DA  A 1 18 ? -0.768  -19.375 12.352  1.00 139.68 ? 24  DA  B "H2''" 1 
ATOM   566  H  "H1'"  . DA  A 1 18 ? -0.708  -17.699 10.921  1.00 119.76 ? 24  DA  B "H1'"  1 
ATOM   567  H  H8     . DA  A 1 18 ? -2.409  -15.664 13.444  1.00 129.29 ? 24  DA  B H8     1 
ATOM   568  H  H61    . DA  A 1 18 ? 2.555   -12.492 14.092  1.00 133.93 ? 24  DA  B H61    1 
ATOM   569  H  H62    . DA  A 1 18 ? 1.120   -12.581 14.480  1.00 133.93 ? 24  DA  B H62    1 
ATOM   570  H  H2     . DA  A 1 18 ? 3.329   -15.751 11.312  1.00 126.51 ? 24  DA  B H2     1 
ATOM   571  P  P      . DC  A 1 19 ? -2.431  -21.745 11.266  1.00 137.03 ? 25  DC  B P      1 
ATOM   572  O  OP1    . DC  A 1 19 ? -2.611  -22.481 9.993   1.00 144.59 ? 25  DC  B OP1    1 
ATOM   573  O  OP2    . DC  A 1 19 ? -3.235  -22.125 12.450  1.00 148.51 ? 25  DC  B OP2    1 
ATOM   574  O  "O5'"  . DC  A 1 19 ? -0.888  -21.760 11.670  1.00 118.59 ? 25  DC  B "O5'"  1 
ATOM   575  C  "C5'"  . DC  A 1 19 ? 0.067   -21.327 10.727  1.00 127.82 ? 25  DC  B "C5'"  1 
ATOM   576  C  "C4'"  . DC  A 1 19 ? 1.431   -21.119 11.364  1.00 131.58 ? 25  DC  B "C4'"  1 
ATOM   577  O  "O4'"  . DC  A 1 19 ? 1.526   -19.795 11.924  1.00 120.41 ? 25  DC  B "O4'"  1 
ATOM   578  C  "C3'"  . DC  A 1 19 ? 1.765   -22.057 12.522  1.00 139.62 ? 25  DC  B "C3'"  1 
ATOM   579  O  "O3'"  . DC  A 1 19 ? 2.597   -23.113 12.066  1.00 140.93 ? 25  DC  B "O3'"  1 
ATOM   580  C  "C2'"  . DC  A 1 19 ? 2.463   -21.147 13.557  1.00 134.16 ? 25  DC  B "C2'"  1 
ATOM   581  C  "C1'"  . DC  A 1 19 ? 2.592   -19.820 12.828  1.00 109.16 ? 25  DC  B "C1'"  1 
ATOM   582  N  N1     . DC  A 1 19 ? 2.520   -18.626 13.706  1.00 107.21 ? 25  DC  B N1     1 
ATOM   583  C  C2     . DC  A 1 19 ? 3.659   -17.830 13.876  1.00 113.00 ? 25  DC  B C2     1 
ATOM   584  O  O2     . DC  A 1 19 ? 4.704   -18.137 13.289  1.00 109.82 ? 25  DC  B O2     1 
ATOM   585  N  N3     . DC  A 1 19 ? 3.588   -16.739 14.676  1.00 109.96 ? 25  DC  B N3     1 
ATOM   586  C  C4     . DC  A 1 19 ? 2.445   -16.440 15.292  1.00 113.95 ? 25  DC  B C4     1 
ATOM   587  N  N4     . DC  A 1 19 ? 2.425   -15.353 16.069  1.00 109.35 ? 25  DC  B N4     1 
ATOM   588  C  C5     . DC  A 1 19 ? 1.269   -17.240 15.133  1.00 109.57 ? 25  DC  B C5     1 
ATOM   589  C  C6     . DC  A 1 19 ? 1.352   -18.312 14.337  1.00 106.23 ? 25  DC  B C6     1 
ATOM   590  H  "H5'"  . DC  A 1 19 ? -0.231  -20.491 10.336  1.00 153.40 ? 25  DC  B "H5'"  1 
ATOM   591  H  "H5''" . DC  A 1 19 ? 0.144   -21.994 10.027  1.00 153.40 ? 25  DC  B "H5''" 1 
ATOM   592  H  "H4'"  . DC  A 1 19 ? 2.110   -21.216 10.679  1.00 157.92 ? 25  DC  B "H4'"  1 
ATOM   593  H  "H3'"  . DC  A 1 19 ? 0.949   -22.418 12.900  1.00 167.57 ? 25  DC  B "H3'"  1 
ATOM   594  H  "H2'"  . DC  A 1 19 ? 1.914   -21.048 14.350  1.00 161.01 ? 25  DC  B "H2'"  1 
ATOM   595  H  "H2''" . DC  A 1 19 ? 3.338   -21.497 13.785  1.00 161.01 ? 25  DC  B "H2''" 1 
ATOM   596  H  "H1'"  . DC  A 1 19 ? 3.429   -19.804 12.336  1.00 131.01 ? 25  DC  B "H1'"  1 
ATOM   597  H  H41    . DC  A 1 19 ? 1.709   -15.142 16.497  1.00 131.23 ? 25  DC  B H41    1 
ATOM   598  H  H42    . DC  A 1 19 ? 3.128   -14.863 16.140  1.00 131.23 ? 25  DC  B H42    1 
ATOM   599  H  H5     . DC  A 1 19 ? 0.476   -17.021 15.566  1.00 131.50 ? 25  DC  B H5     1 
ATOM   600  H  H6     . DC  A 1 19 ? 0.604   -18.852 14.214  1.00 127.50 ? 25  DC  B H6     1 
ATOM   601  P  P      . DT  A 1 20 ? 3.344   -24.068 13.117  1.00 156.13 ? 26  DT  B P      1 
ATOM   602  O  OP1    . DT  A 1 20 ? 3.646   -25.348 12.435  1.00 165.09 ? 26  DT  B OP1    1 
ATOM   603  O  OP2    . DT  A 1 20 ? 2.548   -24.048 14.365  1.00 133.93 ? 26  DT  B OP2    1 
ATOM   604  O  "O5'"  . DT  A 1 20 ? 4.717   -23.302 13.396  1.00 133.25 ? 26  DT  B "O5'"  1 
ATOM   605  C  "C5'"  . DT  A 1 20 ? 5.426   -22.725 12.315  1.00 141.41 ? 26  DT  B "C5'"  1 
ATOM   606  C  "C4'"  . DT  A 1 20 ? 6.859   -22.430 12.710  1.00 154.80 ? 26  DT  B "C4'"  1 
ATOM   607  O  "O4'"  . DT  A 1 20 ? 6.938   -21.103 13.302  1.00 152.33 ? 26  DT  B "O4'"  1 
ATOM   608  C  "C3'"  . DT  A 1 20 ? 7.438   -23.386 13.746  1.00 167.96 ? 26  DT  B "C3'"  1 
ATOM   609  O  "O3'"  . DT  A 1 20 ? 8.798   -23.656 13.470  1.00 169.80 ? 26  DT  B "O3'"  1 
ATOM   610  C  "C2'"  . DT  A 1 20 ? 7.246   -22.633 15.056  1.00 166.56 ? 26  DT  B "C2'"  1 
ATOM   611  C  "C1'"  . DT  A 1 20 ? 7.442   -21.187 14.622  1.00 143.12 ? 26  DT  B "C1'"  1 
ATOM   612  N  N1     . DT  A 1 20 ? 6.726   -20.176 15.465  1.00 128.09 ? 26  DT  B N1     1 
ATOM   613  C  C2     . DT  A 1 20 ? 7.368   -19.000 15.783  1.00 135.49 ? 26  DT  B C2     1 
ATOM   614  O  O2     . DT  A 1 20 ? 8.505   -18.742 15.424  1.00 136.82 ? 26  DT  B O2     1 
ATOM   615  N  N3     . DT  A 1 20 ? 6.632   -18.132 16.543  1.00 133.47 ? 26  DT  B N3     1 
ATOM   616  C  C4     . DT  A 1 20 ? 5.341   -18.314 17.004  1.00 127.39 ? 26  DT  B C4     1 
ATOM   617  O  O4     . DT  A 1 20 ? 4.761   -17.471 17.684  1.00 117.34 ? 26  DT  B O4     1 
ATOM   618  C  C5     . DT  A 1 20 ? 4.723   -19.566 16.631  1.00 117.51 ? 26  DT  B C5     1 
ATOM   619  C  C7     . DT  A 1 20 ? 3.324   -19.872 17.073  1.00 114.45 ? 26  DT  B C7     1 
ATOM   620  C  C6     . DT  A 1 20 ? 5.433   -20.424 15.884  1.00 112.80 ? 26  DT  B C6     1 
ATOM   621  H  "H5'"  . DT  A 1 20 ? 4.992   -21.898 12.053  1.00 169.71 ? 26  DT  B "H5'"  1 
ATOM   622  H  "H5''" . DT  A 1 20 ? 5.423   -23.340 11.566  1.00 169.71 ? 26  DT  B "H5''" 1 
ATOM   623  H  "H4'"  . DT  A 1 20 ? 7.415   -22.454 11.916  1.00 185.78 ? 26  DT  B "H4'"  1 
ATOM   624  H  "H3'"  . DT  A 1 20 ? 6.928   -24.211 13.759  1.00 201.57 ? 26  DT  B "H3'"  1 
ATOM   625  H  "H2'"  . DT  A 1 20 ? 6.353   -22.771 15.406  1.00 199.90 ? 26  DT  B "H2'"  1 
ATOM   626  H  "H2''" . DT  A 1 20 ? 7.919   -22.893 15.705  1.00 199.90 ? 26  DT  B "H2''" 1 
ATOM   627  H  "H1'"  . DT  A 1 20 ? 8.389   -20.982 14.615  1.00 171.77 ? 26  DT  B "H1'"  1 
ATOM   628  H  H3     . DT  A 1 20 ? 7.013   -17.390 16.755  1.00 160.19 ? 26  DT  B H3     1 
ATOM   629  H  H71    . DT  A 1 20 ? 2.765   -20.019 16.294  1.00 137.36 ? 26  DT  B H71    1 
ATOM   630  H  H72    . DT  A 1 20 ? 3.328   -20.671 17.623  1.00 137.36 ? 26  DT  B H72    1 
ATOM   631  H  H73    . DT  A 1 20 ? 2.977   -19.127 17.587  1.00 137.36 ? 26  DT  B H73    1 
ATOM   632  H  H6     . DT  A 1 20 ? 5.038   -21.232 15.643  1.00 135.38 ? 26  DT  B H6     1 
ATOM   633  P  P      . DC  A 1 21 ? 9.633   -24.609 14.451  1.00 178.59 ? 27  DC  B P      1 
ATOM   634  O  OP1    . DC  A 1 21 ? 10.659  -25.300 13.635  1.00 181.25 ? 27  DC  B OP1    1 
ATOM   635  O  OP2    . DC  A 1 21 ? 8.649   -25.389 15.241  1.00 149.86 ? 27  DC  B OP2    1 
ATOM   636  O  "O5'"  . DC  A 1 21 ? 10.348  -23.585 15.448  1.00 151.98 ? 27  DC  B "O5'"  1 
ATOM   637  C  "C5'"  . DC  A 1 21 ? 11.161  -22.542 14.928  1.00 143.18 ? 27  DC  B "C5'"  1 
ATOM   638  C  "C4'"  . DC  A 1 21 ? 11.815  -21.762 16.053  1.00 141.91 ? 27  DC  B "C4'"  1 
ATOM   639  O  "O4'"  . DC  A 1 21 ? 10.800  -21.003 16.770  1.00 143.70 ? 27  DC  B "O4'"  1 
ATOM   640  C  "C3'"  . DC  A 1 21 ? 12.519  -22.625 17.104  1.00 155.20 ? 27  DC  B "C3'"  1 
ATOM   641  O  "O3'"  . DC  A 1 21 ? 13.792  -22.079 17.437  1.00 163.92 ? 27  DC  B "O3'"  1 
ATOM   642  C  "C2'"  . DC  A 1 21 ? 11.554  -22.607 18.286  1.00 141.43 ? 27  DC  B "C2'"  1 
ATOM   643  C  "C1'"  . DC  A 1 21 ? 10.929  -21.229 18.157  1.00 126.78 ? 27  DC  B "C1'"  1 
ATOM   644  N  N1     . DC  A 1 21 ? 9.581   -21.082 18.802  1.00 119.02 ? 27  DC  B N1     1 
ATOM   645  C  C2     . DC  A 1 21 ? 9.263   -19.882 19.450  1.00 115.09 ? 27  DC  B C2     1 
ATOM   646  O  O2     . DC  A 1 21 ? 10.104  -18.975 19.483  1.00 118.02 ? 27  DC  B O2     1 
ATOM   647  N  N3     . DC  A 1 21 ? 8.046   -19.745 20.024  1.00 106.31 ? 27  DC  B N3     1 
ATOM   648  C  C4     . DC  A 1 21 ? 7.166   -20.743 19.969  1.00 124.09 ? 27  DC  B C4     1 
ATOM   649  N  N4     . DC  A 1 21 ? 5.978   -20.557 20.552  1.00 132.73 ? 27  DC  B N4     1 
ATOM   650  C  C5     . DC  A 1 21 ? 7.465   -21.978 19.312  1.00 123.87 ? 27  DC  B C5     1 
ATOM   651  C  C6     . DC  A 1 21 ? 8.672   -22.101 18.744  1.00 117.00 ? 27  DC  B C6     1 
ATOM   652  H  "H5'"  . DC  A 1 21 ? 10.613  -21.942 14.400  1.00 171.83 ? 27  DC  B "H5'"  1 
ATOM   653  H  "H5''" . DC  A 1 21 ? 11.850  -22.926 14.364  1.00 171.83 ? 27  DC  B "H5''" 1 
ATOM   654  H  "H4'"  . DC  A 1 21 ? 12.458  -21.144 15.673  1.00 170.32 ? 27  DC  B "H4'"  1 
ATOM   655  H  "H3'"  . DC  A 1 21 ? 12.621  -23.531 16.774  1.00 186.26 ? 27  DC  B "H3'"  1 
ATOM   656  H  "HO3'" . DC  A 1 21 ? 14.489  -22.532 17.314  1.00 196.72 ? 27  DC  B "HO3'" 1 
ATOM   657  H  "H2'"  . DC  A 1 21 ? 10.883  -23.300 18.195  1.00 169.74 ? 27  DC  B "H2'"  1 
ATOM   658  H  "H2''" . DC  A 1 21 ? 12.033  -22.691 19.125  1.00 169.74 ? 27  DC  B "H2''" 1 
ATOM   659  H  "H1'"  . DC  A 1 21 ? 11.534  -20.569 18.531  1.00 152.16 ? 27  DC  B "H1'"  1 
ATOM   660  H  H41    . DC  A 1 21 ? 5.392   -21.186 20.544  1.00 159.30 ? 27  DC  B H41    1 
ATOM   661  H  H42    . DC  A 1 21 ? 5.800   -19.807 20.935  1.00 159.30 ? 27  DC  B H42    1 
ATOM   662  H  H5     . DC  A 1 21 ? 6.843   -22.669 19.277  1.00 148.67 ? 27  DC  B H5     1 
ATOM   663  H  H6     . DC  A 1 21 ? 8.895   -22.892 18.310  1.00 140.42 ? 27  DC  B H6     1 
ATOM   664  O  "O5'"  . DT  B 2 1  ? -1.044  -21.136 28.428  1.00 133.27 ? 28  DT  C "O5'"  1 
ATOM   665  C  "C5'"  . DT  B 2 1  ? -1.150  -19.791 27.985  1.00 136.20 ? 28  DT  C "C5'"  1 
ATOM   666  C  "C4'"  . DT  B 2 1  ? -0.685  -18.830 29.060  1.00 142.28 ? 28  DT  C "C4'"  1 
ATOM   667  O  "O4'"  . DT  B 2 1  ? 0.353   -19.468 29.845  1.00 149.52 ? 28  DT  C "O4'"  1 
ATOM   668  C  "C3'"  . DT  B 2 1  ? -0.102  -17.519 28.536  1.00 147.71 ? 28  DT  C "C3'"  1 
ATOM   669  O  "O3'"  . DT  B 2 1  ? -1.009  -16.452 28.769  1.00 160.90 ? 28  DT  C "O3'"  1 
ATOM   670  C  "C2'"  . DT  B 2 1  ? 1.200   -17.334 29.307  1.00 139.74 ? 28  DT  C "C2'"  1 
ATOM   671  C  "C1'"  . DT  B 2 1  ? 1.553   -18.734 29.783  1.00 144.40 ? 28  DT  C "C1'"  1 
ATOM   672  N  N1     . DT  B 2 1  ? 2.521   -19.476 28.907  1.00 140.91 ? 28  DT  C N1     1 
ATOM   673  C  C2     . DT  B 2 1  ? 3.832   -19.065 28.856  1.00 149.56 ? 28  DT  C C2     1 
ATOM   674  O  O2     . DT  B 2 1  ? 4.254   -18.097 29.464  1.00 160.90 ? 28  DT  C O2     1 
ATOM   675  N  N3     . DT  B 2 1  ? 4.640   -19.824 28.052  1.00 148.39 ? 28  DT  C N3     1 
ATOM   676  C  C4     . DT  B 2 1  ? 4.280   -20.937 27.316  1.00 140.95 ? 28  DT  C C4     1 
ATOM   677  O  O4     . DT  B 2 1  ? 5.084   -21.554 26.621  1.00 131.34 ? 28  DT  C O4     1 
ATOM   678  C  C5     . DT  B 2 1  ? 2.892   -21.325 27.424  1.00 135.01 ? 28  DT  C C5     1 
ATOM   679  C  C7     . DT  B 2 1  ? 2.385   -22.519 26.674  1.00 130.58 ? 28  DT  C C7     1 
ATOM   680  C  C6     . DT  B 2 1  ? 2.090   -20.590 28.210  1.00 136.95 ? 28  DT  C C6     1 
ATOM   681  H  "H5'"  . DT  B 2 1  ? -2.075  -19.600 27.765  1.00 163.46 ? 28  DT  C "H5'"  1 
ATOM   682  H  "H5''" . DT  B 2 1  ? -0.603  -19.673 27.192  1.00 163.46 ? 28  DT  C "H5''" 1 
ATOM   683  H  "H4'"  . DT  B 2 1  ? -1.434  -18.627 29.641  1.00 170.75 ? 28  DT  C "H4'"  1 
ATOM   684  H  "H3'"  . DT  B 2 1  ? 0.083   -17.596 27.587  1.00 177.28 ? 28  DT  C "H3'"  1 
ATOM   685  H  "H2'"  . DT  B 2 1  ? 1.893   -16.989 28.724  1.00 167.71 ? 28  DT  C "H2'"  1 
ATOM   686  H  "H2''" . DT  B 2 1  ? 1.065   -16.743 30.064  1.00 167.71 ? 28  DT  C "H2''" 1 
ATOM   687  H  "H1'"  . DT  B 2 1  ? 1.927   -18.672 30.676  1.00 173.31 ? 28  DT  C "H1'"  1 
ATOM   688  H  H3     . DT  B 2 1  ? 5.463   -19.580 27.998  1.00 178.09 ? 28  DT  C H3     1 
ATOM   689  H  H71    . DT  B 2 1  ? 3.098   -22.886 26.130  1.00 156.72 ? 28  DT  C H71    1 
ATOM   690  H  H72    . DT  B 2 1  ? 2.080   -23.190 27.305  1.00 156.72 ? 28  DT  C H72    1 
ATOM   691  H  H73    . DT  B 2 1  ? 1.647   -22.252 26.103  1.00 156.72 ? 28  DT  C H73    1 
ATOM   692  H  H6     . DT  B 2 1  ? 1.197   -20.836 28.283  1.00 164.36 ? 28  DT  C H6     1 
ATOM   693  H  "HO5'" . DT  B 2 1  ? -0.643  -21.312 29.145  1.00 159.95 ? 28  DT  C "HO5'" 1 
ATOM   694  P  P      . DC  B 2 2  ? -0.931  -15.118 27.879  1.00 172.26 ? 29  DC  C P      1 
ATOM   695  O  OP1    . DC  B 2 2  ? -1.740  -14.079 28.557  1.00 153.42 ? 29  DC  C OP1    1 
ATOM   696  O  OP2    . DC  B 2 2  ? -1.233  -15.489 26.478  1.00 165.81 ? 29  DC  C OP2    1 
ATOM   697  O  "O5'"  . DC  B 2 2  ? 0.609   -14.699 27.954  1.00 154.55 ? 29  DC  C "O5'"  1 
ATOM   698  C  "C5'"  . DC  B 2 2  ? 1.106   -14.037 29.107  1.00 153.49 ? 29  DC  C "C5'"  1 
ATOM   699  C  "C4'"  . DC  B 2 2  ? 2.599   -13.794 28.991  1.00 156.46 ? 29  DC  C "C4'"  1 
ATOM   700  O  "O4'"  . DC  B 2 2  ? 3.267   -15.040 28.628  1.00 147.20 ? 29  DC  C "O4'"  1 
ATOM   701  C  "C3'"  . DC  B 2 2  ? 3.005   -12.773 27.922  1.00 163.70 ? 29  DC  C "C3'"  1 
ATOM   702  O  "O3'"  . DC  B 2 2  ? 4.049   -11.919 28.408  1.00 171.36 ? 29  DC  C "O3'"  1 
ATOM   703  C  "C2'"  . DC  B 2 2  ? 3.458   -13.657 26.769  1.00 155.36 ? 29  DC  C "C2'"  1 
ATOM   704  C  "C1'"  . DC  B 2 2  ? 4.100   -14.814 27.508  1.00 145.11 ? 29  DC  C "C1'"  1 
ATOM   705  N  N1     . DC  B 2 2  ? 4.210   -16.077 26.705  1.00 137.32 ? 29  DC  C N1     1 
ATOM   706  C  C2     . DC  B 2 2  ? 5.460   -16.477 26.208  1.00 133.14 ? 29  DC  C C2     1 
ATOM   707  O  O2     . DC  B 2 2  ? 6.457   -15.779 26.441  1.00 136.63 ? 29  DC  C O2     1 
ATOM   708  N  N3     . DC  B 2 2  ? 5.543   -17.623 25.484  1.00 124.47 ? 29  DC  C N3     1 
ATOM   709  C  C4     . DC  B 2 2  ? 4.447   -18.349 25.256  1.00 129.31 ? 29  DC  C C4     1 
ATOM   710  N  N4     . DC  B 2 2  ? 4.579   -19.471 24.540  1.00 127.39 ? 29  DC  C N4     1 
ATOM   711  C  C5     . DC  B 2 2  ? 3.167   -17.958 25.754  1.00 132.77 ? 29  DC  C C5     1 
ATOM   712  C  C6     . DC  B 2 2  ? 3.095   -16.826 26.463  1.00 135.81 ? 29  DC  C C6     1 
ATOM   713  H  "H5'"  . DC  B 2 2  ? 0.932   -14.583 29.889  1.00 184.20 ? 29  DC  C "H5'"  1 
ATOM   714  H  "H5''" . DC  B 2 2  ? 0.652   -13.185 29.205  1.00 184.20 ? 29  DC  C "H5''" 1 
ATOM   715  H  "H4'"  . DC  B 2 2  ? 2.935   -13.496 29.851  1.00 187.77 ? 29  DC  C "H4'"  1 
ATOM   716  H  "H3'"  . DC  B 2 2  ? 2.236   -12.246 27.655  1.00 196.46 ? 29  DC  C "H3'"  1 
ATOM   717  H  "H2'"  . DC  B 2 2  ? 2.701   -13.957 26.244  1.00 186.45 ? 29  DC  C "H2'"  1 
ATOM   718  H  "H2''" . DC  B 2 2  ? 4.109   -13.197 26.216  1.00 186.45 ? 29  DC  C "H2''" 1 
ATOM   719  H  "H1'"  . DC  B 2 2  ? 4.982   -14.551 27.812  1.00 174.15 ? 29  DC  C "H1'"  1 
ATOM   720  H  H41    . DC  B 2 2  ? 3.891   -19.963 24.380  1.00 152.89 ? 29  DC  C H41    1 
ATOM   721  H  H42    . DC  B 2 2  ? 5.350   -19.701 24.239  1.00 152.89 ? 29  DC  C H42    1 
ATOM   722  H  H5     . DC  B 2 2  ? 2.409   -18.471 25.589  1.00 159.34 ? 29  DC  C H5     1 
ATOM   723  H  H6     . DC  B 2 2  ? 2.275   -16.549 26.801  1.00 163.00 ? 29  DC  C H6     1 
ATOM   724  P  P      . DG  B 2 3  ? 4.564   -10.666 27.542  1.00 171.18 ? 30  DG  C P      1 
ATOM   725  O  OP1    . DG  B 2 3  ? 4.262   -9.441  28.319  1.00 167.17 ? 30  DG  C OP1    1 
ATOM   726  O  OP2    . DG  B 2 3  ? 4.051   -10.797 26.159  1.00 163.73 ? 30  DG  C OP2    1 
ATOM   727  O  "O5'"  . DG  B 2 3  ? 6.149   -10.868 27.499  1.00 150.57 ? 30  DG  C "O5'"  1 
ATOM   728  C  "C5'"  . DG  B 2 3  ? 6.693   -12.070 26.974  1.00 147.00 ? 30  DG  C "C5'"  1 
ATOM   729  C  "C4'"  . DG  B 2 3  ? 7.919   -11.787 26.131  1.00 163.35 ? 30  DG  C "C4'"  1 
ATOM   730  O  "O4'"  . DG  B 2 3  ? 8.217   -12.941 25.308  1.00 160.16 ? 30  DG  C "O4'"  1 
ATOM   731  C  "C3'"  . DG  B 2 3  ? 7.782   -10.608 25.178  1.00 152.63 ? 30  DG  C "C3'"  1 
ATOM   732  O  "O3'"  . DG  B 2 3  ? 8.989   -9.847  25.150  1.00 159.19 ? 30  DG  C "O3'"  1 
ATOM   733  C  "C2'"  . DG  B 2 3  ? 7.450   -11.241 23.824  1.00 139.13 ? 30  DG  C "C2'"  1 
ATOM   734  C  "C1'"  . DG  B 2 3  ? 7.836   -12.715 23.966  1.00 133.29 ? 30  DG  C "C1'"  1 
ATOM   735  N  N9     . DG  B 2 3  ? 6.757   -13.641 23.628  1.00 120.86 ? 30  DG  C N9     1 
ATOM   736  C  C8     . DG  B 2 3  ? 5.439   -13.543 23.996  1.00 121.41 ? 30  DG  C C8     1 
ATOM   737  N  N7     . DG  B 2 3  ? 4.699   -14.521 23.550  1.00 114.49 ? 30  DG  C N7     1 
ATOM   738  C  C5     . DG  B 2 3  ? 5.584   -15.319 22.840  1.00 116.21 ? 30  DG  C C5     1 
ATOM   739  C  C6     . DG  B 2 3  ? 5.359   -16.524 22.131  1.00 105.23 ? 30  DG  C C6     1 
ATOM   740  O  O6     . DG  B 2 3  ? 4.298   -17.142 21.987  1.00 93.71  ? 30  DG  C O6     1 
ATOM   741  N  N1     . DG  B 2 3  ? 6.528   -17.009 21.553  1.00 102.09 ? 30  DG  C N1     1 
ATOM   742  C  C2     . DG  B 2 3  ? 7.761   -16.401 21.647  1.00 110.15 ? 30  DG  C C2     1 
ATOM   743  N  N2     . DG  B 2 3  ? 8.771   -17.016 21.023  1.00 106.83 ? 30  DG  C N2     1 
ATOM   744  N  N3     . DG  B 2 3  ? 7.987   -15.274 22.310  1.00 110.64 ? 30  DG  C N3     1 
ATOM   745  C  C4     . DG  B 2 3  ? 6.856   -14.790 22.879  1.00 119.82 ? 30  DG  C C4     1 
ATOM   746  H  "H5'"  . DG  B 2 3  ? 6.024   -12.510 26.426  1.00 176.42 ? 30  DG  C "H5'"  1 
ATOM   747  H  "H5''" . DG  B 2 3  ? 6.939   -12.655 27.707  1.00 176.42 ? 30  DG  C "H5''" 1 
ATOM   748  H  "H4'"  . DG  B 2 3  ? 8.671   -11.624 26.722  1.00 196.04 ? 30  DG  C "H4'"  1 
ATOM   749  H  "H3'"  . DG  B 2 3  ? 7.046   -10.043 25.463  1.00 183.18 ? 30  DG  C "H3'"  1 
ATOM   750  H  "H2'"  . DG  B 2 3  ? 6.500   -11.159 23.638  1.00 166.98 ? 30  DG  C "H2'"  1 
ATOM   751  H  "H2''" . DG  B 2 3  ? 7.969   -10.822 23.120  1.00 166.98 ? 30  DG  C "H2''" 1 
ATOM   752  H  "H1'"  . DG  B 2 3  ? 8.596   -12.896 23.390  1.00 159.97 ? 30  DG  C "H1'"  1 
ATOM   753  H  H8     . DG  B 2 3  ? 5.106   -12.849 24.517  1.00 145.71 ? 30  DG  C H8     1 
ATOM   754  H  H1     . DG  B 2 3  ? 6.477   -17.737 21.101  1.00 122.53 ? 30  DG  C H1     1 
ATOM   755  H  H21    . DG  B 2 3  ? 9.567   -16.693 21.070  1.00 128.22 ? 30  DG  C H21    1 
ATOM   756  H  H22    . DG  B 2 3  ? 8.626   -17.736 20.573  1.00 128.22 ? 30  DG  C H22    1 
ATOM   757  P  P      . DA  B 2 4  ? 9.148   -8.608  24.141  1.00 165.93 ? 31  DA  C P      1 
ATOM   758  O  OP1    . DA  B 2 4  ? 10.091  -7.636  24.740  1.00 163.01 ? 31  DA  C OP1    1 
ATOM   759  O  OP2    . DA  B 2 4  ? 7.788   -8.165  23.762  1.00 167.06 ? 31  DA  C OP2    1 
ATOM   760  O  "O5'"  . DA  B 2 4  ? 9.826   -9.272  22.854  1.00 168.02 ? 31  DA  C "O5'"  1 
ATOM   761  C  "C5'"  . DA  B 2 4  ? 10.857  -10.246 23.019  1.00 160.65 ? 31  DA  C "C5'"  1 
ATOM   762  C  "C4'"  . DA  B 2 4  ? 11.315  -10.793 21.680  1.00 164.03 ? 31  DA  C "C4'"  1 
ATOM   763  O  "O4'"  . DA  B 2 4  ? 10.483  -11.926 21.299  1.00 153.95 ? 31  DA  C "O4'"  1 
ATOM   764  C  "C3'"  . DA  B 2 4  ? 11.240  -9.799  20.525  1.00 160.34 ? 31  DA  C "C3'"  1 
ATOM   765  O  "O3'"  . DA  B 2 4  ? 12.418  -9.878  19.738  1.00 147.81 ? 31  DA  C "O3'"  1 
ATOM   766  C  "C2'"  . DA  B 2 4  ? 9.980   -10.225 19.767  1.00 140.85 ? 31  DA  C "C2'"  1 
ATOM   767  C  "C1'"  . DA  B 2 4  ? 9.942   -11.726 20.009  1.00 131.15 ? 31  DA  C "C1'"  1 
ATOM   768  N  N9     . DA  B 2 4  ? 8.605   -12.313 19.981  1.00 124.33 ? 31  DA  C N9     1 
ATOM   769  C  C8     . DA  B 2 4  ? 7.497   -11.876 20.650  1.00 130.79 ? 31  DA  C C8     1 
ATOM   770  N  N7     . DA  B 2 4  ? 6.431   -12.616 20.453  1.00 112.46 ? 31  DA  C N7     1 
ATOM   771  C  C5     . DA  B 2 4  ? 6.873   -13.615 19.604  1.00 103.70 ? 31  DA  C C5     1 
ATOM   772  C  C6     . DA  B 2 4  ? 6.225   -14.718 19.024  1.00 98.07  ? 31  DA  C C6     1 
ATOM   773  N  N6     . DA  B 2 4  ? 4.935   -14.997 19.224  1.00 105.18 ? 31  DA  C N6     1 
ATOM   774  N  N1     . DA  B 2 4  ? 6.950   -15.520 18.222  1.00 100.06 ? 31  DA  C N1     1 
ATOM   775  C  C2     . DA  B 2 4  ? 8.243   -15.237 18.026  1.00 110.21 ? 31  DA  C C2     1 
ATOM   776  N  N3     . DA  B 2 4  ? 8.964   -14.228 18.516  1.00 117.48 ? 31  DA  C N3     1 
ATOM   777  C  C4     . DA  B 2 4  ? 8.213   -13.447 19.307  1.00 118.57 ? 31  DA  C C4     1 
ATOM   778  H  "H5'"  . DA  B 2 4  ? 10.520  -10.977 23.562  1.00 192.81 ? 31  DA  C "H5'"  1 
ATOM   779  H  "H5''" . DA  B 2 4  ? 11.612  -9.839  23.471  1.00 192.81 ? 31  DA  C "H5''" 1 
ATOM   780  H  "H4'"  . DA  B 2 4  ? 12.232  -11.098 21.767  1.00 196.86 ? 31  DA  C "H4'"  1 
ATOM   781  H  "H3'"  . DA  B 2 4  ? 11.130  -8.900  20.870  1.00 192.43 ? 31  DA  C "H3'"  1 
ATOM   782  H  "H2'"  . DA  B 2 4  ? 9.194   -9.797  20.138  1.00 169.04 ? 31  DA  C "H2'"  1 
ATOM   783  H  "H2''" . DA  B 2 4  ? 10.067  -10.032 18.820  1.00 169.04 ? 31  DA  C "H2''" 1 
ATOM   784  H  "H1'"  . DA  B 2 4  ? 10.502  -12.171 19.354  1.00 157.40 ? 31  DA  C "H1'"  1 
ATOM   785  H  H8     . DA  B 2 4  ? 7.497   -11.119 21.192  1.00 156.97 ? 31  DA  C H8     1 
ATOM   786  H  H61    . DA  B 2 4  ? 4.575   -15.671 18.830  1.00 126.23 ? 31  DA  C H61    1 
ATOM   787  H  H62    . DA  B 2 4  ? 4.464   -14.501 19.746  1.00 126.23 ? 31  DA  C H62    1 
ATOM   788  H  H2     . DA  B 2 4  ? 8.700   -15.820 17.463  1.00 132.28 ? 31  DA  C H2     1 
ATOM   789  P  P      . DG  B 2 5  ? 12.657  -8.853  18.529  1.00 170.44 ? 32  DG  C P      1 
ATOM   790  O  OP1    . DG  B 2 5  ? 13.943  -8.156  18.769  1.00 168.27 ? 32  DG  C OP1    1 
ATOM   791  O  OP2    . DG  B 2 5  ? 11.409  -8.073  18.356  1.00 143.17 ? 32  DG  C OP2    1 
ATOM   792  O  "O5'"  . DG  B 2 5  ? 12.802  -9.821  17.266  1.00 162.00 ? 32  DG  C "O5'"  1 
ATOM   793  C  "C5'"  . DG  B 2 5  ? 11.839  -10.836 17.073  1.00 146.43 ? 32  DG  C "C5'"  1 
ATOM   794  C  "C4'"  . DG  B 2 5  ? 12.226  -11.776 15.952  1.00 138.49 ? 32  DG  C "C4'"  1 
ATOM   795  O  "O4'"  . DG  B 2 5  ? 11.301  -12.893 15.940  1.00 128.92 ? 32  DG  C "O4'"  1 
ATOM   796  C  "C3'"  . DG  B 2 5  ? 12.139  -11.173 14.561  1.00 140.48 ? 32  DG  C "C3'"  1 
ATOM   797  O  "O3'"  . DG  B 2 5  ? 13.026  -11.816 13.648  1.00 142.94 ? 32  DG  C "O3'"  1 
ATOM   798  C  "C2'"  . DG  B 2 5  ? 10.678  -11.392 14.205  1.00 140.29 ? 32  DG  C "C2'"  1 
ATOM   799  C  "C1'"  . DG  B 2 5  ? 10.314  -12.688 14.945  1.00 122.03 ? 32  DG  C "C1'"  1 
ATOM   800  N  N9     . DG  B 2 5  ? 8.990   -12.623 15.573  1.00 118.69 ? 32  DG  C N9     1 
ATOM   801  C  C8     . DG  B 2 5  ? 8.541   -11.686 16.479  1.00 120.25 ? 32  DG  C C8     1 
ATOM   802  N  N7     . DG  B 2 5  ? 7.300   -11.863 16.837  1.00 105.19 ? 32  DG  C N7     1 
ATOM   803  C  C5     . DG  B 2 5  ? 6.893   -12.975 16.114  1.00 102.17 ? 32  DG  C C5     1 
ATOM   804  C  C6     . DG  B 2 5  ? 5.643   -13.638 16.088  1.00 109.55 ? 32  DG  C C6     1 
ATOM   805  O  O6     . DG  B 2 5  ? 4.615   -13.363 16.722  1.00 112.96 ? 32  DG  C O6     1 
ATOM   806  N  N1     . DG  B 2 5  ? 5.656   -14.726 15.220  1.00 108.90 ? 32  DG  C N1     1 
ATOM   807  C  C2     . DG  B 2 5  ? 6.741   -15.120 14.467  1.00 115.70 ? 32  DG  C C2     1 
ATOM   808  N  N2     . DG  B 2 5  ? 6.566   -16.194 13.685  1.00 121.65 ? 32  DG  C N2     1 
ATOM   809  N  N3     . DG  B 2 5  ? 7.917   -14.508 14.481  1.00 108.38 ? 32  DG  C N3     1 
ATOM   810  C  C4     . DG  B 2 5  ? 7.920   -13.448 15.323  1.00 108.05 ? 32  DG  C C4     1 
ATOM   811  H  "H5'"  . DG  B 2 5  ? 10.986  -10.426 16.861  1.00 175.74 ? 32  DG  C "H5'"  1 
ATOM   812  H  "H5''" . DG  B 2 5  ? 11.749  -11.345 17.894  1.00 175.74 ? 32  DG  C "H5''" 1 
ATOM   813  H  "H4'"  . DG  B 2 5  ? 13.126  -12.105 16.104  1.00 166.21 ? 32  DG  C "H4'"  1 
ATOM   814  H  "H3'"  . DG  B 2 5  ? 12.331  -10.223 14.599  1.00 168.60 ? 32  DG  C "H3'"  1 
ATOM   815  H  "H2'"  . DG  B 2 5  ? 10.135  -10.654 14.523  1.00 168.37 ? 32  DG  C "H2'"  1 
ATOM   816  H  "H2''" . DG  B 2 5  ? 10.574  -11.507 13.248  1.00 168.37 ? 32  DG  C "H2''" 1 
ATOM   817  H  "H1'"  . DG  B 2 5  ? 10.333  -13.427 14.319  1.00 146.46 ? 32  DG  C "H1'"  1 
ATOM   818  H  H8     . DG  B 2 5  ? 9.075   -11.000 16.808  1.00 144.32 ? 32  DG  C H8     1 
ATOM   819  H  H1     . DG  B 2 5  ? 4.932   -15.185 15.146  1.00 130.70 ? 32  DG  C H1     1 
ATOM   820  H  H21    . DG  B 2 5  ? 7.220   -16.494 13.214  1.00 146.00 ? 32  DG  C H21    1 
ATOM   821  H  H22    . DG  B 2 5  ? 5.799   -16.582 13.653  1.00 146.00 ? 32  DG  C H22    1 
ATOM   822  P  P      . DT  B 2 6  ? 13.222  -11.217 12.168  1.00 151.58 ? 33  DT  C P      1 
ATOM   823  O  OP1    . DT  B 2 6  ? 14.669  -10.990 11.949  1.00 149.24 ? 33  DT  C OP1    1 
ATOM   824  O  OP2    . DT  B 2 6  ? 12.269  -10.093 12.024  1.00 125.98 ? 33  DT  C OP2    1 
ATOM   825  O  "O5'"  . DT  B 2 6  ? 12.728  -12.401 11.208  1.00 134.82 ? 33  DT  C "O5'"  1 
ATOM   826  C  "C5'"  . DT  B 2 6  ? 11.422  -12.926 11.364  1.00 109.97 ? 33  DT  C "C5'"  1 
ATOM   827  C  "C4'"  . DT  B 2 6  ? 11.169  -14.088 10.433  1.00 104.59 ? 33  DT  C "C4'"  1 
ATOM   828  O  "O4'"  . DT  B 2 6  ? 10.002  -14.802 10.901  1.00 108.05 ? 33  DT  C "O4'"  1 
ATOM   829  C  "C3'"  . DT  B 2 6  ? 10.881  -13.703 8.989   1.00 104.03 ? 33  DT  C "C3'"  1 
ATOM   830  O  "O3'"  . DT  B 2 6  ? 11.405  -14.660 8.076   1.00 103.57 ? 33  DT  C "O3'"  1 
ATOM   831  C  "C2'"  . DT  B 2 6  ? 9.366   -13.633 8.933   1.00 108.15 ? 33  DT  C "C2'"  1 
ATOM   832  C  "C1'"  . DT  B 2 6  ? 8.899   -14.554 10.059  1.00 97.40  ? 33  DT  C "C1'"  1 
ATOM   833  N  N1     . DT  B 2 6  ? 7.791   -13.954 10.861  1.00 94.61  ? 33  DT  C N1     1 
ATOM   834  C  C2     . DT  B 2 6  ? 6.544   -14.528 10.815  1.00 102.04 ? 33  DT  C C2     1 
ATOM   835  O  O2     . DT  B 2 6  ? 6.298   -15.541 10.184  1.00 112.59 ? 33  DT  C O2     1 
ATOM   836  N  N3     . DT  B 2 6  ? 5.589   -13.885 11.555  1.00 105.23 ? 33  DT  C N3     1 
ATOM   837  C  C4     . DT  B 2 6  ? 5.746   -12.740 12.308  1.00 100.87 ? 33  DT  C C4     1 
ATOM   838  O  O4     . DT  B 2 6  ? 4.822   -12.236 12.942  1.00 107.57 ? 33  DT  C O4     1 
ATOM   839  C  C5     . DT  B 2 6  ? 7.071   -12.179 12.302  1.00 90.44  ? 33  DT  C C5     1 
ATOM   840  C  C7     . DT  B 2 6  ? 7.356   -10.936 13.083  1.00 94.96  ? 33  DT  C C7     1 
ATOM   841  C  C6     . DT  B 2 6  ? 8.019   -12.799 11.582  1.00 93.47  ? 33  DT  C C6     1 
ATOM   842  H  "H5'"  . DT  B 2 6  ? 10.776  -12.226 11.178  1.00 131.99 ? 33  DT  C "H5'"  1 
ATOM   843  H  "H5''" . DT  B 2 6  ? 11.308  -13.223 12.280  1.00 131.99 ? 33  DT  C "H5''" 1 
ATOM   844  H  "H4'"  . DT  B 2 6  ? 11.934  -14.683 10.456  1.00 125.52 ? 33  DT  C "H4'"  1 
ATOM   845  H  "H3'"  . DT  B 2 6  ? 11.256  -12.829 8.802   1.00 124.86 ? 33  DT  C "H3'"  1 
ATOM   846  H  "H2'"  . DT  B 2 6  ? 9.062   -12.726 9.091   1.00 129.80 ? 33  DT  C "H2'"  1 
ATOM   847  H  "H2''" . DT  B 2 6  ? 9.043   -13.955 8.077   1.00 129.80 ? 33  DT  C "H2''" 1 
ATOM   848  H  "H1'"  . DT  B 2 6  ? 8.595   -15.393 9.678   1.00 116.90 ? 33  DT  C "H1'"  1 
ATOM   849  H  H3     . DT  B 2 6  ? 4.803   -14.235 11.550  1.00 126.30 ? 33  DT  C H3     1 
ATOM   850  H  H71    . DT  B 2 6  ? 8.050   -11.116 13.736  1.00 113.97 ? 33  DT  C H71    1 
ATOM   851  H  H72    . DT  B 2 6  ? 7.653   -10.237 12.479  1.00 113.97 ? 33  DT  C H72    1 
ATOM   852  H  H73    . DT  B 2 6  ? 6.549   -10.649 13.539  1.00 113.97 ? 33  DT  C H73    1 
ATOM   853  H  H6     . DT  B 2 6  ? 8.876   -12.435 11.573  1.00 112.19 ? 33  DT  C H6     1 
ATOM   854  P  P      . DC  B 2 7  ? 11.377  -14.352 6.497   1.00 112.80 ? 34  DC  C P      1 
ATOM   855  O  OP1    . DC  B 2 7  ? 12.296  -15.302 5.826   1.00 100.20 ? 34  DC  C OP1    1 
ATOM   856  O  OP2    . DC  B 2 7  ? 11.555  -12.892 6.312   1.00 102.66 ? 34  DC  C OP2    1 
ATOM   857  O  "O5'"  . DC  B 2 7  ? 9.879   -14.706 6.074   1.00 105.55 ? 34  DC  C "O5'"  1 
ATOM   858  C  "C5'"  . DC  B 2 7  ? 9.428   -16.044 6.156   1.00 107.57 ? 34  DC  C "C5'"  1 
ATOM   859  C  "C4'"  . DC  B 2 7  ? 7.922   -16.136 5.971   1.00 110.86 ? 34  DC  C "C4'"  1 
ATOM   860  O  "O4'"  . DC  B 2 7  ? 7.249   -15.373 6.989   1.00 104.85 ? 34  DC  C "O4'"  1 
ATOM   861  C  "C3'"  . DC  B 2 7  ? 7.391   -15.593 4.643   1.00 100.03 ? 34  DC  C "C3'"  1 
ATOM   862  O  "O3'"  . DC  B 2 7  ? 6.954   -16.673 3.839   1.00 107.90 ? 34  DC  C "O3'"  1 
ATOM   863  C  "C2'"  . DC  B 2 7  ? 6.245   -14.637 5.036   1.00 84.71  ? 34  DC  C "C2'"  1 
ATOM   864  C  "C1'"  . DC  B 2 7  ? 5.996   -14.986 6.490   1.00 78.92  ? 34  DC  C "C1'"  1 
ATOM   865  N  N1     . DC  B 2 7  ? 5.492   -13.880 7.352   1.00 78.47  ? 34  DC  C N1     1 
ATOM   866  C  C2     . DC  B 2 7  ? 4.139   -13.840 7.726   1.00 95.42  ? 34  DC  C C2     1 
ATOM   867  O  O2     . DC  B 2 7  ? 3.358   -14.702 7.292   1.00 96.99  ? 34  DC  C O2     1 
ATOM   868  N  N3     . DC  B 2 7  ? 3.715   -12.842 8.544   1.00 92.73  ? 34  DC  C N3     1 
ATOM   869  C  C4     . DC  B 2 7  ? 4.584   -11.935 8.993   1.00 88.41  ? 34  DC  C C4     1 
ATOM   870  N  N4     . DC  B 2 7  ? 4.121   -10.972 9.793   1.00 99.41  ? 34  DC  C N4     1 
ATOM   871  C  C5     . DC  B 2 7  ? 5.964   -11.974 8.639   1.00 80.50  ? 34  DC  C C5     1 
ATOM   872  C  C6     . DC  B 2 7  ? 6.370   -12.958 7.833   1.00 83.00  ? 34  DC  C C6     1 
ATOM   873  H  "H5'"  . DC  B 2 7  ? 9.664   -16.406 7.024   1.00 129.11 ? 34  DC  C "H5'"  1 
ATOM   874  H  "H5''" . DC  B 2 7  ? 9.865   -16.568 5.465   1.00 129.11 ? 34  DC  C "H5''" 1 
ATOM   875  H  "H4'"  . DC  B 2 7  ? 7.656   -17.065 6.053   1.00 133.05 ? 34  DC  C "H4'"  1 
ATOM   876  H  "H3'"  . DC  B 2 7  ? 8.090   -15.101 4.185   1.00 120.05 ? 34  DC  C "H3'"  1 
ATOM   877  H  "H2'"  . DC  B 2 7  ? 6.523   -13.713 4.948   1.00 101.67 ? 34  DC  C "H2'"  1 
ATOM   878  H  "H2''" . DC  B 2 7  ? 5.454   -14.812 4.502   1.00 101.67 ? 34  DC  C "H2''" 1 
ATOM   879  H  "H1'"  . DC  B 2 7  ? 5.385   -15.738 6.541   1.00 94.72  ? 34  DC  C "H1'"  1 
ATOM   880  H  H41    . DC  B 2 7  ? 4.662   -10.395 10.130  1.00 119.31 ? 34  DC  C H41    1 
ATOM   881  H  H42    . DC  B 2 7  ? 3.281   -10.928 9.971   1.00 119.31 ? 34  DC  C H42    1 
ATOM   882  H  H5     . DC  B 2 7  ? 6.560   -11.336 8.958   1.00 96.62  ? 34  DC  C H5     1 
ATOM   883  H  H6     . DC  B 2 7  ? 7.266   -13.006 7.587   1.00 99.63  ? 34  DC  C H6     1 
ATOM   884  P  P      . DG  B 2 8  ? 6.331   -16.398 2.395   1.00 104.17 ? 35  DG  C P      1 
ATOM   885  O  OP1    . DG  B 2 8  ? 6.425   -17.623 1.565   1.00 105.28 ? 35  DG  C OP1    1 
ATOM   886  O  OP2    . DG  B 2 8  ? 6.885   -15.107 1.932   1.00 81.12  ? 35  DG  C OP2    1 
ATOM   887  O  "O5'"  . DG  B 2 8  ? 4.811   -16.156 2.713   1.00 74.37  ? 35  DG  C "O5'"  1 
ATOM   888  C  "C5'"  . DG  B 2 8  ? 4.115   -15.259 1.952   1.00 81.59  ? 35  DG  C "C5'"  1 
ATOM   889  C  "C4'"  . DG  B 2 8  ? 2.647   -15.407 2.205   1.00 90.15  ? 35  DG  C "C4'"  1 
ATOM   890  O  "O4'"  . DG  B 2 8  ? 2.339   -14.928 3.536   1.00 98.72  ? 35  DG  C "O4'"  1 
ATOM   891  C  "C3'"  . DG  B 2 8  ? 1.771   -14.632 1.260   1.00 81.13  ? 35  DG  C "C3'"  1 
ATOM   892  O  "O3'"  . DG  B 2 8  ? 0.617   -15.386 0.951   1.00 72.95  ? 35  DG  C "O3'"  1 
ATOM   893  C  "C2'"  . DG  B 2 8  ? 1.461   -13.336 2.010   1.00 89.07  ? 35  DG  C "C2'"  1 
ATOM   894  C  "C1'"  . DG  B 2 8  ? 1.672   -13.684 3.482   1.00 91.60  ? 35  DG  C "C1'"  1 
ATOM   895  N  N9     . DG  B 2 8  ? 2.473   -12.699 4.209   1.00 78.82  ? 35  DG  C N9     1 
ATOM   896  C  C8     . DG  B 2 8  ? 3.806   -12.419 4.034   1.00 80.56  ? 35  DG  C C8     1 
ATOM   897  N  N7     . DG  B 2 8  ? 4.251   -11.489 4.833   1.00 86.61  ? 35  DG  C N7     1 
ATOM   898  C  C5     . DG  B 2 8  ? 3.147   -11.135 5.591   1.00 86.71  ? 35  DG  C C5     1 
ATOM   899  C  C6     . DG  B 2 8  ? 3.022   -10.183 6.629   1.00 88.23  ? 35  DG  C C6     1 
ATOM   900  O  O6     . DG  B 2 8  ? 3.895   -9.437  7.090   1.00 90.15  ? 35  DG  C O6     1 
ATOM   901  N  N1     . DG  B 2 8  ? 1.725   -10.136 7.133   1.00 84.33  ? 35  DG  C N1     1 
ATOM   902  C  C2     . DG  B 2 8  ? 0.683   -10.923 6.694   1.00 91.85  ? 35  DG  C C2     1 
ATOM   903  N  N2     . DG  B 2 8  ? -0.503  -10.745 7.302   1.00 93.23  ? 35  DG  C N2     1 
ATOM   904  N  N3     . DG  B 2 8  ? 0.790   -11.820 5.723   1.00 90.93  ? 35  DG  C N3     1 
ATOM   905  C  C4     . DG  B 2 8  ? 2.044   -11.870 5.219   1.00 84.77  ? 35  DG  C C4     1 
ATOM   906  H  "H5'"  . DG  B 2 8  ? 4.298   -15.422 1.014   1.00 97.92  ? 35  DG  C "H5'"  1 
ATOM   907  H  "H5''" . DG  B 2 8  ? 4.392   -14.359 2.182   1.00 97.92  ? 35  DG  C "H5''" 1 
ATOM   908  H  "H4'"  . DG  B 2 8  ? 2.413   -16.347 2.148   1.00 108.20 ? 35  DG  C "H4'"  1 
ATOM   909  H  "H3'"  . DG  B 2 8  ? 2.262   -14.433 0.446   1.00 97.38  ? 35  DG  C "H3'"  1 
ATOM   910  H  "HO3'" . DG  B 2 8  ? 0.501   -16.139 1.304   1.00 87.57  ? 35  DG  C "HO3'" 1 
ATOM   911  H  "H2'"  . DG  B 2 8  ? 2.072   -12.634 1.738   1.00 106.91 ? 35  DG  C "H2'"  1 
ATOM   912  H  "H2''" . DG  B 2 8  ? 0.543   -13.066 1.855   1.00 106.91 ? 35  DG  C "H2''" 1 
ATOM   913  H  "H1'"  . DG  B 2 8  ? 0.808   -13.769 3.914   1.00 109.94 ? 35  DG  C "H1'"  1 
ATOM   914  H  H8     . DG  B 2 8  ? 4.338   -12.844 3.399   1.00 96.69  ? 35  DG  C H8     1 
ATOM   915  H  H1     . DG  B 2 8  ? 1.565   -9.580  7.770   1.00 101.22 ? 35  DG  C H1     1 
ATOM   916  H  H21    . DG  B 2 8  ? -1.224  -11.032 6.930   1.00 111.90 ? 35  DG  C H21    1 
ATOM   917  P  P      . DG  C 3 1  ? 2.132   16.877  -4.800  1.00 149.17 ? 36  DG  D P      1 
ATOM   918  O  OP1    . DG  C 3 1  ? 1.689   17.621  -3.596  1.00 103.93 ? 36  DG  D OP1    1 
ATOM   919  O  OP2    . DG  C 3 1  ? 3.576   16.670  -5.074  1.00 142.83 ? 36  DG  D OP2    1 
ATOM   920  O  "O5'"  . DG  C 3 1  ? 1.379   15.459  -4.794  1.00 119.84 ? 36  DG  D "O5'"  1 
ATOM   921  C  "C5'"  . DG  C 3 1  ? 1.660   14.507  -3.777  1.00 100.14 ? 36  DG  D "C5'"  1 
ATOM   922  C  "C4'"  . DG  C 3 1  ? 2.832   13.624  -4.148  1.00 107.00 ? 36  DG  D "C4'"  1 
ATOM   923  O  "O4'"  . DG  C 3 1  ? 2.629   12.321  -3.559  1.00 94.23  ? 36  DG  D "O4'"  1 
ATOM   924  C  "C3'"  . DG  C 3 1  ? 3.025   13.411  -5.650  1.00 119.71 ? 36  DG  D "C3'"  1 
ATOM   925  O  "O3'"  . DG  C 3 1  ? 4.166   14.118  -6.112  1.00 119.33 ? 36  DG  D "O3'"  1 
ATOM   926  C  "C2'"  . DG  C 3 1  ? 3.187   11.906  -5.820  1.00 103.51 ? 36  DG  D "C2'"  1 
ATOM   927  C  "C1'"  . DG  C 3 1  ? 2.615   11.317  -4.544  1.00 86.95  ? 36  DG  D "C1'"  1 
ATOM   928  N  N9     . DG  C 3 1  ? 1.258   10.824  -4.672  1.00 74.81  ? 36  DG  D N9     1 
ATOM   929  C  C8     . DG  C 3 1  ? 0.125   11.374  -4.145  1.00 79.82  ? 36  DG  D C8     1 
ATOM   930  N  N7     . DG  C 3 1  ? -0.951  10.684  -4.396  1.00 77.17  ? 36  DG  D N7     1 
ATOM   931  C  C5     . DG  C 3 1  ? -0.492  9.608   -5.135  1.00 77.62  ? 36  DG  D C5     1 
ATOM   932  C  C6     . DG  C 3 1  ? -1.196  8.521   -5.691  1.00 79.92  ? 36  DG  D C6     1 
ATOM   933  O  O6     . DG  C 3 1  ? -2.408  8.294   -5.648  1.00 88.62  ? 36  DG  D O6     1 
ATOM   934  N  N1     . DG  C 3 1  ? -0.351  7.646   -6.361  1.00 90.94  ? 36  DG  D N1     1 
ATOM   935  C  C2     . DG  C 3 1  ? 1.014   7.808   -6.477  1.00 103.53 ? 36  DG  D C2     1 
ATOM   936  N  N2     . DG  C 3 1  ? 1.674   6.863   -7.161  1.00 107.13 ? 36  DG  D N2     1 
ATOM   937  N  N3     . DG  C 3 1  ? 1.685   8.825   -5.956  1.00 91.22  ? 36  DG  D N3     1 
ATOM   938  C  C4     . DG  C 3 1  ? 0.868   9.681   -5.306  1.00 83.94  ? 36  DG  D C4     1 
ATOM   939  H  "H5'"  . DG  C 3 1  ? 0.877   13.952  -3.639  1.00 120.19 ? 36  DG  D "H5'"  1 
ATOM   940  H  "H5''" . DG  C 3 1  ? 1.865   14.976  -2.953  1.00 120.19 ? 36  DG  D "H5''" 1 
ATOM   941  H  "H4'"  . DG  C 3 1  ? 3.643   14.010  -3.781  1.00 128.42 ? 36  DG  D "H4'"  1 
ATOM   942  H  "H3'"  . DG  C 3 1  ? 2.235   13.711  -6.129  1.00 143.68 ? 36  DG  D "H3'"  1 
ATOM   943  H  "H2'"  . DG  C 3 1  ? 2.686   11.596  -6.590  1.00 124.23 ? 36  DG  D "H2'"  1 
ATOM   944  H  "H2''" . DG  C 3 1  ? 4.125   11.675  -5.909  1.00 124.23 ? 36  DG  D "H2''" 1 
ATOM   945  H  "H1'"  . DG  C 3 1  ? 3.186   10.588  -4.256  1.00 104.36 ? 36  DG  D "H1'"  1 
ATOM   946  H  H8     . DG  C 3 1  ? 0.120   12.165  -3.655  1.00 95.81  ? 36  DG  D H8     1 
ATOM   947  H  H1     . DG  C 3 1  ? -0.703  6.956   -6.732  1.00 109.15 ? 36  DG  D H1     1 
ATOM   948  H  H21    . DG  C 3 1  ? 1.299   6.478   -7.834  1.00 128.58 ? 36  DG  D H21    1 
ATOM   949  P  P      . DT  C 3 2  ? 4.282   14.527  -7.658  1.00 102.93 ? 37  DT  D P      1 
ATOM   950  O  OP1    . DT  C 3 2  ? 5.490   15.385  -7.789  1.00 107.44 ? 37  DT  D OP1    1 
ATOM   951  O  OP2    . DT  C 3 2  ? 2.958   15.016  -8.100  1.00 98.29  ? 37  DT  D OP2    1 
ATOM   952  O  "O5'"  . DT  C 3 2  ? 4.506   13.131  -8.400  1.00 83.57  ? 37  DT  D "O5'"  1 
ATOM   953  C  "C5'"  . DT  C 3 2  ? 5.794   12.565  -8.444  1.00 98.94  ? 37  DT  D "C5'"  1 
ATOM   954  C  "C4'"  . DT  C 3 2  ? 5.771   11.318  -9.288  1.00 102.82 ? 37  DT  D "C4'"  1 
ATOM   955  O  "O4'"  . DT  C 3 2  ? 4.553   10.587  -8.996  1.00 103.95 ? 37  DT  D "O4'"  1 
ATOM   956  C  "C3'"  . DT  C 3 2  ? 5.719   11.572  -10.782 1.00 111.02 ? 37  DT  D "C3'"  1 
ATOM   957  O  "O3'"  . DT  C 3 2  ? 6.236   10.452  -11.464 1.00 110.36 ? 37  DT  D "O3'"  1 
ATOM   958  C  "C2'"  . DT  C 3 2  ? 4.223   11.711  -11.011 1.00 111.82 ? 37  DT  D "C2'"  1 
ATOM   959  C  "C1'"  . DT  C 3 2  ? 3.721   10.584  -10.134 1.00 79.11  ? 37  DT  D "C1'"  1 
ATOM   960  N  N1     . DT  C 3 2  ? 2.322   10.728  -9.685  1.00 85.55  ? 37  DT  D N1     1 
ATOM   961  C  C2     . DT  C 3 2  ? 1.444   9.695   -9.924  1.00 102.84 ? 37  DT  D C2     1 
ATOM   962  O  O2     . DT  C 3 2  ? 1.764   8.680   -10.513 1.00 109.72 ? 37  DT  D O2     1 
ATOM   963  N  N3     . DT  C 3 2  ? 0.172   9.894   -9.457  1.00 91.16  ? 37  DT  D N3     1 
ATOM   964  C  C4     . DT  C 3 2  ? -0.298  10.998  -8.781  1.00 87.44  ? 37  DT  D C4     1 
ATOM   965  O  O4     . DT  C 3 2  ? -1.457  11.081  -8.404  1.00 90.49  ? 37  DT  D O4     1 
ATOM   966  C  C5     . DT  C 3 2  ? 0.674   12.048  -8.551  1.00 92.86  ? 37  DT  D C5     1 
ATOM   967  C  C7     . DT  C 3 2  ? 0.274   13.299  -7.825  1.00 96.99  ? 37  DT  D C7     1 
ATOM   968  C  C6     . DT  C 3 2  ? 1.928   11.864  -9.010  1.00 80.39  ? 37  DT  D C6     1 
ATOM   969  P  P      . DG  C 3 3  ? 6.311   10.451  -13.067 1.00 139.29 ? 38  DG  D P      1 
ATOM   970  O  OP1    . DG  C 3 3  ? 7.721   10.173  -13.431 1.00 146.89 ? 38  DG  D OP1    1 
ATOM   971  O  OP2    . DG  C 3 3  ? 5.653   11.693  -13.541 1.00 118.78 ? 38  DG  D OP2    1 
ATOM   972  O  "O5'"  . DG  C 3 3  ? 5.406   9.201   -13.497 1.00 101.33 ? 38  DG  D "O5'"  1 
ATOM   973  C  "C5'"  . DG  C 3 3  ? 3.992   9.274   -13.404 1.00 105.02 ? 38  DG  D "C5'"  1 
ATOM   974  C  "C4'"  . DG  C 3 3  ? 3.360   8.010   -13.946 1.00 121.34 ? 38  DG  D "C4'"  1 
ATOM   975  O  "O4'"  . DG  C 3 3  ? 2.084   7.798   -13.306 1.00 124.94 ? 38  DG  D "O4'"  1 
ATOM   976  C  "C3'"  . DG  C 3 3  ? 3.051   8.033   -15.428 1.00 134.77 ? 38  DG  D "C3'"  1 
ATOM   977  O  "O3'"  . DG  C 3 3  ? 3.032   6.708   -15.964 1.00 149.61 ? 38  DG  D "O3'"  1 
ATOM   978  C  "C2'"  . DG  C 3 3  ? 1.680   8.694   -15.467 1.00 124.08 ? 38  DG  D "C2'"  1 
ATOM   979  C  "C1'"  . DG  C 3 3  ? 1.040   8.251   -14.151 1.00 115.66 ? 38  DG  D "C1'"  1 
ATOM   980  N  N9     . DG  C 3 3  ? 0.326   9.312   -13.454 1.00 113.79 ? 38  DG  D N9     1 
ATOM   981  C  C8     . DG  C 3 3  ? 0.840   10.510  -13.027 1.00 108.10 ? 38  DG  D C8     1 
ATOM   982  N  N7     . DG  C 3 3  ? -0.037  11.263  -12.419 1.00 104.90 ? 38  DG  D N7     1 
ATOM   983  C  C5     . DG  C 3 3  ? -1.204  10.509  -12.441 1.00 105.63 ? 38  DG  D C5     1 
ATOM   984  C  C6     . DG  C 3 3  ? -2.490  10.805  -11.933 1.00 113.70 ? 38  DG  D C6     1 
ATOM   985  O  O6     . DG  C 3 3  ? -2.864  11.826  -11.341 1.00 125.81 ? 38  DG  D O6     1 
ATOM   986  N  N1     . DG  C 3 3  ? -3.388  9.765   -12.165 1.00 108.86 ? 38  DG  D N1     1 
ATOM   987  C  C2     . DG  C 3 3  ? -3.082  8.596   -12.812 1.00 114.36 ? 38  DG  D C2     1 
ATOM   988  N  N2     . DG  C 3 3  ? -4.082  7.714   -12.947 1.00 117.63 ? 38  DG  D N2     1 
ATOM   989  N  N3     . DG  C 3 3  ? -1.882  8.307   -13.295 1.00 108.95 ? 38  DG  D N3     1 
ATOM   990  C  C4     . DG  C 3 3  ? -0.995  9.305   -13.072 1.00 107.86 ? 38  DG  D C4     1 
ATOM   991  H  "H5'"  . DG  C 3 3  ? 3.676   10.034  -13.916 1.00 126.05 ? 38  DG  D "H5'"  1 
ATOM   992  H  "H5''" . DG  C 3 3  ? 3.738   9.386   -12.474 1.00 126.05 ? 38  DG  D "H5''" 1 
ATOM   993  H  "H4'"  . DG  C 3 3  ? 3.941   7.258   -13.753 1.00 145.63 ? 38  DG  D "H4'"  1 
ATOM   994  H  "H3'"  . DG  C 3 3  ? 3.701   8.578   -15.899 1.00 161.75 ? 38  DG  D "H3'"  1 
ATOM   995  H  "H2'"  . DG  C 3 3  ? 1.767   9.660   -15.498 1.00 148.92 ? 38  DG  D "H2'"  1 
ATOM   996  H  "H2''" . DG  C 3 3  ? 1.166   8.372   -16.224 1.00 148.92 ? 38  DG  D "H2''" 1 
ATOM   997  H  "H1'"  . DG  C 3 3  ? 0.431   7.516   -14.324 1.00 138.81 ? 38  DG  D "H1'"  1 
ATOM   998  H  H8     . DG  C 3 3  ? 1.723   10.765  -13.164 1.00 129.75 ? 38  DG  D H8     1 
ATOM   999  H  H1     . DG  C 3 3  ? -4.196  9.868   -11.887 1.00 130.65 ? 38  DG  D H1     1 
ATOM   1000 H  H21    . DG  C 3 3  ? -3.938  6.955   -13.326 1.00 141.18 ? 38  DG  D H21    1 
ATOM   1001 H  H22    . DG  C 3 3  ? -4.867  7.906   -12.655 1.00 141.18 ? 38  DG  D H22    1 
ATOM   1002 P  P      . DT  C 3 4  ? 3.346   6.450   -17.521 1.00 170.17 ? 39  DT  D P      1 
ATOM   1003 O  OP1    . DT  C 3 4  ? 4.403   5.417   -17.594 1.00 154.46 ? 39  DT  D OP1    1 
ATOM   1004 O  OP2    . DT  C 3 4  ? 3.569   7.763   -18.165 1.00 161.03 ? 39  DT  D OP2    1 
ATOM   1005 O  "O5'"  . DT  C 3 4  ? 1.979   5.843   -18.095 1.00 144.64 ? 39  DT  D "O5'"  1 
ATOM   1006 C  "C5'"  . DT  C 3 4  ? 0.980   6.704   -18.636 1.00 137.03 ? 39  DT  D "C5'"  1 
ATOM   1007 C  "C4'"  . DT  C 3 4  ? -0.399  6.298   -18.159 1.00 132.33 ? 39  DT  D "C4'"  1 
ATOM   1008 O  "O4'"  . DT  C 3 4  ? -0.856  7.238   -17.167 1.00 129.17 ? 39  DT  D "O4'"  1 
ATOM   1009 C  "C3'"  . DT  C 3 4  ? -1.482  6.282   -19.243 1.00 156.24 ? 39  DT  D "C3'"  1 
ATOM   1010 O  "O3'"  . DT  C 3 4  ? -1.834  4.943   -19.576 1.00 165.51 ? 39  DT  D "O3'"  1 
ATOM   1011 C  "C2'"  . DT  C 3 4  ? -2.659  7.060   -18.632 1.00 166.24 ? 39  DT  D "C2'"  1 
ATOM   1012 C  "C1'"  . DT  C 3 4  ? -2.259  7.240   -17.178 1.00 142.32 ? 39  DT  D "C1'"  1 
ATOM   1013 N  N1     . DT  C 3 4  ? -2.741  8.503   -16.559 1.00 140.03 ? 39  DT  D N1     1 
ATOM   1014 C  C2     . DT  C 3 4  ? -3.995  8.538   -15.990 1.00 151.37 ? 39  DT  D C2     1 
ATOM   1015 O  O2     . DT  C 3 4  ? -4.751  7.582   -15.976 1.00 155.60 ? 39  DT  D O2     1 
ATOM   1016 N  N3     . DT  C 3 4  ? -4.336  9.742   -15.433 1.00 149.34 ? 39  DT  D N3     1 
ATOM   1017 C  C4     . DT  C 3 4  ? -3.567  10.890  -15.388 1.00 137.57 ? 39  DT  D C4     1 
ATOM   1018 O  O4     . DT  C 3 4  ? -3.965  11.928  -14.864 1.00 119.52 ? 39  DT  D O4     1 
ATOM   1019 C  C5     . DT  C 3 4  ? -2.260  10.783  -16.000 1.00 128.46 ? 39  DT  D C5     1 
ATOM   1020 C  C7     . DT  C 3 4  ? -1.338  11.966  -16.016 1.00 117.72 ? 39  DT  D C7     1 
ATOM   1021 C  C6     . DT  C 3 4  ? -1.915  9.608   -16.549 1.00 128.73 ? 39  DT  D C6     1 
ATOM   1022 H  "H5'"  . DT  C 3 4  ? 1.008   6.656   -19.605 1.00 164.45 ? 39  DT  D "H5'"  1 
ATOM   1023 H  "H5''" . DT  C 3 4  ? 1.158   7.615   -18.357 1.00 164.45 ? 39  DT  D "H5''" 1 
ATOM   1024 H  "H4'"  . DT  C 3 4  ? -0.344  5.418   -17.756 1.00 158.81 ? 39  DT  D "H4'"  1 
ATOM   1025 H  "H3'"  . DT  C 3 4  ? -1.160  6.743   -20.033 1.00 187.51 ? 39  DT  D "H3'"  1 
ATOM   1026 H  "H2'"  . DT  C 3 4  ? -2.762  7.921   -19.066 1.00 199.50 ? 39  DT  D "H2'"  1 
ATOM   1027 H  "H2''" . DT  C 3 4  ? -3.479  6.544   -18.698 1.00 199.50 ? 39  DT  D "H2''" 1 
ATOM   1028 H  "H1'"  . DT  C 3 4  ? -2.583  6.486   -16.661 1.00 170.81 ? 39  DT  D "H1'"  1 
ATOM   1029 H  H3     . DT  C 3 4  ? -5.115  9.788   -15.072 1.00 179.23 ? 39  DT  D H3     1 
ATOM   1030 H  H71    . DT  C 3 4  ? -1.760  12.711  -15.560 1.00 141.28 ? 39  DT  D H71    1 
ATOM   1031 H  H72    . DT  C 3 4  ? -0.512  11.737  -15.564 1.00 141.28 ? 39  DT  D H72    1 
ATOM   1032 H  H73    . DT  C 3 4  ? -1.148  12.214  -16.933 1.00 141.28 ? 39  DT  D H73    1 
ATOM   1033 H  H6     . DT  C 3 4  ? -1.076  9.536   -16.945 1.00 154.50 ? 39  DT  D H6     1 
ATOM   1034 P  P      . DC  C 3 5  ? -2.607  4.622   -20.950 1.00 200.21 ? 40  DC  D P      1 
ATOM   1035 O  OP1    . DC  C 3 5  ? -3.327  3.344   -20.755 1.00 188.88 ? 40  DC  D OP1    1 
ATOM   1036 O  OP2    . DC  C 3 5  ? -1.622  4.758   -22.051 1.00 188.41 ? 40  DC  D OP2    1 
ATOM   1037 O  "O5'"  . DC  C 3 5  ? -3.700  5.792   -21.065 1.00 179.55 ? 40  DC  D "O5'"  1 
ATOM   1038 C  "C5'"  . DC  C 3 5  ? -4.588  5.836   -22.177 1.00 183.64 ? 40  DC  D "C5'"  1 
ATOM   1039 C  "C4'"  . DC  C 3 5  ? -6.026  5.977   -21.713 1.00 191.00 ? 40  DC  D "C4'"  1 
ATOM   1040 O  "O4'"  . DC  C 3 5  ? -6.061  6.368   -20.311 1.00 185.53 ? 40  DC  D "O4'"  1 
ATOM   1041 C  "C3'"  . DC  C 3 5  ? -6.824  7.047   -22.438 1.00 186.25 ? 40  DC  D "C3'"  1 
ATOM   1042 O  "O3'"  . DC  C 3 5  ? -7.366  6.526   -23.657 1.00 189.31 ? 40  DC  D "O3'"  1 
ATOM   1043 C  "C2'"  . DC  C 3 5  ? -7.895  7.386   -21.408 1.00 190.61 ? 40  DC  D "C2'"  1 
ATOM   1044 C  "C1'"  . DC  C 3 5  ? -7.085  7.332   -20.109 1.00 188.56 ? 40  DC  D "C1'"  1 
ATOM   1045 N  N1     . DC  C 3 5  ? -6.450  8.651   -19.717 1.00 177.47 ? 40  DC  D N1     1 
ATOM   1046 C  C2     . DC  C 3 5  ? -7.150  9.534   -18.881 1.00 172.57 ? 40  DC  D C2     1 
ATOM   1047 O  O2     . DC  C 3 5  ? -8.280  9.218   -18.483 1.00 179.38 ? 40  DC  D O2     1 
ATOM   1048 N  N3     . DC  C 3 5  ? -6.570  10.713  -18.533 1.00 158.29 ? 40  DC  D N3     1 
ATOM   1049 C  C4     . DC  C 3 5  ? -5.348  11.017  -18.980 1.00 156.55 ? 40  DC  D C4     1 
ATOM   1050 N  N4     . DC  C 3 5  ? -4.819  12.189  -18.604 1.00 146.43 ? 40  DC  D N4     1 
ATOM   1051 C  C5     . DC  C 3 5  ? -4.616  10.129  -19.831 1.00 158.54 ? 40  DC  D C5     1 
ATOM   1052 C  C6     . DC  C 3 5  ? -5.199  8.969   -20.170 1.00 163.41 ? 40  DC  D C6     1 
ATOM   1053 P  P      . DG  C 3 6  ? -8.896  6.041   -23.748 1.00 216.85 ? 41  DG  D P      1 
ATOM   1054 O  OP1    . DG  C 3 6  ? -9.145  5.084   -22.647 1.00 206.93 ? 41  DG  D OP1    1 
ATOM   1055 O  OP2    . DG  C 3 6  ? -9.109  5.616   -25.151 1.00 224.45 ? 41  DG  D OP2    1 
ATOM   1056 O  "O5'"  . DG  C 3 6  ? -9.753  7.373   -23.499 1.00 195.69 ? 41  DG  D "O5'"  1 
ATOM   1057 C  "C5'"  . DG  C 3 6  ? -10.993 7.298   -22.793 1.00 185.69 ? 41  DG  D "C5'"  1 
ATOM   1058 C  "C4'"  . DG  C 3 6  ? -11.304 8.608   -22.090 1.00 190.86 ? 41  DG  D "C4'"  1 
ATOM   1059 O  "O4'"  . DG  C 3 6  ? -10.079 9.198   -21.615 1.00 187.99 ? 41  DG  D "O4'"  1 
ATOM   1060 C  "C3'"  . DG  C 3 6  ? -11.939 9.673   -22.970 1.00 181.14 ? 41  DG  D "C3'"  1 
ATOM   1061 O  "O3'"  . DG  C 3 6  ? -13.357 9.602   -22.901 1.00 181.87 ? 41  DG  D "O3'"  1 
ATOM   1062 C  "C2'"  . DG  C 3 6  ? -11.401 10.996  -22.413 1.00 165.53 ? 41  DG  D "C2'"  1 
ATOM   1063 C  "C1'"  . DG  C 3 6  ? -10.235 10.595  -21.509 1.00 175.27 ? 41  DG  D "C1'"  1 
ATOM   1064 N  N9     . DG  C 3 6  ? -8.971  11.229  -21.867 1.00 165.67 ? 41  DG  D N9     1 
ATOM   1065 C  C8     . DG  C 3 6  ? -8.015  10.741  -22.727 1.00 166.24 ? 41  DG  D C8     1 
ATOM   1066 N  N7     . DG  C 3 6  ? -6.979  11.523  -22.851 1.00 155.43 ? 41  DG  D N7     1 
ATOM   1067 C  C5     . DG  C 3 6  ? -7.264  12.599  -22.017 1.00 158.96 ? 41  DG  D C5     1 
ATOM   1068 C  C6     . DG  C 3 6  ? -6.508  13.763  -21.742 1.00 150.55 ? 41  DG  D C6     1 
ATOM   1069 O  O6     . DG  C 3 6  ? -5.401  14.085  -22.192 1.00 148.10 ? 41  DG  D O6     1 
ATOM   1070 N  N1     . DG  C 3 6  ? -7.160  14.597  -20.840 1.00 148.56 ? 41  DG  D N1     1 
ATOM   1071 C  C2     . DG  C 3 6  ? -8.389  14.341  -20.277 1.00 150.49 ? 41  DG  D C2     1 
ATOM   1072 N  N2     . DG  C 3 6  ? -8.855  15.268  -19.431 1.00 142.19 ? 41  DG  D N2     1 
ATOM   1073 N  N3     . DG  C 3 6  ? -9.109  13.254  -20.527 1.00 152.86 ? 41  DG  D N3     1 
ATOM   1074 C  C4     . DG  C 3 6  ? -8.486  12.430  -21.404 1.00 161.60 ? 41  DG  D C4     1 
ATOM   1075 H  "H5'"  . DG  C 3 6  ? -10.942 6.589   -22.133 1.00 222.85 ? 41  DG  D "H5'"  1 
ATOM   1076 H  "H5''" . DG  C 3 6  ? -11.705 7.098   -23.420 1.00 222.85 ? 41  DG  D "H5''" 1 
ATOM   1077 H  "H4'"  . DG  C 3 6  ? -11.887 8.434   -21.334 1.00 229.05 ? 41  DG  D "H4'"  1 
ATOM   1078 H  "H3'"  . DG  C 3 6  ? -11.646 9.559   -23.888 1.00 217.39 ? 41  DG  D "H3'"  1 
ATOM   1079 H  "H2'"  . DG  C 3 6  ? -11.087 11.563  -23.135 1.00 198.66 ? 41  DG  D "H2'"  1 
ATOM   1080 H  "H2''" . DG  C 3 6  ? -12.087 11.449  -21.899 1.00 198.66 ? 41  DG  D "H2''" 1 
ATOM   1081 H  "H1'"  . DG  C 3 6  ? -10.454 10.820  -20.591 1.00 210.34 ? 41  DG  D "H1'"  1 
ATOM   1082 H  H8     . DG  C 3 6  ? -8.100  9.933   -23.177 1.00 199.50 ? 41  DG  D H8     1 
ATOM   1083 H  H1     . DG  C 3 6  ? -6.767  15.329  -20.620 1.00 178.29 ? 41  DG  D H1     1 
ATOM   1084 H  H21    . DG  C 3 6  ? -9.618  15.157  -19.051 1.00 170.65 ? 41  DG  D H21    1 
ATOM   1085 H  H22    . DG  C 3 6  ? -8.392  15.974  -19.268 1.00 170.65 ? 41  DG  D H22    1 
ATOM   1086 P  P      . DT  C 3 7  ? -14.257 10.413  -23.956 1.00 182.52 ? 42  DT  D P      1 
ATOM   1087 O  OP1    . DT  C 3 7  ? -15.661 9.972   -23.789 1.00 182.70 ? 42  DT  D OP1    1 
ATOM   1088 O  OP2    . DT  C 3 7  ? -13.595 10.306  -25.275 1.00 177.52 ? 42  DT  D OP2    1 
ATOM   1089 O  "O5'"  . DT  C 3 7  ? -14.135 11.931  -23.474 1.00 173.04 ? 42  DT  D "O5'"  1 
ATOM   1090 C  "C5'"  . DT  C 3 7  ? -14.628 12.312  -22.197 1.00 175.99 ? 42  DT  D "C5'"  1 
ATOM   1091 C  "C4'"  . DT  C 3 7  ? -14.138 13.698  -21.825 1.00 179.94 ? 42  DT  D "C4'"  1 
ATOM   1092 O  "O4'"  . DT  C 3 7  ? -12.706 13.761  -21.978 1.00 182.12 ? 42  DT  D "O4'"  1 
ATOM   1093 C  "C3'"  . DT  C 3 7  ? -14.684 14.824  -22.699 1.00 170.20 ? 42  DT  D "C3'"  1 
ATOM   1094 O  "O3'"  . DT  C 3 7  ? -15.808 15.439  -22.080 1.00 172.57 ? 42  DT  D "O3'"  1 
ATOM   1095 C  "C2'"  . DT  C 3 7  ? -13.504 15.796  -22.862 1.00 154.65 ? 42  DT  D "C2'"  1 
ATOM   1096 C  "C1'"  . DT  C 3 7  ? -12.333 15.104  -22.164 1.00 174.14 ? 42  DT  D "C1'"  1 
ATOM   1097 N  N1     . DT  C 3 7  ? -11.056 15.151  -22.941 1.00 163.07 ? 42  DT  D N1     1 
ATOM   1098 C  C2     . DT  C 3 7  ? -10.210 16.222  -22.776 1.00 161.74 ? 42  DT  D C2     1 
ATOM   1099 O  O2     . DT  C 3 7  ? -10.450 17.151  -22.026 1.00 165.55 ? 42  DT  D O2     1 
ATOM   1100 N  N3     . DT  C 3 7  ? -9.066  16.170  -23.529 1.00 154.10 ? 42  DT  D N3     1 
ATOM   1101 C  C4     . DT  C 3 7  ? -8.692  15.176  -24.410 1.00 146.19 ? 42  DT  D C4     1 
ATOM   1102 O  O4     . DT  C 3 7  ? -7.641  15.220  -25.042 1.00 145.66 ? 42  DT  D O4     1 
ATOM   1103 C  C5     . DT  C 3 7  ? -9.623  14.081  -24.536 1.00 148.22 ? 42  DT  D C5     1 
ATOM   1104 C  C7     . DT  C 3 7  ? -9.322  12.943  -25.462 1.00 151.75 ? 42  DT  D C7     1 
ATOM   1105 C  C6     . DT  C 3 7  ? -10.748 14.120  -23.803 1.00 156.62 ? 42  DT  D C6     1 
ATOM   1106 H  "H5'"  . DT  C 3 7  ? -14.319 11.676  -21.532 1.00 211.21 ? 42  DT  D "H5'"  1 
ATOM   1107 H  "H5''" . DT  C 3 7  ? -15.597 12.310  -22.214 1.00 211.21 ? 42  DT  D "H5''" 1 
ATOM   1108 H  "H4'"  . DT  C 3 7  ? -14.366 13.877  -20.898 1.00 215.95 ? 42  DT  D "H4'"  1 
ATOM   1109 H  "H3'"  . DT  C 3 7  ? -14.939 14.471  -23.566 1.00 204.26 ? 42  DT  D "H3'"  1 
ATOM   1110 H  "HO3'" . DT  C 3 7  ? -16.551 15.448  -22.472 1.00 207.10 ? 42  DT  D "HO3'" 1 
ATOM   1111 H  "H2'"  . DT  C 3 7  ? -13.305 15.933  -23.801 1.00 185.60 ? 42  DT  D "H2'"  1 
ATOM   1112 H  "H2''" . DT  C 3 7  ? -13.703 16.643  -22.430 1.00 185.60 ? 42  DT  D "H2''" 1 
ATOM   1113 H  "H1'"  . DT  C 3 7  ? -12.191 15.516  -21.297 1.00 208.98 ? 42  DT  D "H1'"  1 
ATOM   1114 H  H3     . DT  C 3 7  ? -8.522  16.831  -23.443 1.00 184.94 ? 42  DT  D H3     1 
ATOM   1115 H  H71    . DT  C 3 7  ? -9.278  12.117  -24.956 1.00 182.12 ? 42  DT  D H71    1 
ATOM   1116 H  H72    . DT  C 3 7  ? -10.024 12.874  -26.128 1.00 182.12 ? 42  DT  D H72    1 
ATOM   1117 H  H73    . DT  C 3 7  ? -8.473  13.100  -25.902 1.00 182.12 ? 42  DT  D H73    1 
ATOM   1118 H  H6     . DT  C 3 7  ? -11.350 13.415  -23.881 1.00 187.97 ? 42  DT  D H6     1 
ATOM   1119 P  P      . DC  D 4 1  ? 0.654   -9.002  -1.655  1.00 118.29 ? 1   DC  A P      1 
ATOM   1120 O  OP1    . DC  D 4 1  ? 1.634   -9.516  -2.634  1.00 86.89  ? 1   DC  A OP1    1 
ATOM   1121 O  OP2    . DC  D 4 1  ? 0.809   -7.650  -1.069  1.00 108.47 ? 1   DC  A OP2    1 
ATOM   1122 O  "O5'"  . DC  D 4 1  ? 0.643   -10.043 -0.447  1.00 111.28 ? 1   DC  A "O5'"  1 
ATOM   1123 C  "C5'"  . DC  D 4 1  ? -0.437  -10.951 -0.283  1.00 112.05 ? 1   DC  A "C5'"  1 
ATOM   1124 C  "C4'"  . DC  D 4 1  ? -1.182  -10.659 0.998   1.00 96.14  ? 1   DC  A "C4'"  1 
ATOM   1125 O  "O4'"  . DC  D 4 1  ? -0.269  -10.692 2.106   1.00 79.11  ? 1   DC  A "O4'"  1 
ATOM   1126 C  "C3'"  . DC  D 4 1  ? -1.792  -9.280  1.078   1.00 108.22 ? 1   DC  A "C3'"  1 
ATOM   1127 O  "O3'"  . DC  D 4 1  ? -3.032  -9.234  0.408   1.00 123.81 ? 1   DC  A "O3'"  1 
ATOM   1128 C  "C2'"  . DC  D 4 1  ? -1.927  -9.062  2.577   1.00 87.61  ? 1   DC  A "C2'"  1 
ATOM   1129 C  "C1'"  . DC  D 4 1  ? -0.793  -9.903  3.156   1.00 87.38  ? 1   DC  A "C1'"  1 
ATOM   1130 N  N1     . DC  D 4 1  ? 0.307   -9.108  3.744   1.00 91.26  ? 1   DC  A N1     1 
ATOM   1131 C  C2     . DC  D 4 1  ? 0.050   -8.306  4.857   1.00 95.92  ? 1   DC  A C2     1 
ATOM   1132 O  O2     . DC  D 4 1  ? -1.104  -8.258  5.307   1.00 97.16  ? 1   DC  A O2     1 
ATOM   1133 N  N3     . DC  D 4 1  ? 1.066   -7.600  5.407   1.00 87.36  ? 1   DC  A N3     1 
ATOM   1134 C  C4     . DC  D 4 1  ? 2.286   -7.678  4.886   1.00 90.72  ? 1   DC  A C4     1 
ATOM   1135 N  N4     . DC  D 4 1  ? 3.257   -6.964  5.462   1.00 95.19  ? 1   DC  A N4     1 
ATOM   1136 C  C5     . DC  D 4 1  ? 2.574   -8.505  3.757   1.00 90.16  ? 1   DC  A C5     1 
ATOM   1137 C  C6     . DC  D 4 1  ? 1.563   -9.196  3.225   1.00 87.99  ? 1   DC  A C6     1 
ATOM   1138 H  "H5'"  . DC  D 4 1  ? -0.092  -11.858 -0.253  1.00 134.48 ? 1   DC  A "H5'"  1 
ATOM   1139 H  "H5''" . DC  D 4 1  ? -1.045  -10.865 -1.034  1.00 134.48 ? 1   DC  A "H5''" 1 
ATOM   1140 H  "H4'"  . DC  D 4 1  ? -1.874  -11.327 1.130   1.00 115.38 ? 1   DC  A "H4'"  1 
ATOM   1141 H  "H3'"  . DC  D 4 1  ? -1.183  -8.626  0.700   1.00 129.88 ? 1   DC  A "H3'"  1 
ATOM   1142 H  "H2'"  . DC  D 4 1  ? -1.806  -8.125  2.799   1.00 105.15 ? 1   DC  A "H2'"  1 
ATOM   1143 H  "H2''" . DC  D 4 1  ? -2.787  -9.382  2.893   1.00 105.15 ? 1   DC  A "H2''" 1 
ATOM   1144 H  "H1'"  . DC  D 4 1  ? -1.155  -10.490 3.839   1.00 104.87 ? 1   DC  A "H1'"  1 
ATOM   1145 H  H41    . DC  D 4 1  ? 4.059   -7.002  5.156   1.00 114.25 ? 1   DC  A H41    1 
ATOM   1146 H  H42    . DC  D 4 1  ? 3.080   -6.466  6.140   1.00 114.25 ? 1   DC  A H42    1 
ATOM   1147 H  H5     . DC  D 4 1  ? 3.431   -8.552  3.400   1.00 108.21 ? 1   DC  A H5     1 
ATOM   1148 H  H6     . DC  D 4 1  ? 1.717   -9.740  2.486   1.00 105.61 ? 1   DC  A H6     1 
ATOM   1149 P  P      . DC  D 4 2  ? -3.545  -7.841  -0.193  1.00 102.34 ? 2   DC  A P      1 
ATOM   1150 O  OP1    . DC  D 4 2  ? -4.694  -8.124  -1.087  1.00 128.39 ? 2   DC  A OP1    1 
ATOM   1151 O  OP2    . DC  D 4 2  ? -2.345  -7.146  -0.706  1.00 109.24 ? 2   DC  A OP2    1 
ATOM   1152 O  "O5'"  . DC  D 4 2  ? -4.056  -7.038  1.092   1.00 93.43  ? 2   DC  A "O5'"  1 
ATOM   1153 C  "C5'"  . DC  D 4 2  ? -5.121  -7.565  1.877   1.00 111.77 ? 2   DC  A "C5'"  1 
ATOM   1154 C  "C4'"  . DC  D 4 2  ? -5.552  -6.575  2.949   1.00 119.74 ? 2   DC  A "C4'"  1 
ATOM   1155 O  "O4'"  . DC  D 4 2  ? -4.550  -6.539  3.993   1.00 118.24 ? 2   DC  A "O4'"  1 
ATOM   1156 C  "C3'"  . DC  D 4 2  ? -5.720  -5.140  2.466   1.00 126.28 ? 2   DC  A "C3'"  1 
ATOM   1157 O  "O3'"  . DC  D 4 2  ? -7.085  -4.868  2.177   1.00 120.11 ? 2   DC  A "O3'"  1 
ATOM   1158 C  "C2'"  . DC  D 4 2  ? -5.207  -4.288  3.622   1.00 118.21 ? 2   DC  A "C2'"  1 
ATOM   1159 C  "C1'"  . DC  D 4 2  ? -4.252  -5.206  4.364   1.00 107.45 ? 2   DC  A "C1'"  1 
ATOM   1160 N  N1     . DC  D 4 2  ? -2.818  -4.961  4.072   1.00 100.04 ? 2   DC  A N1     1 
ATOM   1161 C  C2     . DC  D 4 2  ? -2.068  -4.158  4.939   1.00 103.28 ? 2   DC  A C2     1 
ATOM   1162 O  O2     . DC  D 4 2  ? -2.625  -3.643  5.919   1.00 99.41  ? 2   DC  A O2     1 
ATOM   1163 N  N3     . DC  D 4 2  ? -0.752  -3.962  4.675   1.00 97.96  ? 2   DC  A N3     1 
ATOM   1164 C  C4     . DC  D 4 2  ? -0.192  -4.537  3.612   1.00 96.04  ? 2   DC  A C4     1 
ATOM   1165 N  N4     . DC  D 4 2  ? 1.107   -4.312  3.397   1.00 100.68 ? 2   DC  A N4     1 
ATOM   1166 C  C5     . DC  D 4 2  ? -0.939  -5.367  2.719   1.00 97.28  ? 2   DC  A C5     1 
ATOM   1167 C  C6     . DC  D 4 2  ? -2.236  -5.549  2.987   1.00 89.59  ? 2   DC  A C6     1 
ATOM   1168 H  "H5'"  . DC  D 4 2  ? -4.826  -8.385  2.302   1.00 134.14 ? 2   DC  A "H5'"  1 
ATOM   1169 H  "H5''" . DC  D 4 2  ? -5.876  -7.757  1.300   1.00 134.14 ? 2   DC  A "H5''" 1 
ATOM   1170 H  "H4'"  . DC  D 4 2  ? -6.390  -6.877  3.332   1.00 143.71 ? 2   DC  A "H4'"  1 
ATOM   1171 H  "H3'"  . DC  D 4 2  ? -5.176  -4.990  1.677   1.00 151.56 ? 2   DC  A "H3'"  1 
ATOM   1172 H  "H2'"  . DC  D 4 2  ? -4.736  -3.509  3.285   1.00 141.88 ? 2   DC  A "H2'"  1 
ATOM   1173 H  "H2''" . DC  D 4 2  ? -5.940  -4.021  4.198   1.00 141.88 ? 2   DC  A "H2''" 1 
ATOM   1174 H  "H1'"  . DC  D 4 2  ? -4.400  -5.106  5.318   1.00 128.96 ? 2   DC  A "H1'"  1 
ATOM   1175 H  H41    . DC  D 4 2  ? 1.506   -4.696  2.739   1.00 120.84 ? 2   DC  A H41    1 
ATOM   1176 H  H42    . DC  D 4 2  ? 1.543   -3.782  3.915   1.00 120.84 ? 2   DC  A H42    1 
ATOM   1177 H  H5     . DC  D 4 2  ? -0.539  -5.764  1.979   1.00 116.76 ? 2   DC  A H5     1 
ATOM   1178 H  H6     . DC  D 4 2  ? -2.748  -6.088  2.428   1.00 107.53 ? 2   DC  A H6     1 
ATOM   1179 P  P      . DG  D 4 3  ? -7.473  -3.567  1.324   1.00 143.64 ? 3   DG  A P      1 
ATOM   1180 O  OP1    . DG  D 4 3  ? -8.950  -3.523  1.246   1.00 157.45 ? 3   DG  A OP1    1 
ATOM   1181 O  OP2    . DG  D 4 3  ? -6.659  -3.592  0.086   1.00 135.72 ? 3   DG  A OP2    1 
ATOM   1182 O  "O5'"  . DG  D 4 3  ? -6.953  -2.344  2.222   1.00 120.98 ? 3   DG  A "O5'"  1 
ATOM   1183 C  "C5'"  . DG  D 4 3  ? -7.670  -1.960  3.395   1.00 114.75 ? 3   DG  A "C5'"  1 
ATOM   1184 C  "C4'"  . DG  D 4 3  ? -6.846  -1.013  4.245   1.00 105.35 ? 3   DG  A "C4'"  1 
ATOM   1185 O  "O4'"  . DG  D 4 3  ? -5.467  -1.425  4.186   1.00 101.69 ? 3   DG  A "O4'"  1 
ATOM   1186 C  "C3'"  . DG  D 4 3  ? -6.881  0.449   3.800   1.00 112.99 ? 3   DG  A "C3'"  1 
ATOM   1187 O  "O3'"  . DG  D 4 3  ? -7.440  1.270   4.819   1.00 117.79 ? 3   DG  A "O3'"  1 
ATOM   1188 C  "C2'"  . DG  D 4 3  ? -5.425  0.811   3.505   1.00 108.61 ? 3   DG  A "C2'"  1 
ATOM   1189 C  "C1'"  . DG  D 4 3  ? -4.631  -0.304  4.151   1.00 97.71  ? 3   DG  A "C1'"  1 
ATOM   1190 N  N9     . DG  D 4 3  ? -3.431  -0.668  3.413   1.00 103.32 ? 3   DG  A N9     1 
ATOM   1191 C  C8     . DG  D 4 3  ? -3.358  -1.455  2.287   1.00 100.90 ? 3   DG  A C8     1 
ATOM   1192 N  N7     . DG  D 4 3  ? -2.144  -1.613  1.844   1.00 96.96  ? 3   DG  A N7     1 
ATOM   1193 C  C5     . DG  D 4 3  ? -1.363  -0.891  2.734   1.00 96.26  ? 3   DG  A C5     1 
ATOM   1194 C  C6     . DG  D 4 3  ? 0.035   -0.698  2.765   1.00 109.50 ? 3   DG  A C6     1 
ATOM   1195 O  O6     . DG  D 4 3  ? 0.891   -1.141  1.984   1.00 109.94 ? 3   DG  A O6     1 
ATOM   1196 N  N1     . DG  D 4 3  ? 0.419   0.104   3.838   1.00 111.76 ? 3   DG  A N1     1 
ATOM   1197 C  C2     . DG  D 4 3  ? -0.444  0.649   4.761   1.00 110.12 ? 3   DG  A C2     1 
ATOM   1198 N  N2     . DG  D 4 3  ? 0.114   1.397   5.722   1.00 116.76 ? 3   DG  A N2     1 
ATOM   1199 N  N3     . DG  D 4 3  ? -1.757  0.475   4.741   1.00 90.76  ? 3   DG  A N3     1 
ATOM   1200 C  C4     . DG  D 4 3  ? -2.143  -0.302  3.705   1.00 93.99  ? 3   DG  A C4     1 
ATOM   1201 H  "H5'"  . DG  D 4 3  ? -7.881  -2.752  3.913   1.00 137.73 ? 3   DG  A "H5'"  1 
ATOM   1202 H  "H5''" . DG  D 4 3  ? -8.495  -1.520  3.135   1.00 137.73 ? 3   DG  A "H5''" 1 
ATOM   1203 H  "H4'"  . DG  D 4 3  ? -7.153  -1.069  5.164   1.00 126.44 ? 3   DG  A "H4'"  1 
ATOM   1204 H  "H3'"  . DG  D 4 3  ? -7.409  0.531   2.989   1.00 135.61 ? 3   DG  A "H3'"  1 
ATOM   1205 H  "H2'"  . DG  D 4 3  ? -5.266  0.831   2.548   1.00 130.35 ? 3   DG  A "H2'"  1 
ATOM   1206 H  "H2''" . DG  D 4 3  ? -5.199  1.665   3.906   1.00 130.35 ? 3   DG  A "H2''" 1 
ATOM   1207 H  "H1'"  . DG  D 4 3  ? -4.390  -0.051  5.056   1.00 117.27 ? 3   DG  A "H1'"  1 
ATOM   1208 H  H8     . DG  D 4 3  ? -4.105  -1.834  1.881   1.00 121.10 ? 3   DG  A H8     1 
ATOM   1209 H  H1     . DG  D 4 3  ? 1.257   0.274   3.926   1.00 134.14 ? 3   DG  A H1     1 
ATOM   1210 H  H21    . DG  D 4 3  ? -0.380  1.758   6.326   1.00 140.14 ? 3   DG  A H21    1 
ATOM   1211 H  H22    . DG  D 4 3  ? 0.965   1.516   5.735   1.00 140.14 ? 3   DG  A H22    1 
ATOM   1212 P  P      . DT  D 4 4  ? -7.788  2.810   4.511   1.00 139.60 ? 4   DT  A P      1 
ATOM   1213 O  OP1    . DT  D 4 4  ? -8.771  3.248   5.528   1.00 128.62 ? 4   DT  A OP1    1 
ATOM   1214 O  OP2    . DT  D 4 4  ? -8.114  2.932   3.074   1.00 134.49 ? 4   DT  A OP2    1 
ATOM   1215 O  "O5'"  . DT  D 4 4  ? -6.407  3.577   4.765   1.00 111.25 ? 4   DT  A "O5'"  1 
ATOM   1216 C  "C5'"  . DT  D 4 4  ? -5.903  3.672   6.080   1.00 116.45 ? 4   DT  A "C5'"  1 
ATOM   1217 C  "C4'"  . DT  D 4 4  ? -4.623  4.478   6.123   1.00 114.19 ? 4   DT  A "C4'"  1 
ATOM   1218 O  "O4'"  . DT  D 4 4  ? -3.579  3.776   5.400   1.00 121.46 ? 4   DT  A "O4'"  1 
ATOM   1219 C  "C3'"  . DT  D 4 4  ? -4.704  5.874   5.493   1.00 97.47  ? 4   DT  A "C3'"  1 
ATOM   1220 O  "O3'"  . DT  D 4 4  ? -4.334  6.859   6.462   1.00 97.19  ? 4   DT  A "O3'"  1 
ATOM   1221 C  "C2'"  . DT  D 4 4  ? -3.723  5.801   4.317   1.00 114.49 ? 4   DT  A "C2'"  1 
ATOM   1222 C  "C1'"  . DT  D 4 4  ? -2.759  4.734   4.787   1.00 107.09 ? 4   DT  A "C1'"  1 
ATOM   1223 N  N1     . DT  D 4 4  ? -1.947  4.068   3.718   1.00 103.04 ? 4   DT  A N1     1 
ATOM   1224 C  C2     . DT  D 4 4  ? -0.584  4.255   3.711   1.00 111.21 ? 4   DT  A C2     1 
ATOM   1225 O  O2     . DT  D 4 4  ? -0.006  4.959   4.517   1.00 120.16 ? 4   DT  A O2     1 
ATOM   1226 N  N3     . DT  D 4 4  ? 0.084   3.592   2.715   1.00 107.07 ? 4   DT  A N3     1 
ATOM   1227 C  C4     . DT  D 4 4  ? -0.460  2.770   1.751   1.00 107.11 ? 4   DT  A C4     1 
ATOM   1228 O  O4     . DT  D 4 4  ? 0.229   2.219   0.895   1.00 106.26 ? 4   DT  A O4     1 
ATOM   1229 C  C5     . DT  D 4 4  ? -1.896  2.604   1.817   1.00 102.26 ? 4   DT  A C5     1 
ATOM   1230 C  C7     . DT  D 4 4  ? -2.595  1.733   0.818   1.00 98.62  ? 4   DT  A C7     1 
ATOM   1231 C  C6     . DT  D 4 4  ? -2.566  3.248   2.794   1.00 102.47 ? 4   DT  A C6     1 
ATOM   1232 H  "H5'"  . DT  D 4 4  ? -5.728  2.779   6.417   1.00 139.77 ? 4   DT  A "H5'"  1 
ATOM   1233 H  "H5''" . DT  D 4 4  ? -6.567  4.099   6.644   1.00 139.77 ? 4   DT  A "H5''" 1 
ATOM   1234 H  "H4'"  . DT  D 4 4  ? -4.349  4.571   7.049   1.00 137.05 ? 4   DT  A "H4'"  1 
ATOM   1235 H  "H3'"  . DT  D 4 4  ? -5.603  6.042   5.169   1.00 116.98 ? 4   DT  A "H3'"  1 
ATOM   1236 H  "H2'"  . DT  D 4 4  ? -4.175  5.525   3.505   1.00 137.41 ? 4   DT  A "H2'"  1 
ATOM   1237 H  "H2''" . DT  D 4 4  ? -3.267  6.648   4.192   1.00 137.41 ? 4   DT  A "H2''" 1 
ATOM   1238 H  "H1'"  . DT  D 4 4  ? -2.162  5.113   5.451   1.00 128.53 ? 4   DT  A "H1'"  1 
ATOM   1239 H  H3     . DT  D 4 4  ? 0.936   3.699   2.689   1.00 128.50 ? 4   DT  A H3     1 
ATOM   1240 H  H71    . DT  D 4 4  ? -3.071  1.026   1.282   1.00 118.36 ? 4   DT  A H71    1 
ATOM   1241 H  H72    . DT  D 4 4  ? -3.225  2.267   0.309   1.00 118.36 ? 4   DT  A H72    1 
ATOM   1242 H  H73    . DT  D 4 4  ? -1.942  1.343   0.216   1.00 118.36 ? 4   DT  A H73    1 
ATOM   1243 H  H6     . DT  D 4 4  ? -3.488  3.146   2.839   1.00 122.99 ? 4   DT  A H6     1 
ATOM   1244 P  P      . DC  D 4 5  ? -4.395  8.428   6.122   1.00 129.36 ? 5   DC  A P      1 
ATOM   1245 O  OP1    . DC  D 4 5  ? -4.340  9.153   7.412   1.00 121.02 ? 5   DC  A OP1    1 
ATOM   1246 O  OP2    . DC  D 4 5  ? -5.510  8.665   5.177   1.00 129.60 ? 5   DC  A OP2    1 
ATOM   1247 O  "O5'"  . DC  D 4 5  ? -3.015  8.709   5.373   1.00 120.91 ? 5   DC  A "O5'"  1 
ATOM   1248 C  "C5'"  . DC  D 4 5  ? -1.798  8.536   6.074   1.00 117.44 ? 5   DC  A "C5'"  1 
ATOM   1249 C  "C4'"  . DC  D 4 5  ? -0.605  8.854   5.191   1.00 117.85 ? 5   DC  A "C4'"  1 
ATOM   1250 O  "O4'"  . DC  D 4 5  ? -0.409  7.796   4.216   1.00 117.49 ? 5   DC  A "O4'"  1 
ATOM   1251 C  "C3'"  . DC  D 4 5  ? -0.725  10.145  4.387   1.00 107.12 ? 5   DC  A "C3'"  1 
ATOM   1252 O  "O3'"  . DC  D 4 5  ? 0.448   10.912  4.542   1.00 84.87  ? 5   DC  A "O3'"  1 
ATOM   1253 C  "C2'"  . DC  D 4 5  ? -0.922  9.670   2.946   1.00 107.66 ? 5   DC  A "C2'"  1 
ATOM   1254 C  "C1'"  . DC  D 4 5  ? -0.161  8.363   2.946   1.00 101.09 ? 5   DC  A "C1'"  1 
ATOM   1255 N  N1     . DC  D 4 5  ? -0.576  7.364   1.912   1.00 97.40  ? 5   DC  A N1     1 
ATOM   1256 C  C2     . DC  D 4 5  ? 0.405   6.698   1.173   1.00 88.67  ? 5   DC  A C2     1 
ATOM   1257 O  O2     . DC  D 4 5  ? 1.592   6.982   1.355   1.00 83.12  ? 5   DC  A O2     1 
ATOM   1258 N  N3     . DC  D 4 5  ? 0.029   5.767   0.265   1.00 92.37  ? 5   DC  A N3     1 
ATOM   1259 C  C4     . DC  D 4 5  ? -1.259  5.484   0.094   1.00 99.95  ? 5   DC  A C4     1 
ATOM   1260 N  N4     . DC  D 4 5  ? -1.578  4.557   -0.814  1.00 102.47 ? 5   DC  A N4     1 
ATOM   1261 C  C5     . DC  D 4 5  ? -2.279  6.141   0.847   1.00 106.21 ? 5   DC  A C5     1 
ATOM   1262 C  C6     . DC  D 4 5  ? -1.895  7.059   1.743   1.00 105.36 ? 5   DC  A C6     1 
ATOM   1263 H  "H5'"  . DC  D 4 5  ? -1.733  7.616   6.376   1.00 140.95 ? 5   DC  A "H5'"  1 
ATOM   1264 H  "H5''" . DC  D 4 5  ? -1.789  9.125   6.845   1.00 140.95 ? 5   DC  A "H5''" 1 
ATOM   1265 H  "H4'"  . DC  D 4 5  ? 0.186   8.911   5.750   1.00 141.44 ? 5   DC  A "H4'"  1 
ATOM   1266 H  "H3'"  . DC  D 4 5  ? -1.498  10.652  4.681   1.00 128.57 ? 5   DC  A "H3'"  1 
ATOM   1267 H  "H2'"  . DC  D 4 5  ? -1.862  9.523   2.755   1.00 129.22 ? 5   DC  A "H2'"  1 
ATOM   1268 H  "H2''" . DC  D 4 5  ? -0.532  10.298  2.317   1.00 129.22 ? 5   DC  A "H2''" 1 
ATOM   1269 H  "H1'"  . DC  D 4 5  ? 0.788   8.544   2.855   1.00 121.33 ? 5   DC  A "H1'"  1 
ATOM   1270 H  H41    . DC  D 4 5  ? -2.402  4.357   -0.951  1.00 122.99 ? 5   DC  A H41    1 
ATOM   1271 H  H42    . DC  D 4 5  ? -0.958  4.163   -1.260  1.00 122.99 ? 5   DC  A H42    1 
ATOM   1272 H  H5     . DC  D 4 5  ? -3.179  5.937   0.721   1.00 127.47 ? 5   DC  A H5     1 
ATOM   1273 H  H6     . DC  D 4 5  ? -2.536  7.504   2.248   1.00 126.46 ? 5   DC  A H6     1 
ATOM   1274 P  P      . DA  D 4 6  ? 0.373   12.509  4.494   1.00 109.09 ? 6   DA  A P      1 
ATOM   1275 O  OP1    . DA  D 4 6  ? 1.260   13.030  5.561   1.00 78.99  ? 6   DA  A OP1    1 
ATOM   1276 O  OP2    . DA  D 4 6  ? -1.054  12.905  4.476   1.00 126.97 ? 6   DA  A OP2    1 
ATOM   1277 O  "O5'"  . DA  D 4 6  ? 1.012   12.860  3.078   1.00 81.49  ? 6   DA  A "O5'"  1 
ATOM   1278 C  "C5'"  . DA  D 4 6  ? 2.409   12.985  2.977   1.00 108.57 ? 6   DA  A "C5'"  1 
ATOM   1279 C  "C4'"  . DA  D 4 6  ? 2.871   12.833  1.546   1.00 107.51 ? 6   DA  A "C4'"  1 
ATOM   1280 O  "O4'"  . DA  D 4 6  ? 2.565   11.513  1.064   1.00 103.54 ? 6   DA  A "O4'"  1 
ATOM   1281 C  "C3'"  . DA  D 4 6  ? 2.187   13.740  0.557   1.00 98.47  ? 6   DA  A "C3'"  1 
ATOM   1282 O  "O3'"  . DA  D 4 6  ? 2.741   15.030  0.589   1.00 104.71 ? 6   DA  A "O3'"  1 
ATOM   1283 C  "C2'"  . DA  D 4 6  ? 2.446   13.023  -0.757  1.00 94.50  ? 6   DA  A "C2'"  1 
ATOM   1284 C  "C1'"  . DA  D 4 6  ? 2.423   11.559  -0.344  1.00 81.00  ? 6   DA  A "C1'"  1 
ATOM   1285 N  N9     . DA  D 4 6  ? 1.191   10.888  -0.689  1.00 66.15  ? 6   DA  A N9     1 
ATOM   1286 C  C8     . DA  D 4 6  ? -0.072  11.249  -0.319  1.00 74.84  ? 6   DA  A C8     1 
ATOM   1287 N  N7     . DA  D 4 6  ? -1.004  10.441  -0.775  1.00 83.23  ? 6   DA  A N7     1 
ATOM   1288 C  C5     . DA  D 4 6  ? -0.295  9.489   -1.490  1.00 88.20  ? 6   DA  A C5     1 
ATOM   1289 C  C6     . DA  D 4 6  ? -0.695  8.351   -2.214  1.00 82.30  ? 6   DA  A C6     1 
ATOM   1290 N  N6     . DA  D 4 6  ? -1.969  7.974   -2.344  1.00 91.02  ? 6   DA  A N6     1 
ATOM   1291 N  N1     . DA  D 4 6  ? 0.268   7.615   -2.807  1.00 90.35  ? 6   DA  A N1     1 
ATOM   1292 C  C2     . DA  D 4 6  ? 1.548   7.995   -2.674  1.00 93.83  ? 6   DA  A C2     1 
ATOM   1293 N  N3     . DA  D 4 6  ? 2.046   9.043   -2.021  1.00 83.32  ? 6   DA  A N3     1 
ATOM   1294 C  C4     . DA  D 4 6  ? 1.063   9.755   -1.444  1.00 89.60  ? 6   DA  A C4     1 
ATOM   1295 H  "H5'"  . DA  D 4 6  ? 2.830   12.300  3.521   1.00 130.31 ? 6   DA  A "H5'"  1 
ATOM   1296 H  "H5''" . DA  D 4 6  ? 2.675   13.858  3.306   1.00 130.31 ? 6   DA  A "H5''" 1 
ATOM   1297 H  "H4'"  . DA  D 4 6  ? 3.829   12.976  1.501   1.00 129.04 ? 6   DA  A "H4'"  1 
ATOM   1298 H  "H3'"  . DA  D 4 6  ? 1.235   13.777  0.738   1.00 118.18 ? 6   DA  A "H3'"  1 
ATOM   1299 H  "HO3'" . DA  D 4 6  ? 2.258   15.690  0.786   1.00 125.67 ? 6   DA  A "HO3'" 1 
ATOM   1300 H  "H2'"  . DA  D 4 6  ? 1.740   13.211  -1.395  1.00 113.42 ? 6   DA  A "H2'"  1 
ATOM   1301 H  "H2''" . DA  D 4 6  ? 3.313   13.266  -1.117  1.00 113.42 ? 6   DA  A "H2''" 1 
ATOM   1302 H  "H1'"  . DA  D 4 6  ? 3.169   11.096  -0.758  1.00 97.23  ? 6   DA  A "H1'"  1 
ATOM   1303 H  H8     . DA  D 4 6  ? -0.257  11.996  0.203   1.00 89.83  ? 6   DA  A H8     1 
ATOM   1304 H  H61    . DA  D 4 6  ? -2.167  7.288   -2.823  1.00 109.25 ? 6   DA  A H61    1 
ATOM   1305 H  H62    . DA  D 4 6  ? -2.591  8.418   -1.951  1.00 109.25 ? 6   DA  A H62    1 
ATOM   1306 H  H2     . DA  D 4 6  ? 2.172   7.455   -3.102  1.00 112.61 ? 6   DA  A H2     1 
HETATM 1307 AS AS     . CAC E 5 .  ? 7.209   -3.797  6.356   1.00 195.36 ? 101 CAC B AS     1 
HETATM 1308 AS AS     . CAC F 5 .  ? -0.670  -3.140  -1.173  1.00 251.38 ? 101 CAC A AS     1 
# 
loop_
_pdbx_poly_seq_scheme.asym_id 
_pdbx_poly_seq_scheme.entity_id 
_pdbx_poly_seq_scheme.seq_id 
_pdbx_poly_seq_scheme.mon_id 
_pdbx_poly_seq_scheme.ndb_seq_num 
_pdbx_poly_seq_scheme.pdb_seq_num 
_pdbx_poly_seq_scheme.auth_seq_num 
_pdbx_poly_seq_scheme.pdb_mon_id 
_pdbx_poly_seq_scheme.auth_mon_id 
_pdbx_poly_seq_scheme.pdb_strand_id 
_pdbx_poly_seq_scheme.pdb_ins_code 
_pdbx_poly_seq_scheme.hetero 
A 1 1  DG 1  7  7  DG DG B . n 
A 1 2  DA 2  8  8  DA DA B . n 
A 1 3  DA 3  9  9  DA DA B . n 
A 1 4  DC 4  10 10 DC DC B . n 
A 1 5  DG 5  11 11 DG DG B . n 
A 1 6  DA 6  12 12 DA DA B . n 
A 1 7  DC 7  13 13 DC DC B . n 
A 1 8  DA 8  14 14 DA DA B . n 
A 1 9  DC 9  15 15 DC DC B . n 
A 1 10 DT 10 16 16 DT DT B . n 
A 1 11 DG 11 17 17 DG DG B . n 
A 1 12 DA 12 18 18 DA DA B . n 
A 1 13 DC 13 19 19 DC DC B . n 
A 1 14 DG 14 20 20 DG DG B . n 
A 1 15 DG 15 21 21 DG DG B . n 
A 1 16 DC 16 22 22 DC DC B . n 
A 1 17 DG 17 23 23 DG DG B . n 
A 1 18 DA 18 24 24 DA DA B . n 
A 1 19 DC 19 25 25 DC DC B . n 
A 1 20 DT 20 26 26 DT DT B . n 
A 1 21 DC 21 27 27 DC DC B . n 
B 2 1  DT 1  28 28 DT DT C . n 
B 2 2  DC 2  29 29 DC DC C . n 
B 2 3  DG 3  30 30 DG DG C . n 
B 2 4  DA 4  31 31 DA DA C . n 
B 2 5  DG 5  32 32 DG DG C . n 
B 2 6  DT 6  33 33 DT DT C . n 
B 2 7  DC 7  34 34 DC DC C . n 
B 2 8  DG 8  35 35 DG DG C . n 
C 3 1  DG 1  36 36 DG DG D . n 
C 3 2  DT 2  37 37 DT DT D . n 
C 3 3  DG 3  38 38 DG DG D . n 
C 3 4  DT 4  39 39 DT DT D . n 
C 3 5  DC 5  40 40 DC DC D . n 
C 3 6  DG 6  41 41 DG DG D . n 
C 3 7  DT 7  42 42 DT DT D . n 
D 4 1  DC 1  1  1  DC DC A . n 
D 4 2  DC 2  2  2  DC DC A . n 
D 4 3  DG 3  3  3  DG DG A . n 
D 4 4  DT 4  4  4  DT DT A . n 
D 4 5  DC 5  5  5  DC DC A . n 
D 4 6  DA 6  6  6  DA DA A . n 
# 
loop_
_pdbx_nonpoly_scheme.asym_id 
_pdbx_nonpoly_scheme.entity_id 
_pdbx_nonpoly_scheme.mon_id 
_pdbx_nonpoly_scheme.ndb_seq_num 
_pdbx_nonpoly_scheme.pdb_seq_num 
_pdbx_nonpoly_scheme.auth_seq_num 
_pdbx_nonpoly_scheme.pdb_mon_id 
_pdbx_nonpoly_scheme.auth_mon_id 
_pdbx_nonpoly_scheme.pdb_strand_id 
_pdbx_nonpoly_scheme.pdb_ins_code 
E 5 CAC 1 101 2 CAC AS B . 
F 5 CAC 1 101 1 CAC AS A . 
# 
_pdbx_struct_assembly.id                   1 
_pdbx_struct_assembly.details              author_defined_assembly 
_pdbx_struct_assembly.method_details       ? 
_pdbx_struct_assembly.oligomeric_details   tetrameric 
_pdbx_struct_assembly.oligomeric_count     4 
# 
_pdbx_struct_assembly_gen.assembly_id       1 
_pdbx_struct_assembly_gen.oper_expression   1 
_pdbx_struct_assembly_gen.asym_id_list      A,B,C,D,E,F 
# 
_pdbx_struct_oper_list.id                   1 
_pdbx_struct_oper_list.type                 'identity operation' 
_pdbx_struct_oper_list.name                 1_555 
_pdbx_struct_oper_list.symmetry_operation   x,y,z 
_pdbx_struct_oper_list.matrix[1][1]         1.0000000000 
_pdbx_struct_oper_list.matrix[1][2]         0.0000000000 
_pdbx_struct_oper_list.matrix[1][3]         0.0000000000 
_pdbx_struct_oper_list.vector[1]            0.0000000000 
_pdbx_struct_oper_list.matrix[2][1]         0.0000000000 
_pdbx_struct_oper_list.matrix[2][2]         1.0000000000 
_pdbx_struct_oper_list.matrix[2][3]         0.0000000000 
_pdbx_struct_oper_list.vector[2]            0.0000000000 
_pdbx_struct_oper_list.matrix[3][1]         0.0000000000 
_pdbx_struct_oper_list.matrix[3][2]         0.0000000000 
_pdbx_struct_oper_list.matrix[3][3]         1.0000000000 
_pdbx_struct_oper_list.vector[3]            0.0000000000 
# 
loop_
_pdbx_audit_revision_history.ordinal 
_pdbx_audit_revision_history.data_content_type 
_pdbx_audit_revision_history.major_revision 
_pdbx_audit_revision_history.minor_revision 
_pdbx_audit_revision_history.revision_date 
1 'Structure model' 1 0 2021-07-14 
2 'Structure model' 1 1 2022-07-06 
3 'Structure model' 1 2 2023-10-18 
# 
_pdbx_audit_revision_details.ordinal             1 
_pdbx_audit_revision_details.revision_ordinal    1 
_pdbx_audit_revision_details.data_content_type   'Structure model' 
_pdbx_audit_revision_details.provider            repository 
_pdbx_audit_revision_details.type                'Initial release' 
_pdbx_audit_revision_details.description         ? 
_pdbx_audit_revision_details.details             ? 
# 
loop_
_pdbx_audit_revision_group.ordinal 
_pdbx_audit_revision_group.revision_ordinal 
_pdbx_audit_revision_group.data_content_type 
_pdbx_audit_revision_group.group 
1 2 'Structure model' 'Database references'    
2 3 'Structure model' 'Data collection'        
3 3 'Structure model' 'Refinement description' 
# 
loop_
_pdbx_audit_revision_category.ordinal 
_pdbx_audit_revision_category.revision_ordinal 
_pdbx_audit_revision_category.data_content_type 
_pdbx_audit_revision_category.category 
1 2 'Structure model' citation                      
2 2 'Structure model' citation_author               
3 2 'Structure model' database_2                    
4 3 'Structure model' chem_comp_atom                
5 3 'Structure model' chem_comp_bond                
6 3 'Structure model' pdbx_initial_refinement_model 
# 
loop_
_pdbx_audit_revision_item.ordinal 
_pdbx_audit_revision_item.revision_ordinal 
_pdbx_audit_revision_item.data_content_type 
_pdbx_audit_revision_item.item 
1  2 'Structure model' '_citation.country'                   
2  2 'Structure model' '_citation.journal_abbrev'            
3  2 'Structure model' '_citation.journal_id_CSD'            
4  2 'Structure model' '_citation.journal_id_ISSN'           
5  2 'Structure model' '_citation.journal_volume'            
6  2 'Structure model' '_citation.page_first'                
7  2 'Structure model' '_citation.page_last'                 
8  2 'Structure model' '_citation.pdbx_database_id_DOI'      
9  2 'Structure model' '_citation.pdbx_database_id_PubMed'   
10 2 'Structure model' '_citation.title'                     
11 2 'Structure model' '_citation.year'                      
12 2 'Structure model' '_database_2.pdbx_DOI'                
13 2 'Structure model' '_database_2.pdbx_database_accession' 
# 
loop_
_software.citation_id 
_software.classification 
_software.compiler_name 
_software.compiler_version 
_software.contact_author 
_software.contact_author_email 
_software.date 
_software.description 
_software.dependencies 
_software.hardware 
_software.language 
_software.location 
_software.mods 
_software.name 
_software.os 
_software.os_version 
_software.type 
_software.version 
_software.pdbx_ordinal 
? refinement        ? ? ? ? ? ? ? ? ? ? ? PHENIX      ? ? ? 1.11.1_2575 1 
? 'data reduction'  ? ? ? ? ? ? ? ? ? ? ? HKL-2000    ? ? ? .           2 
? 'data scaling'    ? ? ? ? ? ? ? ? ? ? ? HKL-2000    ? ? ? .           3 
? 'data extraction' ? ? ? ? ? ? ? ? ? ? ? PDB_EXTRACT ? ? ? 3.25        4 
? phasing           ? ? ? ? ? ? ? ? ? ? ? PHASER      ? ? ? .           5 
# 
_pdbx_entry_details.entry_id                 7JLD 
_pdbx_entry_details.nonpolymer_details       ? 
_pdbx_entry_details.sequence_details         ? 
_pdbx_entry_details.compound_details         ? 
_pdbx_entry_details.source_details           ? 
_pdbx_entry_details.has_ligand_of_interest   N 
# 
loop_
_pdbx_validate_symm_contact.id 
_pdbx_validate_symm_contact.PDB_model_num 
_pdbx_validate_symm_contact.auth_atom_id_1 
_pdbx_validate_symm_contact.auth_asym_id_1 
_pdbx_validate_symm_contact.auth_comp_id_1 
_pdbx_validate_symm_contact.auth_seq_id_1 
_pdbx_validate_symm_contact.PDB_ins_code_1 
_pdbx_validate_symm_contact.label_alt_id_1 
_pdbx_validate_symm_contact.site_symmetry_1 
_pdbx_validate_symm_contact.auth_atom_id_2 
_pdbx_validate_symm_contact.auth_asym_id_2 
_pdbx_validate_symm_contact.auth_comp_id_2 
_pdbx_validate_symm_contact.auth_seq_id_2 
_pdbx_validate_symm_contact.PDB_ins_code_2 
_pdbx_validate_symm_contact.label_alt_id_2 
_pdbx_validate_symm_contact.site_symmetry_2 
_pdbx_validate_symm_contact.dist 
1 1 "O5'" A DC 1  ? ? 1_555 "O3'" A DA 6  ? ? 6_555 1.80 
2 1 "O3'" C DG 35 ? ? 1_555 OP1   D DG 36 ? ? 6_555 2.10 
# 
loop_
_pdbx_unobs_or_zero_occ_atoms.id 
_pdbx_unobs_or_zero_occ_atoms.PDB_model_num 
_pdbx_unobs_or_zero_occ_atoms.polymer_flag 
_pdbx_unobs_or_zero_occ_atoms.occupancy_flag 
_pdbx_unobs_or_zero_occ_atoms.auth_asym_id 
_pdbx_unobs_or_zero_occ_atoms.auth_comp_id 
_pdbx_unobs_or_zero_occ_atoms.auth_seq_id 
_pdbx_unobs_or_zero_occ_atoms.PDB_ins_code 
_pdbx_unobs_or_zero_occ_atoms.auth_atom_id 
_pdbx_unobs_or_zero_occ_atoms.label_alt_id 
_pdbx_unobs_or_zero_occ_atoms.label_asym_id 
_pdbx_unobs_or_zero_occ_atoms.label_comp_id 
_pdbx_unobs_or_zero_occ_atoms.label_seq_id 
_pdbx_unobs_or_zero_occ_atoms.label_atom_id 
1 1 N 1 B CAC 101 ? O1 ? E CAC 1 O1 
2 1 N 1 B CAC 101 ? O2 ? E CAC 1 O2 
3 1 N 1 B CAC 101 ? C1 ? E CAC 1 C1 
4 1 N 1 B CAC 101 ? C2 ? E CAC 1 C2 
5 1 N 1 A CAC 101 ? O1 ? F CAC 1 O1 
6 1 N 1 A CAC 101 ? O2 ? F CAC 1 O2 
7 1 N 1 A CAC 101 ? C1 ? F CAC 1 C1 
8 1 N 1 A CAC 101 ? C2 ? F CAC 1 C2 
# 
loop_
_chem_comp_atom.comp_id 
_chem_comp_atom.atom_id 
_chem_comp_atom.type_symbol 
_chem_comp_atom.pdbx_aromatic_flag 
_chem_comp_atom.pdbx_stereo_config 
_chem_comp_atom.pdbx_ordinal 
CAC AS     AS N N 1   
CAC O1     O  N N 2   
CAC O2     O  N N 3   
CAC C1     C  N N 4   
CAC C2     C  N N 5   
CAC H11    H  N N 6   
CAC H12    H  N N 7   
CAC H13    H  N N 8   
CAC H21    H  N N 9   
CAC H22    H  N N 10  
CAC H23    H  N N 11  
DA  OP3    O  N N 12  
DA  P      P  N N 13  
DA  OP1    O  N N 14  
DA  OP2    O  N N 15  
DA  "O5'"  O  N N 16  
DA  "C5'"  C  N N 17  
DA  "C4'"  C  N R 18  
DA  "O4'"  O  N N 19  
DA  "C3'"  C  N S 20  
DA  "O3'"  O  N N 21  
DA  "C2'"  C  N N 22  
DA  "C1'"  C  N R 23  
DA  N9     N  Y N 24  
DA  C8     C  Y N 25  
DA  N7     N  Y N 26  
DA  C5     C  Y N 27  
DA  C6     C  Y N 28  
DA  N6     N  N N 29  
DA  N1     N  Y N 30  
DA  C2     C  Y N 31  
DA  N3     N  Y N 32  
DA  C4     C  Y N 33  
DA  HOP3   H  N N 34  
DA  HOP2   H  N N 35  
DA  "H5'"  H  N N 36  
DA  "H5''" H  N N 37  
DA  "H4'"  H  N N 38  
DA  "H3'"  H  N N 39  
DA  "HO3'" H  N N 40  
DA  "H2'"  H  N N 41  
DA  "H2''" H  N N 42  
DA  "H1'"  H  N N 43  
DA  H8     H  N N 44  
DA  H61    H  N N 45  
DA  H62    H  N N 46  
DA  H2     H  N N 47  
DC  OP3    O  N N 48  
DC  P      P  N N 49  
DC  OP1    O  N N 50  
DC  OP2    O  N N 51  
DC  "O5'"  O  N N 52  
DC  "C5'"  C  N N 53  
DC  "C4'"  C  N R 54  
DC  "O4'"  O  N N 55  
DC  "C3'"  C  N S 56  
DC  "O3'"  O  N N 57  
DC  "C2'"  C  N N 58  
DC  "C1'"  C  N R 59  
DC  N1     N  N N 60  
DC  C2     C  N N 61  
DC  O2     O  N N 62  
DC  N3     N  N N 63  
DC  C4     C  N N 64  
DC  N4     N  N N 65  
DC  C5     C  N N 66  
DC  C6     C  N N 67  
DC  HOP3   H  N N 68  
DC  HOP2   H  N N 69  
DC  "H5'"  H  N N 70  
DC  "H5''" H  N N 71  
DC  "H4'"  H  N N 72  
DC  "H3'"  H  N N 73  
DC  "HO3'" H  N N 74  
DC  "H2'"  H  N N 75  
DC  "H2''" H  N N 76  
DC  "H1'"  H  N N 77  
DC  H41    H  N N 78  
DC  H42    H  N N 79  
DC  H5     H  N N 80  
DC  H6     H  N N 81  
DG  OP3    O  N N 82  
DG  P      P  N N 83  
DG  OP1    O  N N 84  
DG  OP2    O  N N 85  
DG  "O5'"  O  N N 86  
DG  "C5'"  C  N N 87  
DG  "C4'"  C  N R 88  
DG  "O4'"  O  N N 89  
DG  "C3'"  C  N S 90  
DG  "O3'"  O  N N 91  
DG  "C2'"  C  N N 92  
DG  "C1'"  C  N R 93  
DG  N9     N  Y N 94  
DG  C8     C  Y N 95  
DG  N7     N  Y N 96  
DG  C5     C  Y N 97  
DG  C6     C  N N 98  
DG  O6     O  N N 99  
DG  N1     N  N N 100 
DG  C2     C  N N 101 
DG  N2     N  N N 102 
DG  N3     N  N N 103 
DG  C4     C  Y N 104 
DG  HOP3   H  N N 105 
DG  HOP2   H  N N 106 
DG  "H5'"  H  N N 107 
DG  "H5''" H  N N 108 
DG  "H4'"  H  N N 109 
DG  "H3'"  H  N N 110 
DG  "HO3'" H  N N 111 
DG  "H2'"  H  N N 112 
DG  "H2''" H  N N 113 
DG  "H1'"  H  N N 114 
DG  H8     H  N N 115 
DG  H1     H  N N 116 
DG  H21    H  N N 117 
DG  H22    H  N N 118 
DT  OP3    O  N N 119 
DT  P      P  N N 120 
DT  OP1    O  N N 121 
DT  OP2    O  N N 122 
DT  "O5'"  O  N N 123 
DT  "C5'"  C  N N 124 
DT  "C4'"  C  N R 125 
DT  "O4'"  O  N N 126 
DT  "C3'"  C  N S 127 
DT  "O3'"  O  N N 128 
DT  "C2'"  C  N N 129 
DT  "C1'"  C  N R 130 
DT  N1     N  N N 131 
DT  C2     C  N N 132 
DT  O2     O  N N 133 
DT  N3     N  N N 134 
DT  C4     C  N N 135 
DT  O4     O  N N 136 
DT  C5     C  N N 137 
DT  C7     C  N N 138 
DT  C6     C  N N 139 
DT  HOP3   H  N N 140 
DT  HOP2   H  N N 141 
DT  "H5'"  H  N N 142 
DT  "H5''" H  N N 143 
DT  "H4'"  H  N N 144 
DT  "H3'"  H  N N 145 
DT  "HO3'" H  N N 146 
DT  "H2'"  H  N N 147 
DT  "H2''" H  N N 148 
DT  "H1'"  H  N N 149 
DT  H3     H  N N 150 
DT  H71    H  N N 151 
DT  H72    H  N N 152 
DT  H73    H  N N 153 
DT  H6     H  N N 154 
# 
loop_
_chem_comp_bond.comp_id 
_chem_comp_bond.atom_id_1 
_chem_comp_bond.atom_id_2 
_chem_comp_bond.value_order 
_chem_comp_bond.pdbx_aromatic_flag 
_chem_comp_bond.pdbx_stereo_config 
_chem_comp_bond.pdbx_ordinal 
CAC AS    O1     doub N N 1   
CAC AS    O2     sing N N 2   
CAC AS    C1     sing N N 3   
CAC AS    C2     sing N N 4   
CAC C1    H11    sing N N 5   
CAC C1    H12    sing N N 6   
CAC C1    H13    sing N N 7   
CAC C2    H21    sing N N 8   
CAC C2    H22    sing N N 9   
CAC C2    H23    sing N N 10  
DA  OP3   P      sing N N 11  
DA  OP3   HOP3   sing N N 12  
DA  P     OP1    doub N N 13  
DA  P     OP2    sing N N 14  
DA  P     "O5'"  sing N N 15  
DA  OP2   HOP2   sing N N 16  
DA  "O5'" "C5'"  sing N N 17  
DA  "C5'" "C4'"  sing N N 18  
DA  "C5'" "H5'"  sing N N 19  
DA  "C5'" "H5''" sing N N 20  
DA  "C4'" "O4'"  sing N N 21  
DA  "C4'" "C3'"  sing N N 22  
DA  "C4'" "H4'"  sing N N 23  
DA  "O4'" "C1'"  sing N N 24  
DA  "C3'" "O3'"  sing N N 25  
DA  "C3'" "C2'"  sing N N 26  
DA  "C3'" "H3'"  sing N N 27  
DA  "O3'" "HO3'" sing N N 28  
DA  "C2'" "C1'"  sing N N 29  
DA  "C2'" "H2'"  sing N N 30  
DA  "C2'" "H2''" sing N N 31  
DA  "C1'" N9     sing N N 32  
DA  "C1'" "H1'"  sing N N 33  
DA  N9    C8     sing Y N 34  
DA  N9    C4     sing Y N 35  
DA  C8    N7     doub Y N 36  
DA  C8    H8     sing N N 37  
DA  N7    C5     sing Y N 38  
DA  C5    C6     sing Y N 39  
DA  C5    C4     doub Y N 40  
DA  C6    N6     sing N N 41  
DA  C6    N1     doub Y N 42  
DA  N6    H61    sing N N 43  
DA  N6    H62    sing N N 44  
DA  N1    C2     sing Y N 45  
DA  C2    N3     doub Y N 46  
DA  C2    H2     sing N N 47  
DA  N3    C4     sing Y N 48  
DC  OP3   P      sing N N 49  
DC  OP3   HOP3   sing N N 50  
DC  P     OP1    doub N N 51  
DC  P     OP2    sing N N 52  
DC  P     "O5'"  sing N N 53  
DC  OP2   HOP2   sing N N 54  
DC  "O5'" "C5'"  sing N N 55  
DC  "C5'" "C4'"  sing N N 56  
DC  "C5'" "H5'"  sing N N 57  
DC  "C5'" "H5''" sing N N 58  
DC  "C4'" "O4'"  sing N N 59  
DC  "C4'" "C3'"  sing N N 60  
DC  "C4'" "H4'"  sing N N 61  
DC  "O4'" "C1'"  sing N N 62  
DC  "C3'" "O3'"  sing N N 63  
DC  "C3'" "C2'"  sing N N 64  
DC  "C3'" "H3'"  sing N N 65  
DC  "O3'" "HO3'" sing N N 66  
DC  "C2'" "C1'"  sing N N 67  
DC  "C2'" "H2'"  sing N N 68  
DC  "C2'" "H2''" sing N N 69  
DC  "C1'" N1     sing N N 70  
DC  "C1'" "H1'"  sing N N 71  
DC  N1    C2     sing N N 72  
DC  N1    C6     sing N N 73  
DC  C2    O2     doub N N 74  
DC  C2    N3     sing N N 75  
DC  N3    C4     doub N N 76  
DC  C4    N4     sing N N 77  
DC  C4    C5     sing N N 78  
DC  N4    H41    sing N N 79  
DC  N4    H42    sing N N 80  
DC  C5    C6     doub N N 81  
DC  C5    H5     sing N N 82  
DC  C6    H6     sing N N 83  
DG  OP3   P      sing N N 84  
DG  OP3   HOP3   sing N N 85  
DG  P     OP1    doub N N 86  
DG  P     OP2    sing N N 87  
DG  P     "O5'"  sing N N 88  
DG  OP2   HOP2   sing N N 89  
DG  "O5'" "C5'"  sing N N 90  
DG  "C5'" "C4'"  sing N N 91  
DG  "C5'" "H5'"  sing N N 92  
DG  "C5'" "H5''" sing N N 93  
DG  "C4'" "O4'"  sing N N 94  
DG  "C4'" "C3'"  sing N N 95  
DG  "C4'" "H4'"  sing N N 96  
DG  "O4'" "C1'"  sing N N 97  
DG  "C3'" "O3'"  sing N N 98  
DG  "C3'" "C2'"  sing N N 99  
DG  "C3'" "H3'"  sing N N 100 
DG  "O3'" "HO3'" sing N N 101 
DG  "C2'" "C1'"  sing N N 102 
DG  "C2'" "H2'"  sing N N 103 
DG  "C2'" "H2''" sing N N 104 
DG  "C1'" N9     sing N N 105 
DG  "C1'" "H1'"  sing N N 106 
DG  N9    C8     sing Y N 107 
DG  N9    C4     sing Y N 108 
DG  C8    N7     doub Y N 109 
DG  C8    H8     sing N N 110 
DG  N7    C5     sing Y N 111 
DG  C5    C6     sing N N 112 
DG  C5    C4     doub Y N 113 
DG  C6    O6     doub N N 114 
DG  C6    N1     sing N N 115 
DG  N1    C2     sing N N 116 
DG  N1    H1     sing N N 117 
DG  C2    N2     sing N N 118 
DG  C2    N3     doub N N 119 
DG  N2    H21    sing N N 120 
DG  N2    H22    sing N N 121 
DG  N3    C4     sing N N 122 
DT  OP3   P      sing N N 123 
DT  OP3   HOP3   sing N N 124 
DT  P     OP1    doub N N 125 
DT  P     OP2    sing N N 126 
DT  P     "O5'"  sing N N 127 
DT  OP2   HOP2   sing N N 128 
DT  "O5'" "C5'"  sing N N 129 
DT  "C5'" "C4'"  sing N N 130 
DT  "C5'" "H5'"  sing N N 131 
DT  "C5'" "H5''" sing N N 132 
DT  "C4'" "O4'"  sing N N 133 
DT  "C4'" "C3'"  sing N N 134 
DT  "C4'" "H4'"  sing N N 135 
DT  "O4'" "C1'"  sing N N 136 
DT  "C3'" "O3'"  sing N N 137 
DT  "C3'" "C2'"  sing N N 138 
DT  "C3'" "H3'"  sing N N 139 
DT  "O3'" "HO3'" sing N N 140 
DT  "C2'" "C1'"  sing N N 141 
DT  "C2'" "H2'"  sing N N 142 
DT  "C2'" "H2''" sing N N 143 
DT  "C1'" N1     sing N N 144 
DT  "C1'" "H1'"  sing N N 145 
DT  N1    C2     sing N N 146 
DT  N1    C6     sing N N 147 
DT  C2    O2     doub N N 148 
DT  C2    N3     sing N N 149 
DT  N3    C4     sing N N 150 
DT  N3    H3     sing N N 151 
DT  C4    O4     doub N N 152 
DT  C4    C5     sing N N 153 
DT  C5    C7     sing N N 154 
DT  C5    C6     doub N N 155 
DT  C7    H71    sing N N 156 
DT  C7    H72    sing N N 157 
DT  C7    H73    sing N N 158 
DT  C6    H6     sing N N 159 
# 
loop_
_ndb_struct_conf_na.entry_id 
_ndb_struct_conf_na.feature 
7JLD 'double helix'        
7JLD 'a-form double helix' 
7JLD 'b-form double helix' 
# 
loop_
_ndb_struct_na_base_pair.model_number 
_ndb_struct_na_base_pair.i_label_asym_id 
_ndb_struct_na_base_pair.i_label_comp_id 
_ndb_struct_na_base_pair.i_label_seq_id 
_ndb_struct_na_base_pair.i_symmetry 
_ndb_struct_na_base_pair.j_label_asym_id 
_ndb_struct_na_base_pair.j_label_comp_id 
_ndb_struct_na_base_pair.j_label_seq_id 
_ndb_struct_na_base_pair.j_symmetry 
_ndb_struct_na_base_pair.shear 
_ndb_struct_na_base_pair.stretch 
_ndb_struct_na_base_pair.stagger 
_ndb_struct_na_base_pair.buckle 
_ndb_struct_na_base_pair.propeller 
_ndb_struct_na_base_pair.opening 
_ndb_struct_na_base_pair.pair_number 
_ndb_struct_na_base_pair.pair_name 
_ndb_struct_na_base_pair.i_auth_asym_id 
_ndb_struct_na_base_pair.i_auth_seq_id 
_ndb_struct_na_base_pair.i_PDB_ins_code 
_ndb_struct_na_base_pair.j_auth_asym_id 
_ndb_struct_na_base_pair.j_auth_seq_id 
_ndb_struct_na_base_pair.j_PDB_ins_code 
_ndb_struct_na_base_pair.hbond_type_28 
_ndb_struct_na_base_pair.hbond_type_12 
1 A DA 3  1_555 C DT 7 1_555 0.085  0.172  1.115  17.345 -18.365 6.046   1  B_DA9:DT42_D  B 9  ? D 42 ? 20 1 
1 A DC 4  1_555 C DG 6 1_555 -1.153 0.347  0.283  11.710 -20.519 7.141   2  B_DC10:DG41_D B 10 ? D 41 ? 19 1 
1 A DG 5  1_555 C DC 5 1_555 1.713  0.447  0.133  -1.812 -21.710 0.537   3  B_DG11:DC40_D B 11 ? D 40 ? ?  1 
1 A DA 6  1_555 C DT 4 1_555 0.809  0.229  -0.493 -2.287 -18.603 -20.879 4  B_DA12:DT39_D B 12 ? D 39 ? 20 1 
1 A DC 7  1_555 C DG 3 1_555 -0.847 0.101  -0.220 2.771  -8.022  -1.182  5  B_DC13:DG38_D B 13 ? D 38 ? 19 1 
1 A DA 8  1_555 C DT 2 1_555 0.174  -0.096 0.278  -9.198 -9.392  -14.694 6  B_DA14:DT37_D B 14 ? D 37 ? 20 1 
1 A DC 9  1_555 C DG 1 1_555 -0.052 -0.396 0.444  -9.168 -8.250  -6.936  7  B_DC15:DG36_D B 15 ? D 36 ? 19 1 
1 A DT 10 1_555 D DA 6 1_555 -2.170 0.013  0.780  -9.877 -12.691 3.648   8  B_DT16:DA6_A  B 16 ? A 6  ? ?  1 
1 A DG 11 1_555 D DC 5 1_555 0.184  0.084  0.312  4.412  -3.849  7.844   9  B_DG17:DC5_A  B 17 ? A 5  ? 19 1 
1 A DA 12 1_555 D DT 4 1_555 1.374  0.101  0.623  5.097  -3.907  -9.958  10 B_DA18:DT4_A  B 18 ? A 4  ? 20 1 
1 A DC 13 1_555 D DG 3 1_555 -0.440 0.049  0.289  1.360  -8.886  -8.070  11 B_DC19:DG3_A  B 19 ? A 3  ? 19 1 
1 A DG 14 1_555 D DC 2 1_555 0.144  -0.175 0.480  2.327  -15.599 -3.266  12 B_DG20:DC2_A  B 20 ? A 2  ? 19 1 
1 A DG 15 1_555 D DC 1 1_555 0.422  -0.137 0.237  -4.298 -9.905  -9.230  13 B_DG21:DC1_A  B 21 ? A 1  ? 19 1 
1 A DC 16 1_555 B DG 8 1_555 -0.863 0.117  0.369  -1.806 -6.842  -1.514  14 B_DC22:DG35_C B 22 ? C 35 ? 19 1 
1 A DG 17 1_555 B DC 7 1_555 1.107  0.216  0.709  7.389  -8.393  -6.006  15 B_DG23:DC34_C B 23 ? C 34 ? 19 1 
1 A DA 18 1_555 B DT 6 1_555 1.276  0.001  0.389  1.713  -2.671  1.758   16 B_DA24:DT33_C B 24 ? C 33 ? 20 1 
1 A DC 19 1_555 B DG 5 1_555 -0.414 -0.029 0.117  0.682  3.144   2.429   17 B_DC25:DG32_C B 25 ? C 32 ? 19 1 
1 A DT 20 1_555 B DA 4 1_555 -1.287 0.021  -0.307 9.736  -3.523  -9.023  18 B_DT26:DA31_C B 26 ? C 31 ? 20 1 
1 A DC 21 1_555 B DG 3 1_555 -0.803 0.567  0.415  6.090  -11.865 14.017  19 B_DC27:DG30_C B 27 ? C 30 ? ?  1 
# 
loop_
_ndb_struct_na_base_pair_step.model_number 
_ndb_struct_na_base_pair_step.i_label_asym_id_1 
_ndb_struct_na_base_pair_step.i_label_comp_id_1 
_ndb_struct_na_base_pair_step.i_label_seq_id_1 
_ndb_struct_na_base_pair_step.i_symmetry_1 
_ndb_struct_na_base_pair_step.j_label_asym_id_1 
_ndb_struct_na_base_pair_step.j_label_comp_id_1 
_ndb_struct_na_base_pair_step.j_label_seq_id_1 
_ndb_struct_na_base_pair_step.j_symmetry_1 
_ndb_struct_na_base_pair_step.i_label_asym_id_2 
_ndb_struct_na_base_pair_step.i_label_comp_id_2 
_ndb_struct_na_base_pair_step.i_label_seq_id_2 
_ndb_struct_na_base_pair_step.i_symmetry_2 
_ndb_struct_na_base_pair_step.j_label_asym_id_2 
_ndb_struct_na_base_pair_step.j_label_comp_id_2 
_ndb_struct_na_base_pair_step.j_label_seq_id_2 
_ndb_struct_na_base_pair_step.j_symmetry_2 
_ndb_struct_na_base_pair_step.shift 
_ndb_struct_na_base_pair_step.slide 
_ndb_struct_na_base_pair_step.rise 
_ndb_struct_na_base_pair_step.tilt 
_ndb_struct_na_base_pair_step.roll 
_ndb_struct_na_base_pair_step.twist 
_ndb_struct_na_base_pair_step.x_displacement 
_ndb_struct_na_base_pair_step.y_displacement 
_ndb_struct_na_base_pair_step.helical_rise 
_ndb_struct_na_base_pair_step.inclination 
_ndb_struct_na_base_pair_step.tip 
_ndb_struct_na_base_pair_step.helical_twist 
_ndb_struct_na_base_pair_step.step_number 
_ndb_struct_na_base_pair_step.step_name 
_ndb_struct_na_base_pair_step.i_auth_asym_id_1 
_ndb_struct_na_base_pair_step.i_auth_seq_id_1 
_ndb_struct_na_base_pair_step.i_PDB_ins_code_1 
_ndb_struct_na_base_pair_step.j_auth_asym_id_1 
_ndb_struct_na_base_pair_step.j_auth_seq_id_1 
_ndb_struct_na_base_pair_step.j_PDB_ins_code_1 
_ndb_struct_na_base_pair_step.i_auth_asym_id_2 
_ndb_struct_na_base_pair_step.i_auth_seq_id_2 
_ndb_struct_na_base_pair_step.i_PDB_ins_code_2 
_ndb_struct_na_base_pair_step.j_auth_asym_id_2 
_ndb_struct_na_base_pair_step.j_auth_seq_id_2 
_ndb_struct_na_base_pair_step.j_PDB_ins_code_2 
1 A DA 3  1_555 C DT 7 1_555 A DC 4  1_555 C DG 6 1_555 -0.310 -0.792 3.363 1.977  0.995  29.163 -1.790 1.051  3.307 1.973  -3.919 
29.245 1  BB_DA9DC10:DG41DT42_DD  B 9  ? D 42 ? B 10 ? D 41 ? 
1 A DC 4  1_555 C DG 6 1_555 A DG 5  1_555 C DC 5 1_555 -0.702 0.232  4.118 -1.628 -1.303 43.245 0.475  0.751  4.132 -1.766 2.207  
43.293 2  BB_DC10DG11:DC40DG41_DD B 10 ? D 41 ? B 11 ? D 40 ? 
1 A DG 5  1_555 C DC 5 1_555 A DA 6  1_555 C DT 4 1_555 -1.027 0.058  3.306 -1.547 6.514  34.568 -0.894 1.463  3.303 10.837 2.573  
35.191 3  BB_DG11DA12:DT39DC40_DD B 11 ? D 40 ? B 12 ? D 39 ? 
1 A DA 6  1_555 C DT 4 1_555 A DC 7  1_555 C DG 3 1_555 0.878  -1.292 3.020 -0.875 -3.265 23.209 -2.135 -2.439 3.134 -8.059 2.159  
23.451 4  BB_DA12DC13:DG38DT39_DD B 12 ? D 39 ? B 13 ? D 38 ? 
1 A DC 7  1_555 C DG 3 1_555 A DA 8  1_555 C DT 2 1_555 -0.388 -1.454 3.514 -2.504 -2.344 40.475 -1.811 0.256  3.606 -3.381 3.612  
40.614 5  BB_DC13DA14:DT37DG38_DD B 13 ? D 38 ? B 14 ? D 37 ? 
1 A DA 8  1_555 C DT 2 1_555 A DC 9  1_555 C DG 1 1_555 0.544  -0.648 3.391 -5.731 -0.141 38.408 -0.957 -1.535 3.282 -0.213 8.653  
38.818 6  BB_DA14DC15:DG36DT37_DD B 14 ? D 37 ? B 15 ? D 36 ? 
1 A DC 9  1_555 C DG 1 1_555 A DT 10 1_555 D DA 6 1_555 -0.831 -2.079 2.990 -1.784 -1.083 17.034 -6.317 1.713  3.184 -3.639 5.993  
17.161 7  BB_DC15DT16:DA6DG36_AD  B 15 ? D 36 ? B 16 ? A 6  ? 
1 A DT 10 1_555 D DA 6 1_555 A DG 11 1_555 D DC 5 1_555 0.344  0.993  3.188 -0.390 7.657  44.779 0.610  -0.480 3.303 9.964  0.508  
45.398 8  BB_DT16DG17:DC5DA6_AA   B 16 ? A 6  ? B 17 ? A 5  ? 
1 A DG 11 1_555 D DC 5 1_555 A DA 12 1_555 D DT 4 1_555 -1.734 0.348  3.161 -4.511 6.554  42.082 -0.179 1.925  3.337 9.030  6.215  
42.794 9  BB_DG17DA18:DT4DC5_AA   B 17 ? A 5  ? B 18 ? A 4  ? 
1 A DA 12 1_555 D DT 4 1_555 A DC 13 1_555 D DG 3 1_555 0.360  -1.491 3.315 0.723  0.597  23.994 -3.778 -0.631 3.287 1.435  -1.737 
24.012 10 BB_DA18DC19:DG3DT4_AA   B 18 ? A 4  ? B 19 ? A 3  ? 
1 A DC 13 1_555 D DG 3 1_555 A DG 14 1_555 D DC 2 1_555 -0.014 -0.576 3.564 -2.238 1.601  31.333 -1.387 -0.428 3.523 2.958  4.134  
31.451 11 BB_DC19DG20:DC2DG3_AA   B 19 ? A 3  ? B 20 ? A 2  ? 
1 A DG 14 1_555 D DC 2 1_555 A DG 15 1_555 D DC 1 1_555 0.411  -0.803 3.433 -1.569 -0.324 40.740 -1.116 -0.771 3.421 -0.465 2.253  
40.771 12 BB_DG20DG21:DC1DC2_AA   B 20 ? A 2  ? B 21 ? A 1  ? 
1 A DG 15 1_555 D DC 1 1_555 A DC 16 1_555 B DG 8 1_555 -0.532 -1.892 2.978 -2.409 3.893  19.837 -6.870 0.568  2.607 11.110 6.874  
20.354 13 BB_DG21DC22:DG35DC1_CA  B 21 ? A 1  ? B 22 ? C 35 ? 
1 A DC 16 1_555 B DG 8 1_555 A DG 17 1_555 B DC 7 1_555 -0.420 0.395  3.201 -1.798 5.080  47.497 0.088  0.378  3.237 6.283  2.223  
47.784 14 BB_DC22DG23:DC34DG35_CC B 22 ? C 35 ? B 23 ? C 34 ? 
1 A DG 17 1_555 B DC 7 1_555 A DA 18 1_555 B DT 6 1_555 -0.183 -0.533 3.318 1.702  5.422  35.787 -1.620 0.534  3.194 8.754  -2.748 
36.221 15 BB_DG23DA24:DT33DC34_CC B 23 ? C 34 ? B 24 ? C 33 ? 
1 A DA 18 1_555 B DT 6 1_555 A DC 19 1_555 B DG 5 1_555 0.641  -1.341 3.309 1.108  -1.655 24.116 -2.658 -1.166 3.418 -3.953 -2.647 
24.197 16 BB_DA24DC25:DG32DT33_CC B 24 ? C 33 ? B 25 ? C 32 ? 
1 A DC 19 1_555 B DG 5 1_555 A DT 20 1_555 B DA 4 1_555 -0.528 -0.940 2.928 5.025  2.347  30.225 -2.175 1.857  2.727 4.454  -9.536 
30.718 17 BB_DC25DT26:DA31DG32_CC B 25 ? C 32 ? B 26 ? C 31 ? 
1 A DT 20 1_555 B DA 4 1_555 A DC 21 1_555 B DG 3 1_555 1.455  0.054  3.706 3.169  1.574  31.948 -0.228 -1.973 3.827 2.849  -5.735 
32.139 18 BB_DT26DC27:DG30DA31_CC B 26 ? C 31 ? B 27 ? C 30 ? 
# 
loop_
_pdbx_audit_support.funding_organization 
_pdbx_audit_support.country 
_pdbx_audit_support.grant_number 
_pdbx_audit_support.ordinal 
'National Science Foundation (NSF, United States)'                                         'United States' 1360635     1 
'National Institutes of Health/National Institute of General Medical Sciences (NIH/NIGMS)' 'United States' R01GM104960 2 
'National Science Foundation (NSF, United States)'                                         'United States' NSF2004250  3 
# 
_pdbx_entity_nonpoly.entity_id   5 
_pdbx_entity_nonpoly.name        'CACODYLATE ION' 
_pdbx_entity_nonpoly.comp_id     CAC 
# 
_pdbx_initial_refinement_model.id               1 
_pdbx_initial_refinement_model.entity_id_list   ? 
_pdbx_initial_refinement_model.type             'experimental model' 
_pdbx_initial_refinement_model.source_name      PDB 
_pdbx_initial_refinement_model.accession_code   5VY6 
_pdbx_initial_refinement_model.details          ? 
# 
_pdbx_struct_assembly_auth_evidence.id                     1 
_pdbx_struct_assembly_auth_evidence.assembly_id            1 
_pdbx_struct_assembly_auth_evidence.experimental_support   none 
_pdbx_struct_assembly_auth_evidence.details                ? 
# 
